data_2ZBL
#
_entry.id   2ZBL
#
_cell.length_a   88.229
_cell.length_b   89.807
_cell.length_c   94.730
_cell.angle_alpha   106.86
_cell.angle_beta   104.43
_cell.angle_gamma   110.31
#
_symmetry.space_group_name_H-M   'P 1'
#
loop_
_entity.id
_entity.type
_entity.pdbx_description
1 polymer 'Putative isomerase'
2 non-polymer beta-D-mannopyranose
3 water water
#
_entity_poly.entity_id   1
_entity_poly.type   'polypeptide(L)'
_entity_poly.pdbx_seq_one_letter_code
;MKWFNTLSHNRWLEQETDRIFNFGKNAVVPTGFGWLGNKGQIKEEMGTHLWITARMLHVYSVAASMGRPGAYDLVDHGIK
AMNGALRDKKYGGWYACVNDQGVVDASKQGYQHFFALLGAASAVTTGHPEARKLLDYTIEVIEKYFWSEEEQMCLESWDE
AFSQTEDYRGGNANMHAVEAFLIVYDVTHDKKWLDRALRIASVIIHDVARNGDYRVNEHFDSQWNPIRDYNKDNPAHRFR
AYGGTPGAWIEWGRLMLHLHAALEARFETPPAWLLEDAKGLFHATIRDAWAPDGADGFVYSVDWDGKPIVRERVRWPIVE
AMGTAYALYTLTDDSQYEEWYQKWWDYCIKYLMDYENGSWWQELDADNKVTTKVWDGKQDIYHLLHCLVIPRLPLAPGLA
PAVAAGLLDINAKLEHHHHHH
;
_entity_poly.pdbx_strand_id   A,B,C,D,E,F
#
loop_
_chem_comp.id
_chem_comp.type
_chem_comp.name
_chem_comp.formula
BMA D-saccharide, beta linking beta-D-mannopyranose 'C6 H12 O6'
#
# COMPACT_ATOMS: atom_id res chain seq x y z
N MET A 1 -8.90 -20.87 10.64
CA MET A 1 -8.56 -20.64 9.21
C MET A 1 -9.16 -19.31 8.75
N LYS A 2 -8.35 -18.47 8.11
CA LYS A 2 -8.80 -17.12 7.73
CA LYS A 2 -8.80 -17.12 7.73
C LYS A 2 -9.08 -17.02 6.23
N TRP A 3 -10.32 -16.65 5.88
CA TRP A 3 -10.70 -16.43 4.48
C TRP A 3 -11.20 -15.02 4.27
N PHE A 4 -12.11 -14.56 5.15
CA PHE A 4 -12.65 -13.21 5.01
C PHE A 4 -11.50 -12.22 4.94
N ASN A 5 -11.61 -11.28 4.02
CA ASN A 5 -10.65 -10.19 3.88
C ASN A 5 -9.23 -10.69 3.57
N THR A 6 -9.14 -11.79 2.83
CA THR A 6 -7.87 -12.25 2.30
C THR A 6 -7.92 -12.19 0.78
N LEU A 7 -6.85 -11.67 0.17
CA LEU A 7 -6.81 -11.61 -1.29
C LEU A 7 -6.85 -12.99 -1.96
N SER A 8 -6.26 -14.02 -1.34
CA SER A 8 -6.36 -15.37 -1.94
C SER A 8 -7.80 -15.86 -2.05
N HIS A 9 -8.58 -15.70 -0.98
CA HIS A 9 -9.97 -16.11 -1.03
C HIS A 9 -10.73 -15.21 -2.00
N ASN A 10 -10.49 -13.90 -1.92
CA ASN A 10 -11.22 -12.95 -2.78
C ASN A 10 -10.95 -13.14 -4.28
N ARG A 11 -9.73 -13.54 -4.63
CA ARG A 11 -9.43 -13.90 -6.03
C ARG A 11 -10.26 -15.12 -6.46
N TRP A 12 -10.35 -16.13 -5.59
CA TRP A 12 -11.16 -17.30 -5.91
C TRP A 12 -12.62 -16.83 -6.15
N LEU A 13 -13.10 -15.93 -5.29
CA LEU A 13 -14.45 -15.41 -5.42
C LEU A 13 -14.64 -14.68 -6.75
N GLU A 14 -13.70 -13.80 -7.12
CA GLU A 14 -13.82 -13.10 -8.39
C GLU A 14 -13.90 -14.05 -9.60
N GLN A 15 -13.04 -15.06 -9.60
CA GLN A 15 -12.97 -15.98 -10.73
C GLN A 15 -14.28 -16.75 -10.87
N GLU A 16 -14.87 -17.17 -9.74
CA GLU A 16 -16.19 -17.80 -9.78
C GLU A 16 -17.25 -16.78 -10.25
N THR A 17 -17.13 -15.54 -9.79
CA THR A 17 -18.04 -14.48 -10.24
C THR A 17 -18.05 -14.35 -11.78
N ASP A 18 -16.88 -14.34 -12.39
CA ASP A 18 -16.81 -14.27 -13.85
C ASP A 18 -17.50 -15.46 -14.51
N ARG A 19 -17.32 -16.65 -13.92
CA ARG A 19 -18.01 -17.83 -14.44
C ARG A 19 -19.55 -17.64 -14.41
N ILE A 20 -20.03 -17.02 -13.34
CA ILE A 20 -21.46 -16.76 -13.17
C ILE A 20 -21.98 -15.68 -14.15
N PHE A 21 -21.26 -14.55 -14.26
CA PHE A 21 -21.58 -13.54 -15.25
C PHE A 21 -21.68 -14.14 -16.65
N ASN A 22 -20.76 -15.05 -16.98
CA ASN A 22 -20.79 -15.72 -18.30
C ASN A 22 -22.07 -16.51 -18.55
N PHE A 23 -22.54 -17.22 -17.54
CA PHE A 23 -23.77 -18.01 -17.66
C PHE A 23 -24.98 -17.15 -17.98
N GLY A 24 -25.12 -16.00 -17.32
CA GLY A 24 -26.32 -15.19 -17.48
C GLY A 24 -26.46 -14.57 -18.87
N LYS A 25 -25.34 -14.45 -19.59
CA LYS A 25 -25.34 -13.75 -20.88
C LYS A 25 -26.25 -14.40 -21.91
N ASN A 26 -26.44 -15.71 -21.77
CA ASN A 26 -27.28 -16.46 -22.71
C ASN A 26 -28.77 -16.13 -22.55
N ALA A 27 -29.12 -15.39 -21.50
CA ALA A 27 -30.52 -15.10 -21.21
C ALA A 27 -31.09 -13.95 -22.05
N VAL A 28 -30.24 -13.26 -22.80
CA VAL A 28 -30.72 -12.11 -23.58
C VAL A 28 -31.76 -12.53 -24.61
N VAL A 29 -32.92 -11.87 -24.55
CA VAL A 29 -33.97 -12.02 -25.56
C VAL A 29 -34.46 -10.63 -25.96
N PRO A 30 -35.11 -10.50 -27.12
CA PRO A 30 -35.58 -9.18 -27.57
C PRO A 30 -36.37 -8.37 -26.51
N THR A 31 -37.17 -9.05 -25.68
CA THR A 31 -38.02 -8.34 -24.70
C THR A 31 -37.42 -8.21 -23.30
N GLY A 32 -36.19 -8.66 -23.10
CA GLY A 32 -35.57 -8.57 -21.78
C GLY A 32 -34.62 -9.73 -21.56
N PHE A 33 -34.85 -10.45 -20.47
CA PHE A 33 -34.05 -11.63 -20.16
C PHE A 33 -34.94 -12.84 -19.94
N GLY A 34 -34.63 -13.94 -20.63
CA GLY A 34 -35.44 -15.14 -20.51
C GLY A 34 -34.99 -16.02 -19.35
N TRP A 35 -35.54 -17.22 -19.31
CA TRP A 35 -35.42 -18.14 -18.19
C TRP A 35 -34.46 -19.26 -18.57
N LEU A 36 -33.28 -19.28 -17.95
CA LEU A 36 -32.25 -20.25 -18.30
C LEU A 36 -32.49 -21.61 -17.69
N GLY A 37 -32.23 -22.63 -18.49
CA GLY A 37 -32.32 -24.00 -18.03
C GLY A 37 -30.98 -24.53 -17.55
N ASN A 38 -30.94 -25.83 -17.26
CA ASN A 38 -29.77 -26.44 -16.64
C ASN A 38 -28.50 -26.39 -17.48
N LYS A 39 -28.65 -26.17 -18.79
CA LYS A 39 -27.52 -26.07 -19.73
C LYS A 39 -27.22 -24.63 -20.13
N GLY A 40 -27.93 -23.67 -19.53
CA GLY A 40 -27.79 -22.27 -19.89
C GLY A 40 -28.54 -21.91 -21.17
N GLN A 41 -29.46 -22.78 -21.56
CA GLN A 41 -30.34 -22.57 -22.71
C GLN A 41 -31.60 -21.80 -22.27
N ILE A 42 -32.16 -20.99 -23.17
CA ILE A 42 -33.42 -20.32 -22.86
C ILE A 42 -34.57 -21.31 -22.90
N LYS A 43 -35.37 -21.33 -21.83
CA LYS A 43 -36.64 -22.05 -21.80
C LYS A 43 -37.73 -21.12 -22.33
N GLU A 44 -37.97 -21.19 -23.64
CA GLU A 44 -38.84 -20.20 -24.31
C GLU A 44 -40.26 -20.17 -23.76
N GLU A 45 -40.75 -21.32 -23.29
CA GLU A 45 -42.12 -21.43 -22.77
C GLU A 45 -42.36 -20.64 -21.46
N MET A 46 -41.27 -20.20 -20.82
CA MET A 46 -41.37 -19.44 -19.58
C MET A 46 -41.53 -17.95 -19.85
N GLY A 47 -41.22 -17.53 -21.07
CA GLY A 47 -41.31 -16.12 -21.44
C GLY A 47 -40.31 -15.21 -20.74
N THR A 48 -40.63 -13.92 -20.75
CA THR A 48 -39.79 -12.89 -20.15
C THR A 48 -40.45 -12.34 -18.89
N HIS A 49 -39.87 -12.70 -17.75
CA HIS A 49 -40.41 -12.29 -16.46
C HIS A 49 -39.84 -10.95 -16.03
N LEU A 50 -40.69 -10.13 -15.43
CA LEU A 50 -40.25 -8.85 -14.90
C LEU A 50 -39.14 -9.04 -13.85
N TRP A 51 -39.35 -9.95 -12.91
CA TRP A 51 -38.37 -10.13 -11.84
C TRP A 51 -37.01 -10.61 -12.35
N ILE A 52 -37.04 -11.45 -13.38
CA ILE A 52 -35.78 -11.93 -13.96
C ILE A 52 -35.08 -10.81 -14.70
N THR A 53 -35.83 -10.08 -15.50
CA THR A 53 -35.27 -9.00 -16.30
C THR A 53 -34.64 -7.94 -15.36
N ALA A 54 -35.37 -7.56 -14.32
CA ALA A 54 -34.88 -6.56 -13.37
C ALA A 54 -33.64 -7.04 -12.62
N ARG A 55 -33.67 -8.30 -12.20
CA ARG A 55 -32.51 -8.89 -11.52
C ARG A 55 -31.29 -8.89 -12.43
N MET A 56 -31.47 -9.21 -13.70
CA MET A 56 -30.32 -9.24 -14.62
C MET A 56 -29.79 -7.84 -14.86
N LEU A 57 -30.69 -6.86 -14.94
CA LEU A 57 -30.26 -5.47 -15.05
C LEU A 57 -29.36 -5.11 -13.85
N HIS A 58 -29.77 -5.52 -12.66
CA HIS A 58 -28.95 -5.31 -11.45
C HIS A 58 -27.60 -6.04 -11.55
N VAL A 59 -27.63 -7.31 -11.94
CA VAL A 59 -26.40 -8.13 -11.96
C VAL A 59 -25.34 -7.53 -12.90
N TYR A 60 -25.78 -7.14 -14.11
CA TYR A 60 -24.86 -6.60 -15.12
C TYR A 60 -24.43 -5.16 -14.85
N SER A 61 -25.20 -4.44 -14.02
CA SER A 61 -24.71 -3.17 -13.49
C SER A 61 -23.44 -3.40 -12.63
N VAL A 62 -23.50 -4.39 -11.75
CA VAL A 62 -22.35 -4.76 -10.93
C VAL A 62 -21.18 -5.23 -11.83
N ALA A 63 -21.47 -6.09 -12.81
CA ALA A 63 -20.43 -6.57 -13.75
C ALA A 63 -19.79 -5.40 -14.49
N ALA A 64 -20.61 -4.43 -14.90
CA ALA A 64 -20.10 -3.28 -15.65
C ALA A 64 -19.15 -2.49 -14.76
N SER A 65 -19.57 -2.22 -13.52
CA SER A 65 -18.68 -1.52 -12.57
C SER A 65 -17.37 -2.29 -12.30
N MET A 66 -17.42 -3.62 -12.45
CA MET A 66 -16.19 -4.45 -12.30
C MET A 66 -15.28 -4.42 -13.54
N GLY A 67 -15.68 -3.70 -14.58
CA GLY A 67 -14.80 -3.50 -15.73
C GLY A 67 -14.88 -4.62 -16.76
N ARG A 68 -16.02 -5.31 -16.79
CA ARG A 68 -16.20 -6.44 -17.72
C ARG A 68 -16.80 -5.95 -19.03
N PRO A 69 -16.02 -6.01 -20.13
CA PRO A 69 -16.62 -5.68 -21.44
C PRO A 69 -17.91 -6.46 -21.72
N GLY A 70 -18.86 -5.78 -22.34
CA GLY A 70 -20.16 -6.37 -22.68
C GLY A 70 -21.22 -6.17 -21.61
N ALA A 71 -20.82 -6.04 -20.35
CA ALA A 71 -21.82 -5.94 -19.26
C ALA A 71 -22.70 -4.69 -19.41
N TYR A 72 -22.08 -3.58 -19.79
CA TYR A 72 -22.80 -2.32 -19.99
C TYR A 72 -23.83 -2.44 -21.11
N ASP A 73 -23.53 -3.25 -22.13
CA ASP A 73 -24.50 -3.53 -23.19
C ASP A 73 -25.69 -4.29 -22.65
N LEU A 74 -25.44 -5.14 -21.64
CA LEU A 74 -26.54 -5.84 -20.99
C LEU A 74 -27.37 -4.91 -20.12
N VAL A 75 -26.74 -3.95 -19.44
CA VAL A 75 -27.45 -2.87 -18.72
C VAL A 75 -28.32 -2.09 -19.68
N ASP A 76 -27.73 -1.69 -20.79
CA ASP A 76 -28.43 -0.95 -21.83
C ASP A 76 -29.62 -1.76 -22.31
N HIS A 77 -29.40 -3.06 -22.57
CA HIS A 77 -30.47 -3.95 -22.99
C HIS A 77 -31.59 -4.00 -21.93
N GLY A 78 -31.23 -4.12 -20.66
CA GLY A 78 -32.22 -4.17 -19.57
C GLY A 78 -33.04 -2.90 -19.49
N ILE A 79 -32.37 -1.76 -19.64
CA ILE A 79 -33.07 -0.46 -19.58
C ILE A 79 -34.06 -0.34 -20.74
N LYS A 80 -33.62 -0.68 -21.96
CA LYS A 80 -34.52 -0.71 -23.12
C LYS A 80 -35.70 -1.62 -22.86
N ALA A 81 -35.42 -2.79 -22.30
CA ALA A 81 -36.46 -3.74 -21.97
C ALA A 81 -37.48 -3.15 -20.99
N MET A 82 -36.99 -2.36 -20.03
CA MET A 82 -37.86 -1.77 -19.01
C MET A 82 -38.61 -0.56 -19.57
N ASN A 83 -38.27 -0.18 -20.79
CA ASN A 83 -38.99 0.86 -21.51
C ASN A 83 -39.76 0.31 -22.71
N GLY A 84 -39.80 -1.02 -22.83
CA GLY A 84 -40.42 -1.71 -23.98
C GLY A 84 -41.63 -2.54 -23.60
N ALA A 85 -41.68 -3.77 -24.12
CA ALA A 85 -42.82 -4.67 -23.97
C ALA A 85 -43.26 -4.92 -22.52
N LEU A 86 -42.29 -5.00 -21.60
CA LEU A 86 -42.59 -5.18 -20.18
C LEU A 86 -43.31 -3.97 -19.56
N ARG A 87 -43.12 -2.78 -20.11
CA ARG A 87 -43.76 -1.60 -19.53
C ARG A 87 -45.21 -1.49 -19.97
N ASP A 88 -46.10 -1.32 -18.99
CA ASP A 88 -47.50 -1.09 -19.31
C ASP A 88 -47.63 0.41 -19.57
N LYS A 89 -47.58 0.76 -20.85
CA LYS A 89 -47.58 2.16 -21.28
C LYS A 89 -48.97 2.80 -21.18
N LYS A 90 -49.97 1.97 -20.86
CA LYS A 90 -51.35 2.43 -20.67
C LYS A 90 -51.67 2.71 -19.20
N TYR A 91 -51.54 1.68 -18.35
CA TYR A 91 -51.92 1.81 -16.94
C TYR A 91 -50.75 2.15 -16.00
N GLY A 92 -49.52 2.03 -16.50
CA GLY A 92 -48.34 2.30 -15.68
C GLY A 92 -47.70 1.03 -15.13
N GLY A 93 -46.48 1.17 -14.65
CA GLY A 93 -45.73 0.03 -14.10
C GLY A 93 -45.41 -1.01 -15.18
N TRP A 94 -45.19 -2.25 -14.74
CA TRP A 94 -44.71 -3.33 -15.62
C TRP A 94 -45.55 -4.58 -15.50
N TYR A 95 -45.85 -5.20 -16.65
CA TYR A 95 -46.49 -6.50 -16.63
C TYR A 95 -45.58 -7.53 -15.98
N ALA A 96 -46.17 -8.56 -15.40
CA ALA A 96 -45.40 -9.62 -14.74
C ALA A 96 -44.60 -10.49 -15.72
N CYS A 97 -45.16 -10.71 -16.90
CA CYS A 97 -44.52 -11.57 -17.90
C CYS A 97 -45.02 -11.24 -19.30
N VAL A 98 -44.08 -11.18 -20.24
CA VAL A 98 -44.43 -10.94 -21.66
C VAL A 98 -43.64 -11.93 -22.50
N ASN A 99 -44.01 -12.00 -23.78
CA ASN A 99 -43.19 -12.72 -24.76
C ASN A 99 -43.25 -12.00 -26.11
N ASP A 100 -42.67 -12.61 -27.14
CA ASP A 100 -42.60 -11.97 -28.45
C ASP A 100 -43.97 -11.71 -29.07
N GLN A 101 -44.99 -12.45 -28.61
CA GLN A 101 -46.34 -12.36 -29.14
C GLN A 101 -47.24 -11.38 -28.37
N GLY A 102 -46.83 -10.98 -27.17
CA GLY A 102 -47.64 -10.07 -26.36
C GLY A 102 -47.51 -10.33 -24.87
N VAL A 103 -48.55 -9.94 -24.14
CA VAL A 103 -48.50 -9.99 -22.68
C VAL A 103 -48.99 -11.36 -22.18
N VAL A 104 -48.19 -12.01 -21.34
CA VAL A 104 -48.50 -13.33 -20.78
C VAL A 104 -49.22 -13.22 -19.44
N ASP A 105 -48.69 -12.36 -18.57
CA ASP A 105 -49.28 -12.13 -17.27
C ASP A 105 -49.30 -10.62 -17.05
N ALA A 106 -50.49 -10.04 -17.11
CA ALA A 106 -50.65 -8.59 -17.11
C ALA A 106 -50.68 -7.99 -15.70
N SER A 107 -50.67 -8.84 -14.68
CA SER A 107 -50.83 -8.39 -13.31
C SER A 107 -49.62 -7.58 -12.83
N LYS A 108 -49.84 -6.81 -11.77
CA LYS A 108 -48.86 -5.86 -11.26
C LYS A 108 -48.39 -6.34 -9.89
N GLN A 109 -47.26 -7.04 -9.90
CA GLN A 109 -46.78 -7.75 -8.71
C GLN A 109 -45.78 -6.90 -7.94
N GLY A 110 -46.12 -6.58 -6.69
CA GLY A 110 -45.24 -5.80 -5.82
C GLY A 110 -43.85 -6.40 -5.73
N TYR A 111 -43.81 -7.70 -5.47
CA TYR A 111 -42.53 -8.42 -5.37
C TYR A 111 -41.62 -8.05 -6.54
N GLN A 112 -42.20 -8.07 -7.74
CA GLN A 112 -41.44 -7.88 -8.96
C GLN A 112 -41.14 -6.40 -9.21
N HIS A 113 -42.05 -5.53 -8.78
CA HIS A 113 -41.78 -4.10 -8.87
C HIS A 113 -40.65 -3.62 -7.96
N PHE A 114 -40.49 -4.27 -6.80
CA PHE A 114 -39.35 -3.92 -5.94
C PHE A 114 -38.04 -4.32 -6.62
N PHE A 115 -38.05 -5.41 -7.37
CA PHE A 115 -36.90 -5.73 -8.19
C PHE A 115 -36.67 -4.73 -9.32
N ALA A 116 -37.74 -4.26 -9.95
CA ALA A 116 -37.61 -3.15 -10.90
C ALA A 116 -36.89 -1.96 -10.24
N LEU A 117 -37.28 -1.65 -9.00
CA LEU A 117 -36.69 -0.53 -8.26
C LEU A 117 -35.19 -0.79 -7.98
N LEU A 118 -34.87 -1.99 -7.51
CA LEU A 118 -33.47 -2.37 -7.30
C LEU A 118 -32.65 -2.24 -8.59
N GLY A 119 -33.19 -2.81 -9.68
CA GLY A 119 -32.49 -2.84 -10.97
C GLY A 119 -32.17 -1.44 -11.44
N ALA A 120 -33.18 -0.57 -11.34
CA ALA A 120 -33.01 0.84 -11.77
C ALA A 120 -31.96 1.56 -10.90
N ALA A 121 -32.05 1.36 -9.58
CA ALA A 121 -31.11 2.01 -8.65
C ALA A 121 -29.67 1.53 -8.92
N SER A 122 -29.50 0.22 -9.06
CA SER A 122 -28.18 -0.33 -9.41
C SER A 122 -27.68 0.23 -10.75
N ALA A 123 -28.57 0.28 -11.74
CA ALA A 123 -28.22 0.80 -13.07
C ALA A 123 -27.69 2.25 -12.98
N VAL A 124 -28.30 3.04 -12.09
CA VAL A 124 -27.85 4.43 -11.89
C VAL A 124 -26.35 4.51 -11.55
N THR A 125 -25.84 3.55 -10.79
CA THR A 125 -24.42 3.53 -10.42
C THR A 125 -23.45 3.37 -11.61
N THR A 126 -23.95 2.91 -12.76
CA THR A 126 -23.12 2.77 -13.96
C THR A 126 -22.98 4.09 -14.73
N GLY A 127 -23.85 5.05 -14.42
CA GLY A 127 -23.88 6.32 -15.17
C GLY A 127 -24.60 6.25 -16.51
N HIS A 128 -25.21 5.11 -16.81
CA HIS A 128 -25.94 4.98 -18.09
C HIS A 128 -26.92 6.15 -18.19
N PRO A 129 -26.90 6.89 -19.32
CA PRO A 129 -27.67 8.14 -19.40
C PRO A 129 -29.19 8.00 -19.31
N GLU A 130 -29.71 6.78 -19.41
CA GLU A 130 -31.15 6.56 -19.27
C GLU A 130 -31.56 5.98 -17.89
N ALA A 131 -30.57 5.67 -17.06
CA ALA A 131 -30.84 5.01 -15.77
C ALA A 131 -31.58 5.88 -14.75
N ARG A 132 -31.16 7.13 -14.61
CA ARG A 132 -31.79 8.01 -13.62
C ARG A 132 -33.28 8.23 -14.00
N LYS A 133 -33.55 8.41 -15.30
CA LYS A 133 -34.91 8.51 -15.82
C LYS A 133 -35.74 7.27 -15.46
N LEU A 134 -35.14 6.09 -15.63
CA LEU A 134 -35.84 4.85 -15.25
C LEU A 134 -36.12 4.80 -13.75
N LEU A 135 -35.10 5.12 -12.94
CA LEU A 135 -35.30 5.15 -11.49
C LEU A 135 -36.41 6.11 -11.10
N ASP A 136 -36.37 7.34 -11.61
CA ASP A 136 -37.40 8.32 -11.26
C ASP A 136 -38.82 7.80 -11.58
N TYR A 137 -38.99 7.20 -12.76
CA TYR A 137 -40.28 6.63 -13.10
C TYR A 137 -40.66 5.48 -12.15
N THR A 138 -39.70 4.60 -11.86
CA THR A 138 -39.96 3.45 -10.98
C THR A 138 -40.40 3.93 -9.59
N ILE A 139 -39.74 4.96 -9.09
CA ILE A 139 -40.11 5.56 -7.81
C ILE A 139 -41.56 6.05 -7.84
N GLU A 140 -41.95 6.70 -8.95
CA GLU A 140 -43.34 7.17 -9.07
C GLU A 140 -44.32 6.00 -8.96
N VAL A 141 -44.06 4.90 -9.66
CA VAL A 141 -44.95 3.74 -9.61
C VAL A 141 -45.00 3.16 -8.19
N ILE A 142 -43.83 3.07 -7.56
CA ILE A 142 -43.77 2.51 -6.23
C ILE A 142 -44.56 3.36 -5.23
N GLU A 143 -44.36 4.68 -5.26
CA GLU A 143 -45.06 5.55 -4.33
C GLU A 143 -46.56 5.64 -4.60
N LYS A 144 -46.97 5.48 -5.86
CA LYS A 144 -48.39 5.50 -6.18
C LYS A 144 -49.12 4.21 -5.76
N TYR A 145 -48.51 3.05 -6.03
CA TYR A 145 -49.22 1.78 -5.92
C TYR A 145 -48.70 0.76 -4.91
N PHE A 146 -47.46 0.94 -4.45
CA PHE A 146 -46.85 -0.09 -3.61
C PHE A 146 -46.44 0.32 -2.21
N TRP A 147 -45.97 1.55 -2.01
CA TRP A 147 -45.77 2.03 -0.66
C TRP A 147 -47.08 2.67 -0.18
N SER A 148 -47.64 2.14 0.90
CA SER A 148 -48.87 2.68 1.47
C SER A 148 -48.57 3.70 2.56
N GLU A 149 -49.01 4.94 2.37
CA GLU A 149 -48.78 5.97 3.38
C GLU A 149 -49.67 5.72 4.61
N GLU A 150 -50.86 5.16 4.40
CA GLU A 150 -51.74 4.86 5.53
C GLU A 150 -51.24 3.67 6.36
N GLU A 151 -50.79 2.61 5.69
CA GLU A 151 -50.29 1.42 6.38
C GLU A 151 -48.83 1.54 6.84
N GLN A 152 -48.08 2.46 6.22
CA GLN A 152 -46.62 2.57 6.40
C GLN A 152 -45.97 1.20 6.21
N MET A 153 -46.42 0.52 5.16
CA MET A 153 -45.91 -0.79 4.73
C MET A 153 -46.15 -0.86 3.22
N CYS A 154 -45.61 -1.90 2.59
CA CYS A 154 -45.85 -2.14 1.16
C CYS A 154 -47.06 -3.01 0.89
N LEU A 155 -47.83 -2.63 -0.14
CA LEU A 155 -48.91 -3.47 -0.64
C LEU A 155 -48.32 -4.63 -1.44
N GLU A 156 -49.16 -5.61 -1.80
CA GLU A 156 -48.65 -6.82 -2.43
C GLU A 156 -48.77 -6.84 -3.95
N SER A 157 -49.99 -6.70 -4.48
CA SER A 157 -50.19 -6.76 -5.93
C SER A 157 -51.49 -6.11 -6.33
N TRP A 158 -51.63 -5.90 -7.63
CA TRP A 158 -52.83 -5.31 -8.20
C TRP A 158 -53.12 -6.02 -9.51
N ASP A 159 -54.34 -5.86 -9.99
CA ASP A 159 -54.67 -6.20 -11.37
C ASP A 159 -53.96 -5.23 -12.32
N GLU A 160 -53.93 -5.59 -13.59
CA GLU A 160 -53.29 -4.80 -14.65
C GLU A 160 -53.62 -3.31 -14.54
N ALA A 161 -54.91 -3.00 -14.34
CA ALA A 161 -55.37 -1.61 -14.39
C ALA A 161 -55.15 -0.82 -13.10
N PHE A 162 -54.56 -1.46 -12.10
CA PHE A 162 -54.36 -0.85 -10.77
C PHE A 162 -55.69 -0.37 -10.19
N SER A 163 -56.70 -1.22 -10.28
CA SER A 163 -58.03 -0.86 -9.77
C SER A 163 -58.37 -1.59 -8.48
N GLN A 164 -57.83 -2.79 -8.30
CA GLN A 164 -58.10 -3.62 -7.13
C GLN A 164 -56.79 -4.21 -6.64
N THR A 165 -56.46 -3.98 -5.37
CA THR A 165 -55.25 -4.53 -4.77
C THR A 165 -55.57 -5.86 -4.10
N GLU A 166 -54.56 -6.72 -3.98
CA GLU A 166 -54.75 -8.03 -3.38
C GLU A 166 -55.05 -7.94 -1.89
N ASP A 167 -56.00 -8.77 -1.45
CA ASP A 167 -56.39 -8.88 -0.05
C ASP A 167 -55.40 -9.78 0.68
N TYR A 168 -54.16 -9.30 0.79
CA TYR A 168 -53.04 -10.07 1.30
C TYR A 168 -51.90 -9.08 1.48
N ARG A 169 -51.10 -9.28 2.53
CA ARG A 169 -49.90 -8.47 2.74
C ARG A 169 -48.76 -9.45 2.97
N GLY A 170 -47.63 -9.19 2.32
CA GLY A 170 -46.54 -10.18 2.26
C GLY A 170 -45.21 -9.74 2.87
N GLY A 171 -44.65 -10.59 3.73
CA GLY A 171 -43.31 -10.34 4.26
C GLY A 171 -42.25 -10.40 3.18
N ASN A 172 -42.48 -11.20 2.15
CA ASN A 172 -41.47 -11.46 1.12
C ASN A 172 -41.27 -10.21 0.24
N ALA A 173 -42.36 -9.70 -0.34
CA ALA A 173 -42.30 -8.46 -1.08
C ALA A 173 -41.73 -7.32 -0.23
N ASN A 174 -42.13 -7.28 1.03
CA ASN A 174 -41.65 -6.21 1.90
C ASN A 174 -40.15 -6.30 2.17
N MET A 175 -39.66 -7.54 2.28
CA MET A 175 -38.21 -7.79 2.42
C MET A 175 -37.44 -7.23 1.24
N HIS A 176 -37.89 -7.55 0.03
CA HIS A 176 -37.20 -7.04 -1.16
C HIS A 176 -37.42 -5.54 -1.39
N ALA A 177 -38.48 -4.98 -0.80
CA ALA A 177 -38.62 -3.51 -0.76
C ALA A 177 -37.51 -2.91 0.08
N VAL A 178 -37.24 -3.50 1.26
CA VAL A 178 -36.12 -3.06 2.09
C VAL A 178 -34.81 -3.08 1.28
N GLU A 179 -34.57 -4.21 0.59
CA GLU A 179 -33.36 -4.37 -0.22
C GLU A 179 -33.25 -3.24 -1.27
N ALA A 180 -34.35 -2.97 -1.97
CA ALA A 180 -34.37 -1.94 -3.01
C ALA A 180 -34.22 -0.56 -2.41
N PHE A 181 -34.94 -0.30 -1.32
CA PHE A 181 -34.91 1.00 -0.66
C PHE A 181 -33.49 1.40 -0.21
N LEU A 182 -32.71 0.42 0.29
CA LEU A 182 -31.31 0.66 0.66
C LEU A 182 -30.51 1.26 -0.50
N ILE A 183 -30.68 0.67 -1.68
CA ILE A 183 -29.93 1.13 -2.85
C ILE A 183 -30.50 2.46 -3.38
N VAL A 184 -31.82 2.64 -3.33
CA VAL A 184 -32.41 3.93 -3.72
C VAL A 184 -31.86 5.02 -2.80
N TYR A 185 -31.73 4.69 -1.51
CA TYR A 185 -31.13 5.62 -0.56
C TYR A 185 -29.72 5.98 -0.98
N ASP A 186 -28.93 4.97 -1.35
CA ASP A 186 -27.55 5.17 -1.78
C ASP A 186 -27.38 6.10 -2.98
N VAL A 187 -28.39 6.17 -3.85
CA VAL A 187 -28.26 6.98 -5.06
C VAL A 187 -29.15 8.24 -5.01
N THR A 188 -29.68 8.56 -3.82
CA THR A 188 -30.53 9.75 -3.64
C THR A 188 -30.28 10.52 -2.35
N HIS A 189 -30.25 9.80 -1.23
CA HIS A 189 -30.34 10.40 0.11
C HIS A 189 -31.63 11.17 0.42
N ASP A 190 -32.72 10.75 -0.19
CA ASP A 190 -34.01 11.16 0.33
C ASP A 190 -34.15 10.23 1.53
N LYS A 191 -34.24 10.82 2.73
CA LYS A 191 -34.20 10.06 3.99
C LYS A 191 -35.28 9.04 4.09
N LYS A 192 -36.41 9.34 3.44
CA LYS A 192 -37.60 8.52 3.49
C LYS A 192 -37.28 7.08 3.14
N TRP A 193 -36.31 6.86 2.25
CA TRP A 193 -36.03 5.47 1.82
C TRP A 193 -35.51 4.60 2.97
N LEU A 194 -34.61 5.16 3.78
CA LEU A 194 -34.08 4.45 4.94
C LEU A 194 -35.10 4.42 6.07
N ASP A 195 -35.87 5.52 6.22
CA ASP A 195 -36.96 5.56 7.21
C ASP A 195 -37.98 4.45 6.93
N ARG A 196 -38.34 4.28 5.66
CA ARG A 196 -39.31 3.26 5.25
C ARG A 196 -38.73 1.88 5.50
N ALA A 197 -37.45 1.69 5.17
CA ALA A 197 -36.83 0.38 5.35
C ALA A 197 -36.84 0.00 6.83
N LEU A 198 -36.51 0.96 7.69
CA LEU A 198 -36.47 0.69 9.14
CA LEU A 198 -36.48 0.72 9.14
C LEU A 198 -37.87 0.34 9.64
N ARG A 199 -38.88 1.07 9.16
CA ARG A 199 -40.26 0.84 9.53
C ARG A 199 -40.70 -0.57 9.14
N ILE A 200 -40.45 -0.95 7.89
CA ILE A 200 -40.80 -2.28 7.44
C ILE A 200 -40.16 -3.36 8.33
N ALA A 201 -38.84 -3.27 8.53
CA ALA A 201 -38.12 -4.22 9.37
C ALA A 201 -38.65 -4.24 10.81
N SER A 202 -38.99 -3.06 11.34
CA SER A 202 -39.51 -2.99 12.71
C SER A 202 -40.82 -3.78 12.88
N VAL A 203 -41.65 -3.79 11.84
CA VAL A 203 -42.94 -4.53 11.88
C VAL A 203 -42.74 -6.03 11.67
N ILE A 204 -42.12 -6.40 10.56
CA ILE A 204 -42.03 -7.81 10.19
C ILE A 204 -41.07 -8.59 11.11
N ILE A 205 -39.94 -7.95 11.46
CA ILE A 205 -38.90 -8.62 12.25
C ILE A 205 -38.99 -8.28 13.73
N HIS A 206 -38.87 -7.00 14.05
CA HIS A 206 -38.74 -6.62 15.47
C HIS A 206 -39.99 -6.92 16.27
N ASP A 207 -41.14 -6.75 15.63
CA ASP A 207 -42.38 -7.08 16.29
C ASP A 207 -42.67 -8.58 16.10
N VAL A 208 -43.11 -8.96 14.92
CA VAL A 208 -43.69 -10.29 14.71
C VAL A 208 -42.66 -11.43 14.84
N ALA A 209 -41.59 -11.39 14.05
CA ALA A 209 -40.61 -12.51 14.08
C ALA A 209 -39.97 -12.69 15.45
N ARG A 210 -39.52 -11.59 16.06
CA ARG A 210 -38.85 -11.66 17.36
C ARG A 210 -39.74 -12.35 18.38
N ASN A 211 -41.04 -12.03 18.36
CA ASN A 211 -42.00 -12.60 19.31
C ASN A 211 -42.40 -14.06 19.03
N GLY A 212 -41.93 -14.58 17.90
CA GLY A 212 -42.15 -15.98 17.51
C GLY A 212 -40.86 -16.75 17.36
N ASP A 213 -39.93 -16.56 18.31
CA ASP A 213 -38.64 -17.25 18.33
C ASP A 213 -37.84 -17.02 17.04
N TYR A 214 -38.02 -15.84 16.46
CA TYR A 214 -37.32 -15.41 15.25
C TYR A 214 -37.70 -16.22 14.00
N ARG A 215 -38.85 -16.88 14.04
CA ARG A 215 -39.45 -17.48 12.86
C ARG A 215 -40.27 -16.39 12.17
N VAL A 216 -39.82 -15.95 11.01
CA VAL A 216 -40.51 -14.87 10.32
C VAL A 216 -41.87 -15.32 9.76
N ASN A 217 -42.91 -14.57 10.12
CA ASN A 217 -44.21 -14.72 9.49
C ASN A 217 -44.28 -13.93 8.20
N GLU A 218 -44.66 -14.60 7.11
CA GLU A 218 -44.68 -13.97 5.79
C GLU A 218 -46.07 -13.55 5.32
N HIS A 219 -47.10 -14.27 5.76
CA HIS A 219 -48.45 -14.09 5.19
C HIS A 219 -49.32 -13.36 6.18
N PHE A 220 -49.85 -12.22 5.74
CA PHE A 220 -50.68 -11.37 6.57
C PHE A 220 -51.98 -11.01 5.85
N ASP A 221 -53.02 -10.68 6.61
CA ASP A 221 -54.25 -10.11 6.04
C ASP A 221 -54.07 -8.60 5.82
N SER A 222 -55.13 -7.92 5.39
CA SER A 222 -55.08 -6.48 5.10
C SER A 222 -54.87 -5.60 6.33
N GLN A 223 -55.02 -6.19 7.51
CA GLN A 223 -54.82 -5.46 8.76
C GLN A 223 -53.45 -5.78 9.37
N TRP A 224 -52.59 -6.43 8.58
CA TRP A 224 -51.26 -6.86 9.04
C TRP A 224 -51.28 -7.82 10.24
N ASN A 225 -52.30 -8.68 10.28
CA ASN A 225 -52.37 -9.79 11.22
C ASN A 225 -51.96 -11.07 10.50
N PRO A 226 -51.11 -11.89 11.15
CA PRO A 226 -50.66 -13.11 10.47
C PRO A 226 -51.77 -14.04 10.03
N ILE A 227 -51.55 -14.68 8.88
CA ILE A 227 -52.37 -15.81 8.45
C ILE A 227 -51.48 -17.04 8.55
N ARG A 228 -51.49 -17.68 9.72
CA ARG A 228 -50.55 -18.77 10.00
C ARG A 228 -50.67 -19.98 9.05
N ASP A 229 -51.88 -20.23 8.55
CA ASP A 229 -52.11 -21.44 7.75
C ASP A 229 -52.17 -21.18 6.24
N TYR A 230 -51.72 -20.00 5.83
CA TYR A 230 -51.73 -19.64 4.42
C TYR A 230 -50.94 -20.65 3.58
N ASN A 231 -51.55 -21.11 2.49
CA ASN A 231 -50.94 -22.09 1.58
C ASN A 231 -50.64 -23.46 2.20
N LYS A 232 -51.39 -23.83 3.23
CA LYS A 232 -51.34 -25.18 3.79
C LYS A 232 -51.47 -26.23 2.69
N ASP A 233 -52.32 -25.92 1.69
CA ASP A 233 -52.62 -26.80 0.56
CA ASP A 233 -52.59 -26.84 0.59
C ASP A 233 -51.60 -26.72 -0.59
N ASN A 234 -50.67 -25.78 -0.48
CA ASN A 234 -49.62 -25.57 -1.50
C ASN A 234 -48.30 -25.21 -0.79
N PRO A 235 -47.77 -26.14 0.02
CA PRO A 235 -46.68 -25.78 0.94
C PRO A 235 -45.37 -25.45 0.27
N ALA A 236 -45.13 -25.99 -0.93
CA ALA A 236 -43.85 -25.80 -1.65
C ALA A 236 -43.90 -24.67 -2.69
N HIS A 237 -44.85 -23.75 -2.51
CA HIS A 237 -44.97 -22.59 -3.38
C HIS A 237 -43.60 -21.88 -3.46
N ARG A 238 -43.29 -21.37 -4.65
CA ARG A 238 -41.97 -20.77 -4.90
C ARG A 238 -41.76 -19.44 -4.19
N PHE A 239 -42.85 -18.71 -3.90
CA PHE A 239 -42.70 -17.37 -3.31
C PHE A 239 -43.48 -17.18 -2.01
N ARG A 240 -44.42 -18.08 -1.76
CA ARG A 240 -45.29 -18.00 -0.59
C ARG A 240 -45.45 -19.39 0.04
N ALA A 241 -44.33 -19.97 0.48
CA ALA A 241 -44.37 -21.29 1.10
C ALA A 241 -45.20 -21.26 2.41
N TYR A 242 -45.88 -22.36 2.72
CA TYR A 242 -46.55 -22.52 4.04
C TYR A 242 -45.52 -22.46 5.19
N GLY A 243 -45.90 -21.84 6.30
CA GLY A 243 -45.05 -21.78 7.49
C GLY A 243 -43.90 -20.82 7.30
N GLY A 244 -42.72 -21.22 7.77
CA GLY A 244 -41.54 -20.38 7.75
C GLY A 244 -40.57 -20.82 6.67
N THR A 245 -39.97 -19.84 5.99
CA THR A 245 -38.95 -20.10 4.97
C THR A 245 -37.61 -19.59 5.52
N PRO A 246 -36.85 -20.47 6.20
CA PRO A 246 -35.64 -19.99 6.87
C PRO A 246 -34.61 -19.23 6.01
N GLY A 247 -34.49 -19.56 4.72
CA GLY A 247 -33.60 -18.77 3.85
C GLY A 247 -33.96 -17.28 3.89
N ALA A 248 -35.25 -16.98 3.97
CA ALA A 248 -35.73 -15.60 4.06
C ALA A 248 -35.37 -15.00 5.42
N TRP A 249 -35.40 -15.80 6.48
CA TRP A 249 -35.03 -15.28 7.82
C TRP A 249 -33.61 -14.76 7.79
N ILE A 250 -32.72 -15.56 7.22
CA ILE A 250 -31.31 -15.19 7.23
C ILE A 250 -31.01 -14.02 6.28
N GLU A 251 -31.74 -13.95 5.15
CA GLU A 251 -31.70 -12.81 4.22
C GLU A 251 -32.12 -11.51 4.89
N TRP A 252 -33.22 -11.56 5.65
CA TRP A 252 -33.63 -10.41 6.45
C TRP A 252 -32.51 -9.94 7.35
N GLY A 253 -31.77 -10.90 7.93
CA GLY A 253 -30.66 -10.57 8.82
C GLY A 253 -29.63 -9.68 8.15
N ARG A 254 -29.19 -10.06 6.95
CA ARG A 254 -28.18 -9.28 6.25
C ARG A 254 -28.69 -7.88 5.91
N LEU A 255 -29.93 -7.81 5.41
CA LEU A 255 -30.51 -6.52 5.01
C LEU A 255 -30.53 -5.53 6.19
N MET A 256 -30.87 -6.05 7.36
CA MET A 256 -30.85 -5.24 8.60
C MET A 256 -29.47 -4.70 8.94
N LEU A 257 -28.42 -5.45 8.59
CA LEU A 257 -27.06 -5.01 8.83
C LEU A 257 -26.59 -3.99 7.79
N HIS A 258 -27.07 -4.11 6.53
CA HIS A 258 -26.87 -3.01 5.58
C HIS A 258 -27.53 -1.73 6.09
N LEU A 259 -28.73 -1.87 6.67
CA LEU A 259 -29.42 -0.74 7.27
C LEU A 259 -28.58 -0.14 8.43
N HIS A 260 -28.12 -1.01 9.33
CA HIS A 260 -27.24 -0.61 10.43
C HIS A 260 -26.06 0.21 9.90
N ALA A 261 -25.37 -0.32 8.88
CA ALA A 261 -24.15 0.28 8.34
C ALA A 261 -24.43 1.65 7.66
N ALA A 262 -25.57 1.75 6.99
CA ALA A 262 -26.02 3.00 6.36
C ALA A 262 -26.13 4.11 7.39
N LEU A 263 -26.74 3.77 8.53
CA LEU A 263 -26.91 4.72 9.62
C LEU A 263 -25.55 5.13 10.19
N GLU A 264 -24.67 4.16 10.42
CA GLU A 264 -23.30 4.45 10.88
C GLU A 264 -22.58 5.41 9.93
N ALA A 265 -22.78 5.19 8.63
CA ALA A 265 -22.10 5.96 7.59
C ALA A 265 -22.38 7.47 7.63
N ARG A 266 -23.50 7.85 8.21
CA ARG A 266 -23.84 9.28 8.38
C ARG A 266 -23.68 9.70 9.84
N PHE A 267 -22.84 8.96 10.57
CA PHE A 267 -22.50 9.30 11.96
C PHE A 267 -23.70 9.26 12.91
N GLU A 268 -24.61 8.34 12.62
CA GLU A 268 -25.75 8.11 13.49
C GLU A 268 -25.58 6.76 14.16
N THR A 269 -25.90 6.68 15.45
CA THR A 269 -25.91 5.40 16.13
C THR A 269 -27.15 4.60 15.68
N PRO A 270 -26.94 3.43 15.05
CA PRO A 270 -28.11 2.65 14.63
C PRO A 270 -28.87 2.07 15.83
N PRO A 271 -30.20 1.91 15.69
CA PRO A 271 -30.99 1.24 16.75
C PRO A 271 -30.39 -0.15 16.99
N ALA A 272 -30.30 -0.55 18.27
CA ALA A 272 -29.58 -1.77 18.64
C ALA A 272 -30.27 -3.03 18.13
N TRP A 273 -31.57 -2.96 17.89
CA TRP A 273 -32.32 -4.14 17.49
C TRP A 273 -31.95 -4.67 16.10
N LEU A 274 -31.38 -3.83 15.24
CA LEU A 274 -30.98 -4.31 13.92
C LEU A 274 -29.98 -5.46 14.07
N LEU A 275 -28.92 -5.21 14.84
CA LEU A 275 -27.90 -6.27 15.09
C LEU A 275 -28.45 -7.38 15.99
N GLU A 276 -29.16 -7.02 17.06
CA GLU A 276 -29.76 -8.01 17.98
C GLU A 276 -30.63 -9.00 17.20
N ASP A 277 -31.51 -8.47 16.35
CA ASP A 277 -32.45 -9.30 15.60
C ASP A 277 -31.77 -10.04 14.44
N ALA A 278 -30.73 -9.44 13.85
CA ALA A 278 -29.92 -10.18 12.83
C ALA A 278 -29.32 -11.43 13.46
N LYS A 279 -28.72 -11.28 14.64
CA LYS A 279 -28.21 -12.43 15.40
C LYS A 279 -29.30 -13.46 15.64
N GLY A 280 -30.47 -13.01 16.10
CA GLY A 280 -31.62 -13.90 16.36
C GLY A 280 -32.07 -14.69 15.16
N LEU A 281 -32.15 -14.01 14.02
CA LEU A 281 -32.56 -14.65 12.77
C LEU A 281 -31.54 -15.69 12.31
N PHE A 282 -30.26 -15.34 12.40
CA PHE A 282 -29.18 -16.24 11.99
C PHE A 282 -29.24 -17.50 12.84
N HIS A 283 -29.33 -17.33 14.14
CA HIS A 283 -29.37 -18.43 15.11
CA HIS A 283 -29.29 -18.49 14.98
C HIS A 283 -30.58 -19.34 14.89
N ALA A 284 -31.73 -18.71 14.64
CA ALA A 284 -33.00 -19.43 14.43
C ALA A 284 -32.89 -20.26 13.16
N THR A 285 -32.22 -19.70 12.16
CA THR A 285 -32.05 -20.41 10.90
C THR A 285 -31.23 -21.69 11.07
N ILE A 286 -30.14 -21.59 11.83
CA ILE A 286 -29.29 -22.75 12.14
C ILE A 286 -30.12 -23.75 12.96
N ARG A 287 -30.84 -23.22 13.95
CA ARG A 287 -31.62 -24.02 14.88
C ARG A 287 -32.64 -24.92 14.19
N ASP A 288 -33.40 -24.34 13.26
CA ASP A 288 -34.51 -25.04 12.62
C ASP A 288 -34.16 -25.69 11.29
N ALA A 289 -33.26 -25.05 10.52
CA ALA A 289 -33.13 -25.39 9.08
C ALA A 289 -31.84 -26.06 8.65
N TRP A 290 -30.78 -25.93 9.41
CA TRP A 290 -29.50 -26.51 8.98
C TRP A 290 -29.47 -27.98 9.36
N ALA A 291 -29.25 -28.87 8.37
CA ALA A 291 -29.08 -30.32 8.62
C ALA A 291 -30.06 -30.85 9.67
N PRO A 292 -31.37 -30.61 9.44
CA PRO A 292 -32.33 -30.93 10.49
C PRO A 292 -32.88 -32.34 10.39
N ASP A 293 -32.41 -33.10 9.40
CA ASP A 293 -33.08 -34.32 8.97
C ASP A 293 -32.08 -35.40 8.57
N GLY A 294 -30.87 -35.33 9.15
CA GLY A 294 -29.86 -36.39 8.97
C GLY A 294 -28.93 -36.25 7.78
N ALA A 295 -28.94 -35.08 7.15
CA ALA A 295 -27.99 -34.77 6.07
C ALA A 295 -27.73 -33.27 6.08
N ASP A 296 -26.56 -32.86 5.59
CA ASP A 296 -26.21 -31.44 5.53
C ASP A 296 -27.17 -30.66 4.60
N GLY A 297 -27.16 -29.34 4.76
CA GLY A 297 -27.98 -28.47 3.92
C GLY A 297 -29.11 -27.76 4.65
N PHE A 298 -29.61 -26.71 4.02
CA PHE A 298 -30.75 -25.95 4.54
C PHE A 298 -32.04 -26.41 3.90
N VAL A 299 -32.99 -26.87 4.69
CA VAL A 299 -34.32 -27.19 4.15
C VAL A 299 -35.02 -25.92 3.69
N TYR A 300 -36.09 -26.10 2.92
CA TYR A 300 -36.81 -24.99 2.33
C TYR A 300 -37.80 -24.33 3.30
N SER A 301 -38.58 -25.15 4.00
CA SER A 301 -39.56 -24.60 4.91
C SER A 301 -39.68 -25.41 6.19
N VAL A 302 -40.18 -24.75 7.23
CA VAL A 302 -40.43 -25.39 8.52
C VAL A 302 -41.83 -24.99 9.01
N ASP A 303 -42.41 -25.81 9.88
CA ASP A 303 -43.69 -25.42 10.50
C ASP A 303 -43.45 -24.42 11.65
N TRP A 304 -44.51 -24.02 12.34
CA TRP A 304 -44.36 -23.01 13.39
C TRP A 304 -43.66 -23.52 14.67
N ASP A 305 -43.44 -24.83 14.74
CA ASP A 305 -42.65 -25.42 15.83
C ASP A 305 -41.21 -25.69 15.40
N GLY A 306 -40.90 -25.32 14.15
CA GLY A 306 -39.53 -25.43 13.63
C GLY A 306 -39.21 -26.77 12.98
N LYS A 307 -40.22 -27.63 12.82
CA LYS A 307 -40.01 -28.93 12.17
C LYS A 307 -40.03 -28.80 10.65
N PRO A 308 -39.08 -29.45 9.95
CA PRO A 308 -39.06 -29.31 8.48
C PRO A 308 -40.35 -29.74 7.81
N ILE A 309 -40.74 -29.00 6.77
CA ILE A 309 -41.85 -29.41 5.92
C ILE A 309 -41.30 -29.78 4.55
N VAL A 310 -40.90 -28.79 3.76
CA VAL A 310 -40.32 -29.03 2.45
C VAL A 310 -38.82 -29.17 2.64
N ARG A 311 -38.31 -30.36 2.37
CA ARG A 311 -36.94 -30.71 2.75
C ARG A 311 -35.92 -30.51 1.64
N GLU A 312 -36.40 -30.20 0.43
CA GLU A 312 -35.49 -29.89 -0.67
C GLU A 312 -34.53 -28.78 -0.27
N ARG A 313 -33.28 -28.89 -0.73
CA ARG A 313 -32.29 -27.87 -0.53
C ARG A 313 -32.24 -26.99 -1.78
N VAL A 314 -32.89 -25.85 -1.68
CA VAL A 314 -32.90 -24.88 -2.78
C VAL A 314 -31.59 -24.07 -2.69
N ARG A 315 -31.14 -23.51 -3.81
CA ARG A 315 -29.85 -22.86 -3.81
C ARG A 315 -29.83 -21.57 -2.96
N TRP A 316 -30.82 -20.70 -3.15
CA TRP A 316 -30.71 -19.36 -2.57
C TRP A 316 -30.62 -19.33 -1.02
N PRO A 317 -31.33 -20.23 -0.29
CA PRO A 317 -31.16 -20.11 1.18
C PRO A 317 -29.72 -20.23 1.70
N ILE A 318 -28.95 -21.18 1.19
CA ILE A 318 -27.57 -21.32 1.69
C ILE A 318 -26.69 -20.15 1.21
N VAL A 319 -26.94 -19.69 -0.02
CA VAL A 319 -26.25 -18.53 -0.58
C VAL A 319 -26.47 -17.30 0.30
N GLU A 320 -27.73 -17.07 0.69
CA GLU A 320 -28.05 -15.98 1.63
C GLU A 320 -27.41 -16.17 3.02
N ALA A 321 -27.44 -17.41 3.52
CA ALA A 321 -26.77 -17.70 4.79
C ALA A 321 -25.29 -17.31 4.78
N MET A 322 -24.60 -17.59 3.67
CA MET A 322 -23.19 -17.20 3.51
C MET A 322 -23.02 -15.68 3.55
N GLY A 323 -23.88 -14.96 2.85
CA GLY A 323 -23.89 -13.50 2.87
C GLY A 323 -24.06 -12.98 4.30
N THR A 324 -25.00 -13.57 5.04
CA THR A 324 -25.31 -13.09 6.39
C THR A 324 -24.17 -13.42 7.36
N ALA A 325 -23.55 -14.59 7.18
CA ALA A 325 -22.38 -14.93 8.01
C ALA A 325 -21.31 -13.85 7.85
N TYR A 326 -21.07 -13.45 6.61
CA TYR A 326 -20.12 -12.37 6.35
C TYR A 326 -20.53 -11.07 7.08
N ALA A 327 -21.79 -10.66 6.91
CA ALA A 327 -22.28 -9.45 7.57
C ALA A 327 -22.13 -9.51 9.09
N LEU A 328 -22.55 -10.62 9.70
CA LEU A 328 -22.40 -10.78 11.14
C LEU A 328 -20.95 -10.83 11.60
N TYR A 329 -20.09 -11.50 10.83
CA TYR A 329 -18.66 -11.46 11.14
C TYR A 329 -18.12 -10.03 11.14
N THR A 330 -18.51 -9.27 10.14
CA THR A 330 -18.06 -7.89 9.99
C THR A 330 -18.46 -7.04 11.21
N LEU A 331 -19.68 -7.24 11.69
CA LEU A 331 -20.17 -6.45 12.83
C LEU A 331 -19.66 -6.92 14.19
N THR A 332 -19.48 -8.24 14.34
CA THR A 332 -19.19 -8.84 15.65
C THR A 332 -17.74 -9.24 15.88
N ASP A 333 -17.04 -9.56 14.79
CA ASP A 333 -15.64 -10.04 14.81
C ASP A 333 -15.54 -11.45 15.40
N ASP A 334 -16.69 -12.10 15.48
CA ASP A 334 -16.81 -13.43 16.06
C ASP A 334 -16.57 -14.49 14.98
N SER A 335 -15.51 -15.25 15.16
CA SER A 335 -15.08 -16.20 14.13
C SER A 335 -16.05 -17.36 13.91
N GLN A 336 -17.00 -17.58 14.84
CA GLN A 336 -18.05 -18.59 14.61
C GLN A 336 -18.73 -18.34 13.27
N TYR A 337 -18.90 -17.06 12.92
CA TYR A 337 -19.55 -16.70 11.66
C TYR A 337 -18.70 -17.04 10.44
N GLU A 338 -17.39 -16.83 10.57
CA GLU A 338 -16.47 -17.26 9.51
C GLU A 338 -16.46 -18.77 9.35
N GLU A 339 -16.47 -19.49 10.48
CA GLU A 339 -16.51 -20.95 10.46
C GLU A 339 -17.74 -21.47 9.69
N TRP A 340 -18.90 -20.86 9.93
CA TRP A 340 -20.12 -21.24 9.22
C TRP A 340 -19.98 -20.97 7.72
N TYR A 341 -19.45 -19.79 7.39
CA TYR A 341 -19.25 -19.39 6.00
C TYR A 341 -18.38 -20.42 5.27
N GLN A 342 -17.29 -20.85 5.91
CA GLN A 342 -16.39 -21.84 5.32
C GLN A 342 -17.06 -23.20 5.14
N LYS A 343 -17.74 -23.66 6.19
CA LYS A 343 -18.53 -24.91 6.16
C LYS A 343 -19.49 -24.89 4.97
N TRP A 344 -20.17 -23.76 4.80
CA TRP A 344 -21.14 -23.66 3.73
C TRP A 344 -20.50 -23.59 2.35
N TRP A 345 -19.37 -22.88 2.22
CA TRP A 345 -18.62 -22.95 0.96
C TRP A 345 -18.23 -24.40 0.60
N ASP A 346 -17.73 -25.17 1.56
CA ASP A 346 -17.39 -26.57 1.29
C ASP A 346 -18.59 -27.37 0.76
N TYR A 347 -19.74 -27.16 1.39
CA TYR A 347 -20.99 -27.84 0.97
C TYR A 347 -21.37 -27.40 -0.46
N CYS A 348 -21.26 -26.10 -0.73
CA CYS A 348 -21.62 -25.58 -2.06
C CYS A 348 -20.77 -26.19 -3.17
N ILE A 349 -19.46 -26.24 -3.00
CA ILE A 349 -18.65 -26.85 -4.07
C ILE A 349 -18.93 -28.35 -4.21
N LYS A 350 -19.23 -29.00 -3.08
CA LYS A 350 -19.50 -30.44 -3.06
C LYS A 350 -20.77 -30.80 -3.78
N TYR A 351 -21.82 -29.98 -3.61
CA TYR A 351 -23.17 -30.38 -4.02
C TYR A 351 -23.90 -29.46 -5.00
N LEU A 352 -23.58 -28.17 -4.97
CA LEU A 352 -24.32 -27.15 -5.75
C LEU A 352 -23.62 -26.64 -7.00
N MET A 353 -22.31 -26.38 -6.91
CA MET A 353 -21.59 -25.84 -8.05
C MET A 353 -21.58 -26.83 -9.19
N ASP A 354 -21.83 -26.31 -10.38
CA ASP A 354 -21.89 -27.14 -11.57
C ASP A 354 -20.87 -26.66 -12.60
N TYR A 355 -19.65 -27.19 -12.49
CA TYR A 355 -18.60 -26.85 -13.43
C TYR A 355 -18.81 -27.50 -14.79
N GLU A 356 -19.60 -28.57 -14.82
CA GLU A 356 -19.88 -29.27 -16.09
C GLU A 356 -20.75 -28.44 -17.03
N ASN A 357 -21.89 -27.96 -16.56
CA ASN A 357 -22.86 -27.29 -17.44
C ASN A 357 -22.93 -25.78 -17.24
N GLY A 358 -22.39 -25.31 -16.11
CA GLY A 358 -22.33 -23.89 -15.79
C GLY A 358 -23.16 -23.53 -14.57
N SER A 359 -22.84 -22.39 -13.98
CA SER A 359 -23.58 -21.91 -12.80
C SER A 359 -23.62 -22.96 -11.68
N TRP A 360 -24.71 -22.96 -10.91
CA TRP A 360 -24.93 -23.92 -9.83
C TRP A 360 -26.29 -24.57 -10.00
N TRP A 361 -26.47 -25.77 -9.48
CA TRP A 361 -27.81 -26.35 -9.43
C TRP A 361 -28.77 -25.43 -8.66
N GLN A 362 -30.05 -25.45 -9.04
CA GLN A 362 -31.06 -24.67 -8.34
C GLN A 362 -31.64 -25.38 -7.12
N GLU A 363 -31.67 -26.72 -7.16
CA GLU A 363 -32.39 -27.48 -6.17
C GLU A 363 -31.88 -28.90 -6.05
N LEU A 364 -31.72 -29.35 -4.80
CA LEU A 364 -31.33 -30.74 -4.52
C LEU A 364 -32.41 -31.39 -3.66
N ASP A 365 -32.47 -32.72 -3.70
CA ASP A 365 -33.36 -33.43 -2.78
C ASP A 365 -32.78 -33.48 -1.35
N ALA A 366 -33.47 -34.19 -0.45
CA ALA A 366 -33.03 -34.23 0.95
C ALA A 366 -31.71 -34.98 1.16
N ASP A 367 -31.24 -35.68 0.12
CA ASP A 367 -29.94 -36.35 0.16
C ASP A 367 -28.88 -35.57 -0.62
N ASN A 368 -29.19 -34.33 -0.98
CA ASN A 368 -28.27 -33.42 -1.68
C ASN A 368 -27.91 -33.87 -3.10
N LYS A 369 -28.84 -34.58 -3.73
CA LYS A 369 -28.73 -34.95 -5.15
C LYS A 369 -29.58 -34.00 -6.00
N VAL A 370 -29.06 -33.54 -7.12
CA VAL A 370 -29.81 -32.61 -7.96
C VAL A 370 -31.19 -33.20 -8.31
N THR A 371 -32.22 -32.36 -8.22
CA THR A 371 -33.57 -32.79 -8.51
C THR A 371 -34.36 -31.67 -9.20
N THR A 372 -35.58 -31.99 -9.60
CA THR A 372 -36.54 -31.01 -10.08
C THR A 372 -37.81 -31.29 -9.28
N LYS A 373 -38.25 -30.31 -8.49
CA LYS A 373 -39.45 -30.47 -7.67
C LYS A 373 -40.09 -29.11 -7.38
N VAL A 374 -39.39 -28.29 -6.59
CA VAL A 374 -39.89 -26.96 -6.23
C VAL A 374 -39.69 -25.99 -7.38
N TRP A 375 -38.58 -26.16 -8.12
CA TRP A 375 -38.15 -25.22 -9.16
C TRP A 375 -37.94 -25.93 -10.50
N ASP A 376 -37.36 -25.22 -11.46
CA ASP A 376 -37.29 -25.72 -12.85
C ASP A 376 -36.20 -24.98 -13.67
N GLY A 377 -34.94 -25.41 -13.55
CA GLY A 377 -33.87 -24.78 -14.32
C GLY A 377 -32.98 -23.90 -13.47
N LYS A 378 -32.26 -22.99 -14.13
CA LYS A 378 -31.22 -22.18 -13.49
C LYS A 378 -31.43 -20.69 -13.79
N GLN A 379 -32.63 -20.21 -13.49
CA GLN A 379 -33.08 -18.91 -14.00
C GLN A 379 -32.48 -17.70 -13.27
N ASP A 380 -31.83 -17.95 -12.13
CA ASP A 380 -31.29 -16.86 -11.33
C ASP A 380 -29.79 -16.88 -11.22
N ILE A 381 -29.18 -15.71 -11.37
CA ILE A 381 -27.81 -15.54 -10.87
C ILE A 381 -27.69 -14.41 -9.84
N TYR A 382 -28.76 -13.63 -9.68
CA TYR A 382 -28.74 -12.49 -8.75
C TYR A 382 -28.31 -12.86 -7.30
N HIS A 383 -28.85 -13.95 -6.74
CA HIS A 383 -28.52 -14.26 -5.33
C HIS A 383 -27.03 -14.53 -5.17
N LEU A 384 -26.40 -15.09 -6.21
CA LEU A 384 -25.01 -15.54 -6.09
C LEU A 384 -24.07 -14.39 -5.76
N LEU A 385 -24.47 -13.16 -6.12
CA LEU A 385 -23.59 -12.02 -5.81
C LEU A 385 -23.48 -11.80 -4.30
N HIS A 386 -24.43 -12.36 -3.55
CA HIS A 386 -24.45 -12.14 -2.09
C HIS A 386 -23.45 -13.03 -1.36
N CYS A 387 -22.98 -14.09 -2.02
CA CYS A 387 -21.88 -14.91 -1.46
C CYS A 387 -20.57 -14.75 -2.23
N LEU A 388 -20.64 -14.09 -3.40
CA LEU A 388 -19.43 -13.90 -4.25
C LEU A 388 -18.82 -12.49 -4.21
N VAL A 389 -19.68 -11.47 -4.10
CA VAL A 389 -19.25 -10.08 -4.21
C VAL A 389 -19.38 -9.38 -2.86
N ILE A 390 -20.51 -9.59 -2.20
CA ILE A 390 -20.76 -9.03 -0.87
C ILE A 390 -19.57 -9.25 0.12
N PRO A 391 -19.02 -10.49 0.22
CA PRO A 391 -17.86 -10.69 1.11
C PRO A 391 -16.60 -9.91 0.77
N ARG A 392 -16.60 -9.20 -0.37
CA ARG A 392 -15.46 -8.38 -0.79
C ARG A 392 -15.67 -6.89 -0.56
N LEU A 393 -16.81 -6.53 0.05
CA LEU A 393 -17.21 -5.11 0.20
C LEU A 393 -17.59 -4.74 1.64
N PRO A 394 -17.47 -3.44 1.96
CA PRO A 394 -18.10 -2.96 3.18
C PRO A 394 -19.61 -3.16 3.11
N LEU A 395 -20.29 -2.99 4.25
CA LEU A 395 -21.75 -3.09 4.29
C LEU A 395 -22.48 -1.81 3.88
N ALA A 396 -21.74 -0.69 3.85
CA ALA A 396 -22.25 0.56 3.34
C ALA A 396 -21.18 1.18 2.44
N PRO A 397 -21.58 1.74 1.29
CA PRO A 397 -22.96 1.72 0.76
C PRO A 397 -23.23 0.30 0.24
N GLY A 398 -24.41 0.07 -0.34
CA GLY A 398 -24.82 -1.27 -0.78
C GLY A 398 -24.02 -1.80 -1.96
N LEU A 399 -24.39 -2.99 -2.39
CA LEU A 399 -23.65 -3.75 -3.39
C LEU A 399 -23.23 -2.96 -4.63
N ALA A 400 -24.20 -2.54 -5.44
CA ALA A 400 -23.82 -1.88 -6.70
C ALA A 400 -23.09 -0.55 -6.44
N PRO A 401 -23.62 0.30 -5.55
CA PRO A 401 -22.87 1.54 -5.21
C PRO A 401 -21.43 1.30 -4.75
N ALA A 402 -21.23 0.31 -3.88
CA ALA A 402 -19.90 0.01 -3.35
C ALA A 402 -18.92 -0.45 -4.44
N VAL A 403 -19.39 -1.30 -5.37
CA VAL A 403 -18.51 -1.74 -6.45
C VAL A 403 -18.16 -0.53 -7.33
N ALA A 404 -19.16 0.28 -7.66
CA ALA A 404 -18.94 1.48 -8.46
C ALA A 404 -17.97 2.47 -7.80
N ALA A 405 -17.97 2.48 -6.47
CA ALA A 405 -17.09 3.35 -5.70
C ALA A 405 -15.64 2.85 -5.64
N GLY A 406 -15.39 1.65 -6.15
CA GLY A 406 -14.04 1.08 -6.17
C GLY A 406 -13.65 0.39 -4.88
N LEU A 407 -14.68 -0.04 -4.13
CA LEU A 407 -14.47 -0.61 -2.81
C LEU A 407 -14.18 -2.11 -2.77
N LEU A 408 -14.16 -2.80 -3.92
CA LEU A 408 -13.82 -4.23 -3.92
C LEU A 408 -12.47 -4.44 -3.27
N ASP A 409 -12.43 -5.38 -2.32
CA ASP A 409 -11.21 -5.79 -1.61
C ASP A 409 -10.59 -4.70 -0.70
N ILE A 410 -11.34 -3.62 -0.48
CA ILE A 410 -10.84 -2.51 0.36
C ILE A 410 -10.36 -2.96 1.75
N ASN A 411 -11.02 -3.97 2.31
CA ASN A 411 -10.70 -4.44 3.66
C ASN A 411 -9.70 -5.58 3.69
N ALA A 412 -9.25 -6.02 2.51
CA ALA A 412 -8.37 -7.19 2.44
C ALA A 412 -6.91 -6.80 2.55
N HIS A 418 -2.19 -12.83 10.22
CA HIS A 418 -3.56 -12.78 10.75
C HIS A 418 -4.00 -14.01 11.54
N HIS A 419 -3.04 -14.87 11.91
CA HIS A 419 -3.33 -16.02 12.75
C HIS A 419 -3.21 -15.69 14.25
N HIS A 420 -2.77 -14.48 14.57
CA HIS A 420 -2.59 -14.04 15.97
C HIS A 420 -2.82 -12.55 16.10
N HIS A 421 -2.93 -12.08 17.34
CA HIS A 421 -3.16 -10.66 17.61
C HIS A 421 -1.84 -9.92 17.91
N MET B 1 15.62 -10.07 -16.46
CA MET B 1 14.16 -10.26 -16.30
C MET B 1 13.84 -10.56 -14.84
N LYS B 2 12.90 -9.80 -14.26
CA LYS B 2 12.47 -9.98 -12.87
C LYS B 2 11.15 -10.76 -12.79
N TRP B 3 11.20 -11.94 -12.15
CA TRP B 3 9.99 -12.73 -11.87
C TRP B 3 9.73 -12.86 -10.38
N PHE B 4 10.75 -13.22 -9.61
CA PHE B 4 10.59 -13.35 -8.16
C PHE B 4 10.02 -12.06 -7.58
N ASN B 5 9.05 -12.21 -6.67
CA ASN B 5 8.48 -11.07 -5.95
C ASN B 5 7.78 -10.07 -6.88
N THR B 6 7.32 -10.55 -8.02
CA THR B 6 6.45 -9.75 -8.90
C THR B 6 5.06 -10.33 -8.86
N LEU B 7 4.05 -9.46 -8.83
CA LEU B 7 2.68 -9.92 -8.75
C LEU B 7 2.24 -10.62 -10.04
N SER B 8 2.79 -10.19 -11.17
CA SER B 8 2.42 -10.83 -12.45
C SER B 8 2.87 -12.28 -12.50
N HIS B 9 4.10 -12.56 -12.07
CA HIS B 9 4.54 -13.95 -12.05
C HIS B 9 3.75 -14.73 -11.00
N ASN B 10 3.55 -14.12 -9.84
CA ASN B 10 2.88 -14.80 -8.73
C ASN B 10 1.42 -15.15 -9.07
N ARG B 11 0.75 -14.27 -9.82
CA ARG B 11 -0.60 -14.60 -10.31
C ARG B 11 -0.56 -15.84 -11.22
N TRP B 12 0.43 -15.90 -12.12
CA TRP B 12 0.59 -17.08 -12.96
C TRP B 12 0.77 -18.35 -12.09
N LEU B 13 1.60 -18.26 -11.06
CA LEU B 13 1.83 -19.38 -10.15
C LEU B 13 0.53 -19.79 -9.46
N GLU B 14 -0.23 -18.81 -8.96
CA GLU B 14 -1.47 -19.17 -8.27
C GLU B 14 -2.43 -19.91 -9.20
N GLN B 15 -2.55 -19.44 -10.44
CA GLN B 15 -3.49 -20.03 -11.39
C GLN B 15 -3.08 -21.47 -11.71
N GLU B 16 -1.77 -21.71 -11.84
CA GLU B 16 -1.30 -23.08 -12.04
C GLU B 16 -1.54 -23.93 -10.77
N THR B 17 -1.36 -23.31 -9.60
CA THR B 17 -1.61 -24.01 -8.35
C THR B 17 -3.04 -24.52 -8.28
N ASP B 18 -4.01 -23.70 -8.69
CA ASP B 18 -5.41 -24.16 -8.70
C ASP B 18 -5.64 -25.36 -9.64
N ARG B 19 -5.00 -25.35 -10.80
CA ARG B 19 -5.03 -26.50 -11.73
C ARG B 19 -4.51 -27.78 -11.05
N ILE B 20 -3.45 -27.62 -10.27
CA ILE B 20 -2.85 -28.72 -9.54
C ILE B 20 -3.75 -29.23 -8.40
N PHE B 21 -4.29 -28.32 -7.59
CA PHE B 21 -5.26 -28.69 -6.57
C PHE B 21 -6.42 -29.48 -7.15
N ASN B 22 -6.92 -29.05 -8.31
CA ASN B 22 -8.02 -29.76 -8.97
C ASN B 22 -7.66 -31.20 -9.31
N PHE B 23 -6.43 -31.41 -9.76
CA PHE B 23 -6.00 -32.75 -10.17
C PHE B 23 -6.07 -33.73 -9.01
N GLY B 24 -5.59 -33.30 -7.83
CA GLY B 24 -5.48 -34.19 -6.70
C GLY B 24 -6.82 -34.58 -6.09
N LYS B 25 -7.86 -33.80 -6.37
CA LYS B 25 -9.19 -34.05 -5.78
C LYS B 25 -9.74 -35.41 -6.19
N ASN B 26 -9.27 -35.89 -7.35
CA ASN B 26 -9.68 -37.18 -7.90
C ASN B 26 -9.18 -38.37 -7.06
N ALA B 27 -8.26 -38.10 -6.14
CA ALA B 27 -7.56 -39.17 -5.40
C ALA B 27 -8.33 -39.67 -4.18
N VAL B 28 -9.40 -38.95 -3.80
CA VAL B 28 -10.16 -39.30 -2.61
C VAL B 28 -10.71 -40.73 -2.71
N VAL B 29 -10.36 -41.53 -1.73
CA VAL B 29 -10.90 -42.88 -1.57
C VAL B 29 -11.33 -43.09 -0.11
N PRO B 30 -12.21 -44.08 0.14
CA PRO B 30 -12.68 -44.22 1.51
C PRO B 30 -11.59 -44.27 2.59
N THR B 31 -10.44 -44.90 2.32
CA THR B 31 -9.41 -45.07 3.35
C THR B 31 -8.29 -44.01 3.31
N GLY B 32 -8.46 -43.01 2.46
CA GLY B 32 -7.48 -41.92 2.40
C GLY B 32 -7.36 -41.34 1.01
N PHE B 33 -6.14 -41.33 0.48
CA PHE B 33 -5.92 -40.86 -0.89
C PHE B 33 -5.26 -41.94 -1.72
N GLY B 34 -5.84 -42.22 -2.89
CA GLY B 34 -5.31 -43.19 -3.83
C GLY B 34 -4.19 -42.66 -4.71
N TRP B 35 -3.80 -43.48 -5.66
CA TRP B 35 -2.67 -43.29 -6.54
C TRP B 35 -3.18 -42.92 -7.94
N LEU B 36 -3.01 -41.66 -8.33
CA LEU B 36 -3.53 -41.21 -9.61
C LEU B 36 -2.64 -41.58 -10.77
N GLY B 37 -3.29 -41.95 -11.87
CA GLY B 37 -2.57 -42.29 -13.10
C GLY B 37 -2.42 -41.10 -14.02
N ASN B 38 -1.89 -41.37 -15.21
CA ASN B 38 -1.59 -40.31 -16.18
C ASN B 38 -2.81 -39.50 -16.66
N LYS B 39 -4.01 -40.07 -16.55
CA LYS B 39 -5.23 -39.37 -16.98
C LYS B 39 -6.04 -38.89 -15.78
N GLY B 40 -5.48 -39.03 -14.58
CA GLY B 40 -6.09 -38.53 -13.35
C GLY B 40 -7.11 -39.48 -12.75
N GLN B 41 -7.08 -40.72 -13.23
CA GLN B 41 -7.89 -41.83 -12.72
C GLN B 41 -7.18 -42.49 -11.52
N ILE B 42 -7.95 -42.98 -10.55
CA ILE B 42 -7.37 -43.81 -9.48
C ILE B 42 -6.89 -45.16 -10.03
N LYS B 43 -5.66 -45.51 -9.71
CA LYS B 43 -5.14 -46.85 -9.96
C LYS B 43 -5.42 -47.69 -8.72
N GLU B 44 -6.57 -48.35 -8.71
CA GLU B 44 -7.04 -49.08 -7.53
C GLU B 44 -6.08 -50.18 -7.03
N GLU B 45 -5.35 -50.81 -7.94
CA GLU B 45 -4.43 -51.88 -7.56
C GLU B 45 -3.33 -51.38 -6.62
N MET B 46 -3.10 -50.07 -6.62
CA MET B 46 -2.04 -49.47 -5.80
C MET B 46 -2.51 -49.20 -4.38
N GLY B 47 -3.82 -49.19 -4.17
CA GLY B 47 -4.39 -48.95 -2.84
C GLY B 47 -4.08 -47.58 -2.24
N THR B 48 -4.09 -47.54 -0.92
CA THR B 48 -3.91 -46.32 -0.15
C THR B 48 -2.57 -46.40 0.57
N HIS B 49 -1.63 -45.58 0.11
CA HIS B 49 -0.32 -45.51 0.72
C HIS B 49 -0.29 -44.46 1.82
N LEU B 50 0.46 -44.74 2.88
CA LEU B 50 0.61 -43.79 3.97
C LEU B 50 1.22 -42.47 3.49
N TRP B 51 2.32 -42.57 2.72
CA TRP B 51 3.05 -41.37 2.32
C TRP B 51 2.18 -40.46 1.43
N ILE B 52 1.36 -41.08 0.59
CA ILE B 52 0.53 -40.32 -0.35
C ILE B 52 -0.61 -39.65 0.44
N THR B 53 -1.23 -40.41 1.34
CA THR B 53 -2.31 -39.89 2.16
C THR B 53 -1.83 -38.69 2.99
N ALA B 54 -0.69 -38.85 3.65
CA ALA B 54 -0.13 -37.78 4.48
C ALA B 54 0.24 -36.55 3.65
N ARG B 55 0.82 -36.76 2.47
CA ARG B 55 1.16 -35.67 1.55
C ARG B 55 -0.08 -34.89 1.12
N MET B 56 -1.15 -35.62 0.81
CA MET B 56 -2.38 -34.95 0.39
C MET B 56 -2.99 -34.16 1.53
N LEU B 57 -2.89 -34.68 2.76
CA LEU B 57 -3.39 -33.94 3.93
C LEU B 57 -2.67 -32.59 4.04
N HIS B 58 -1.34 -32.62 3.88
CA HIS B 58 -0.51 -31.42 3.80
C HIS B 58 -0.92 -30.48 2.65
N VAL B 59 -1.05 -31.03 1.45
CA VAL B 59 -1.41 -30.21 0.29
C VAL B 59 -2.73 -29.49 0.50
N TYR B 60 -3.74 -30.21 0.99
CA TYR B 60 -5.06 -29.57 1.14
C TYR B 60 -5.18 -28.65 2.37
N SER B 61 -4.21 -28.77 3.29
CA SER B 61 -4.10 -27.80 4.35
C SER B 61 -3.69 -26.44 3.77
N VAL B 62 -2.70 -26.47 2.88
CA VAL B 62 -2.26 -25.26 2.19
C VAL B 62 -3.42 -24.69 1.35
N ALA B 63 -4.11 -25.56 0.60
CA ALA B 63 -5.25 -25.10 -0.22
C ALA B 63 -6.36 -24.47 0.62
N ALA B 64 -6.63 -25.06 1.78
CA ALA B 64 -7.63 -24.54 2.73
C ALA B 64 -7.24 -23.15 3.20
N SER B 65 -5.98 -22.99 3.61
CA SER B 65 -5.48 -21.69 4.03
C SER B 65 -5.57 -20.64 2.92
N MET B 66 -5.46 -21.10 1.67
CA MET B 66 -5.60 -20.22 0.50
C MET B 66 -7.04 -19.85 0.17
N GLY B 67 -8.00 -20.39 0.91
CA GLY B 67 -9.41 -19.95 0.79
C GLY B 67 -10.14 -20.65 -0.33
N ARG B 68 -9.72 -21.87 -0.64
CA ARG B 68 -10.35 -22.65 -1.68
C ARG B 68 -11.46 -23.53 -1.07
N PRO B 69 -12.73 -23.30 -1.46
CA PRO B 69 -13.80 -24.24 -1.05
C PRO B 69 -13.49 -25.71 -1.40
N GLY B 70 -13.85 -26.61 -0.49
CA GLY B 70 -13.65 -28.05 -0.68
C GLY B 70 -12.36 -28.57 -0.07
N ALA B 71 -11.33 -27.71 0.00
CA ALA B 71 -10.04 -28.12 0.54
C ALA B 71 -10.13 -28.58 1.99
N TYR B 72 -10.90 -27.86 2.81
CA TYR B 72 -11.00 -28.21 4.23
C TYR B 72 -11.68 -29.56 4.39
N ASP B 73 -12.59 -29.90 3.46
CA ASP B 73 -13.22 -31.21 3.49
C ASP B 73 -12.19 -32.30 3.23
N LEU B 74 -11.21 -32.00 2.38
CA LEU B 74 -10.10 -32.94 2.16
C LEU B 74 -9.13 -33.03 3.35
N VAL B 75 -8.92 -31.92 4.06
CA VAL B 75 -8.17 -31.95 5.31
C VAL B 75 -8.88 -32.89 6.30
N ASP B 76 -10.18 -32.68 6.46
CA ASP B 76 -11.00 -33.52 7.33
C ASP B 76 -10.92 -34.99 6.93
N HIS B 77 -11.05 -35.26 5.63
CA HIS B 77 -10.90 -36.60 5.09
C HIS B 77 -9.55 -37.19 5.47
N GLY B 78 -8.50 -36.39 5.28
CA GLY B 78 -7.14 -36.82 5.61
C GLY B 78 -7.00 -37.17 7.09
N ILE B 79 -7.53 -36.33 7.97
CA ILE B 79 -7.40 -36.58 9.40
C ILE B 79 -8.19 -37.84 9.77
N LYS B 80 -9.40 -37.99 9.23
CA LYS B 80 -10.16 -39.21 9.46
C LYS B 80 -9.38 -40.45 9.00
N ALA B 81 -8.69 -40.33 7.85
CA ALA B 81 -7.94 -41.45 7.28
C ALA B 81 -6.79 -41.83 8.21
N MET B 82 -6.17 -40.83 8.81
CA MET B 82 -5.05 -41.09 9.74
C MET B 82 -5.52 -41.71 11.06
N ASN B 83 -6.81 -41.61 11.34
CA ASN B 83 -7.39 -42.24 12.52
C ASN B 83 -8.12 -43.56 12.16
N GLY B 84 -8.15 -43.90 10.87
CA GLY B 84 -8.89 -45.05 10.36
C GLY B 84 -8.06 -46.27 10.01
N ALA B 85 -8.31 -46.84 8.82
CA ALA B 85 -7.69 -48.10 8.38
C ALA B 85 -6.16 -48.09 8.39
N LEU B 86 -5.58 -46.94 8.04
CA LEU B 86 -4.12 -46.75 8.06
C LEU B 86 -3.50 -46.90 9.44
N ARG B 87 -4.28 -46.58 10.48
CA ARG B 87 -3.79 -46.63 11.85
C ARG B 87 -3.78 -48.07 12.36
N ASP B 88 -2.63 -48.51 12.85
CA ASP B 88 -2.48 -49.81 13.50
C ASP B 88 -2.98 -49.70 14.92
N LYS B 89 -4.17 -50.23 15.15
CA LYS B 89 -4.81 -50.12 16.46
C LYS B 89 -4.25 -51.12 17.49
N LYS B 90 -3.42 -52.05 17.05
CA LYS B 90 -2.75 -53.01 17.97
C LYS B 90 -1.36 -52.56 18.45
N TYR B 91 -0.48 -52.22 17.50
CA TYR B 91 0.92 -51.90 17.80
C TYR B 91 1.26 -50.40 17.71
N GLY B 92 0.32 -49.62 17.18
CA GLY B 92 0.54 -48.18 17.04
C GLY B 92 1.18 -47.79 15.72
N GLY B 93 1.25 -46.49 15.45
CA GLY B 93 1.74 -46.02 14.16
C GLY B 93 0.79 -46.40 13.04
N TRP B 94 1.29 -46.35 11.80
CA TRP B 94 0.46 -46.56 10.63
C TRP B 94 1.08 -47.58 9.68
N TYR B 95 0.23 -48.45 9.16
CA TYR B 95 0.62 -49.36 8.09
C TYR B 95 1.03 -48.59 6.83
N ALA B 96 1.90 -49.20 6.02
CA ALA B 96 2.43 -48.55 4.84
C ALA B 96 1.42 -48.49 3.70
N CYS B 97 0.60 -49.54 3.57
CA CYS B 97 -0.39 -49.56 2.50
C CYS B 97 -1.60 -50.39 2.90
N VAL B 98 -2.77 -49.77 2.74
CA VAL B 98 -4.05 -50.41 3.04
C VAL B 98 -5.02 -50.17 1.89
N ASN B 99 -6.22 -50.74 2.00
CA ASN B 99 -7.29 -50.46 1.06
C ASN B 99 -8.61 -50.84 1.74
N ASP B 100 -9.71 -50.73 0.99
CA ASP B 100 -11.06 -51.02 1.52
C ASP B 100 -11.18 -52.43 2.08
N GLN B 101 -10.34 -53.34 1.57
CA GLN B 101 -10.48 -54.75 1.93
C GLN B 101 -9.43 -55.24 2.95
N GLY B 102 -8.53 -54.36 3.38
CA GLY B 102 -7.54 -54.74 4.40
C GLY B 102 -6.16 -54.12 4.24
N VAL B 103 -5.19 -54.72 4.93
CA VAL B 103 -3.78 -54.23 4.92
C VAL B 103 -2.93 -55.01 3.93
N VAL B 104 -2.24 -54.27 3.05
CA VAL B 104 -1.36 -54.90 2.05
C VAL B 104 0.11 -54.86 2.48
N ASP B 105 0.51 -53.75 3.10
CA ASP B 105 1.86 -53.61 3.63
C ASP B 105 1.76 -53.07 5.04
N ALA B 106 1.97 -53.96 6.00
CA ALA B 106 1.86 -53.64 7.43
C ALA B 106 3.12 -53.10 8.06
N SER B 107 4.19 -52.96 7.27
CA SER B 107 5.46 -52.52 7.82
C SER B 107 5.37 -51.05 8.21
N LYS B 108 6.28 -50.65 9.10
CA LYS B 108 6.27 -49.32 9.69
C LYS B 108 7.48 -48.55 9.16
N GLN B 109 7.21 -47.75 8.13
CA GLN B 109 8.24 -47.11 7.34
C GLN B 109 8.53 -45.71 7.83
N GLY B 110 9.78 -45.48 8.25
CA GLY B 110 10.19 -44.18 8.77
C GLY B 110 9.95 -43.04 7.79
N TYR B 111 10.30 -43.27 6.53
CA TYR B 111 10.10 -42.27 5.48
C TYR B 111 8.64 -41.78 5.51
N GLN B 112 7.72 -42.75 5.59
CA GLN B 112 6.30 -42.44 5.50
C GLN B 112 5.77 -41.85 6.79
N HIS B 113 6.32 -42.28 7.94
CA HIS B 113 5.96 -41.68 9.23
C HIS B 113 6.39 -40.23 9.36
N PHE B 114 7.52 -39.85 8.75
CA PHE B 114 7.89 -38.43 8.73
C PHE B 114 6.91 -37.61 7.89
N PHE B 115 6.41 -38.19 6.81
CA PHE B 115 5.32 -37.54 6.10
C PHE B 115 4.04 -37.47 6.91
N ALA B 116 3.73 -38.50 7.69
CA ALA B 116 2.59 -38.43 8.60
C ALA B 116 2.75 -37.22 9.55
N LEU B 117 3.97 -37.04 10.06
CA LEU B 117 4.29 -35.92 10.94
C LEU B 117 4.08 -34.55 10.26
N LEU B 118 4.60 -34.43 9.03
CA LEU B 118 4.43 -33.21 8.24
C LEU B 118 2.94 -32.95 8.00
N GLY B 119 2.21 -33.98 7.59
CA GLY B 119 0.77 -33.83 7.33
C GLY B 119 0.01 -33.31 8.55
N ALA B 120 0.28 -33.91 9.70
CA ALA B 120 -0.39 -33.48 10.94
C ALA B 120 -0.01 -32.05 11.31
N ALA B 121 1.28 -31.70 11.20
CA ALA B 121 1.75 -30.35 11.55
C ALA B 121 1.11 -29.31 10.63
N SER B 122 1.10 -29.60 9.33
CA SER B 122 0.46 -28.69 8.38
C SER B 122 -1.04 -28.62 8.65
N ALA B 123 -1.67 -29.75 8.98
CA ALA B 123 -3.11 -29.71 9.29
C ALA B 123 -3.42 -28.80 10.50
N VAL B 124 -2.51 -28.76 11.46
CA VAL B 124 -2.69 -27.90 12.65
C VAL B 124 -2.89 -26.44 12.23
N THR B 125 -2.22 -26.02 11.17
CA THR B 125 -2.31 -24.60 10.75
C THR B 125 -3.69 -24.22 10.23
N THR B 126 -4.51 -25.22 9.90
CA THR B 126 -5.89 -24.96 9.43
C THR B 126 -6.85 -24.71 10.59
N GLY B 127 -6.45 -25.08 11.81
CA GLY B 127 -7.36 -24.99 12.96
C GLY B 127 -8.38 -26.12 13.06
N HIS B 128 -8.27 -27.12 12.18
CA HIS B 128 -9.15 -28.30 12.29
C HIS B 128 -9.11 -28.81 13.73
N PRO B 129 -10.30 -28.97 14.37
CA PRO B 129 -10.32 -29.32 15.81
C PRO B 129 -9.66 -30.66 16.20
N GLU B 130 -9.39 -31.52 15.21
CA GLU B 130 -8.75 -32.80 15.52
CA GLU B 130 -8.76 -32.81 15.48
C GLU B 130 -7.27 -32.87 15.12
N ALA B 131 -6.76 -31.78 14.53
CA ALA B 131 -5.38 -31.80 14.01
C ALA B 131 -4.30 -31.88 15.09
N ARG B 132 -4.47 -31.14 16.19
CA ARG B 132 -3.46 -31.10 17.24
C ARG B 132 -3.39 -32.46 17.97
N LYS B 133 -4.54 -33.08 18.16
CA LYS B 133 -4.59 -34.44 18.71
C LYS B 133 -3.81 -35.40 17.83
N LEU B 134 -4.00 -35.30 16.52
CA LEU B 134 -3.25 -36.14 15.59
C LEU B 134 -1.75 -35.84 15.67
N LEU B 135 -1.40 -34.57 15.68
CA LEU B 135 0.03 -34.21 15.81
C LEU B 135 0.63 -34.80 17.09
N ASP B 136 -0.07 -34.65 18.22
CA ASP B 136 0.46 -35.13 19.50
C ASP B 136 0.71 -36.64 19.45
N TYR B 137 -0.25 -37.36 18.87
CA TYR B 137 -0.11 -38.81 18.73
C TYR B 137 1.06 -39.16 17.81
N THR B 138 1.16 -38.46 16.68
CA THR B 138 2.27 -38.72 15.74
C THR B 138 3.62 -38.48 16.41
N ILE B 139 3.73 -37.43 17.21
CA ILE B 139 4.96 -37.13 17.94
C ILE B 139 5.33 -38.30 18.84
N GLU B 140 4.34 -38.86 19.53
CA GLU B 140 4.60 -40.01 20.39
C GLU B 140 5.14 -41.22 19.61
N VAL B 141 4.58 -41.49 18.44
CA VAL B 141 5.09 -42.60 17.61
C VAL B 141 6.54 -42.32 17.15
N ILE B 142 6.79 -41.10 16.68
CA ILE B 142 8.12 -40.71 16.20
C ILE B 142 9.17 -40.85 17.30
N GLU B 143 8.86 -40.37 18.50
CA GLU B 143 9.85 -40.38 19.56
C GLU B 143 10.09 -41.78 20.10
N LYS B 144 9.06 -42.61 20.03
CA LYS B 144 9.20 -43.98 20.50
C LYS B 144 10.04 -44.81 19.53
N TYR B 145 9.80 -44.66 18.22
CA TYR B 145 10.40 -45.61 17.26
C TYR B 145 11.27 -45.04 16.14
N PHE B 146 11.20 -43.73 15.89
CA PHE B 146 11.87 -43.20 14.70
C PHE B 146 12.94 -42.14 14.91
N TRP B 147 12.86 -41.41 16.02
CA TRP B 147 13.99 -40.63 16.50
C TRP B 147 14.77 -41.47 17.52
N SER B 148 16.04 -41.69 17.24
CA SER B 148 16.92 -42.44 18.13
C SER B 148 17.66 -41.50 19.06
N GLU B 149 17.37 -41.58 20.35
CA GLU B 149 18.10 -40.81 21.34
C GLU B 149 19.58 -41.25 21.41
N GLU B 150 19.84 -42.54 21.22
CA GLU B 150 21.21 -43.09 21.22
C GLU B 150 22.06 -42.57 20.05
N GLU B 151 21.50 -42.62 18.85
CA GLU B 151 22.25 -42.23 17.64
C GLU B 151 22.14 -40.73 17.35
N GLN B 152 21.15 -40.08 17.97
CA GLN B 152 20.79 -38.70 17.63
C GLN B 152 20.60 -38.52 16.11
N MET B 153 19.86 -39.47 15.55
CA MET B 153 19.52 -39.51 14.11
C MET B 153 18.23 -40.32 14.00
N CYS B 154 17.65 -40.35 12.80
CA CYS B 154 16.42 -41.11 12.59
C CYS B 154 16.69 -42.55 12.17
N LEU B 155 15.92 -43.46 12.75
CA LEU B 155 15.91 -44.85 12.31
C LEU B 155 15.17 -44.96 10.97
N GLU B 156 15.23 -46.11 10.32
CA GLU B 156 14.64 -46.23 8.99
C GLU B 156 13.27 -46.90 8.96
N SER B 157 13.17 -48.13 9.44
CA SER B 157 11.89 -48.85 9.38
C SER B 157 11.82 -49.97 10.40
N TRP B 158 10.61 -50.43 10.67
CA TRP B 158 10.35 -51.57 11.55
C TRP B 158 9.32 -52.48 10.90
N ASP B 159 9.28 -53.72 11.40
CA ASP B 159 8.17 -54.60 11.12
C ASP B 159 6.92 -54.04 11.78
N GLU B 160 5.78 -54.56 11.36
CA GLU B 160 4.47 -54.22 11.92
C GLU B 160 4.45 -54.10 13.44
N ALA B 161 5.00 -55.11 14.11
CA ALA B 161 4.96 -55.23 15.57
C ALA B 161 6.04 -54.44 16.34
N PHE B 162 6.82 -53.61 15.63
CA PHE B 162 7.91 -52.83 16.21
C PHE B 162 8.84 -53.71 17.05
N SER B 163 9.20 -54.87 16.51
CA SER B 163 10.07 -55.82 17.24
C SER B 163 11.50 -55.79 16.73
N GLN B 164 11.67 -55.45 15.45
CA GLN B 164 12.94 -55.49 14.77
C GLN B 164 13.08 -54.27 13.86
N THR B 165 14.06 -53.41 14.12
CA THR B 165 14.32 -52.28 13.20
C THR B 165 15.23 -52.70 12.02
N GLU B 166 15.12 -51.99 10.90
CA GLU B 166 15.93 -52.32 9.71
C GLU B 166 17.42 -52.04 9.91
N ASP B 167 18.27 -52.94 9.42
CA ASP B 167 19.72 -52.81 9.52
C ASP B 167 20.25 -51.91 8.39
N TYR B 168 19.79 -50.65 8.40
CA TYR B 168 20.06 -49.68 7.36
C TYR B 168 19.73 -48.32 7.97
N ARG B 169 20.46 -47.29 7.54
CA ARG B 169 20.12 -45.93 7.93
C ARG B 169 20.14 -45.11 6.65
N GLY B 170 19.13 -44.25 6.50
CA GLY B 170 18.88 -43.58 5.22
C GLY B 170 18.89 -42.07 5.28
N GLY B 171 19.66 -41.45 4.39
CA GLY B 171 19.64 -40.01 4.26
C GLY B 171 18.29 -39.50 3.82
N ASN B 172 17.56 -40.32 3.06
CA ASN B 172 16.30 -39.88 2.45
C ASN B 172 15.21 -39.68 3.52
N ALA B 173 15.00 -40.71 4.35
CA ALA B 173 14.06 -40.58 5.46
C ALA B 173 14.48 -39.46 6.42
N ASN B 174 15.79 -39.36 6.69
CA ASN B 174 16.30 -38.29 7.56
C ASN B 174 16.08 -36.89 6.96
N MET B 175 16.16 -36.78 5.63
CA MET B 175 15.85 -35.52 4.92
C MET B 175 14.42 -35.11 5.16
N HIS B 176 13.49 -36.06 5.00
CA HIS B 176 12.07 -35.72 5.19
C HIS B 176 11.72 -35.54 6.66
N ALA B 177 12.56 -36.10 7.55
CA ALA B 177 12.45 -35.80 8.96
C ALA B 177 12.76 -34.33 9.20
N VAL B 178 13.85 -33.83 8.61
CA VAL B 178 14.18 -32.41 8.70
C VAL B 178 13.00 -31.55 8.23
N GLU B 179 12.47 -31.85 7.06
CA GLU B 179 11.29 -31.16 6.53
C GLU B 179 10.13 -31.12 7.53
N ALA B 180 9.78 -32.29 8.06
CA ALA B 180 8.66 -32.40 9.00
C ALA B 180 8.98 -31.66 10.29
N PHE B 181 10.21 -31.85 10.80
CA PHE B 181 10.63 -31.21 12.06
C PHE B 181 10.54 -29.69 12.01
N LEU B 182 10.81 -29.11 10.84
CA LEU B 182 10.70 -27.64 10.67
C LEU B 182 9.26 -27.18 10.97
N ILE B 183 8.30 -27.91 10.42
CA ILE B 183 6.90 -27.54 10.59
C ILE B 183 6.36 -27.84 11.98
N VAL B 184 6.79 -28.97 12.55
CA VAL B 184 6.44 -29.26 13.94
C VAL B 184 6.98 -28.13 14.84
N TYR B 185 8.20 -27.68 14.58
CA TYR B 185 8.77 -26.58 15.35
C TYR B 185 7.91 -25.33 15.20
N ASP B 186 7.44 -25.08 13.97
CA ASP B 186 6.63 -23.89 13.69
C ASP B 186 5.30 -23.88 14.45
N VAL B 187 4.78 -25.06 14.76
CA VAL B 187 3.51 -25.16 15.48
C VAL B 187 3.65 -25.60 16.94
N THR B 188 4.87 -25.62 17.47
CA THR B 188 5.12 -26.00 18.87
C THR B 188 6.13 -25.08 19.56
N HIS B 189 7.22 -24.74 18.86
CA HIS B 189 8.43 -24.19 19.55
C HIS B 189 8.98 -25.02 20.68
N ASP B 190 8.87 -26.33 20.53
CA ASP B 190 9.60 -27.25 21.35
C ASP B 190 10.95 -27.26 20.63
N LYS B 191 11.96 -26.69 21.29
CA LYS B 191 13.27 -26.42 20.67
C LYS B 191 13.92 -27.65 20.06
N LYS B 192 13.64 -28.81 20.67
CA LYS B 192 14.22 -30.06 20.27
C LYS B 192 14.01 -30.34 18.78
N TRP B 193 12.90 -29.88 18.21
CA TRP B 193 12.60 -30.15 16.79
C TRP B 193 13.61 -29.47 15.84
N LEU B 194 13.90 -28.20 16.11
CA LEU B 194 14.94 -27.50 15.33
C LEU B 194 16.33 -28.04 15.64
N ASP B 195 16.61 -28.32 16.92
CA ASP B 195 17.90 -28.93 17.31
C ASP B 195 18.14 -30.24 16.57
N ARG B 196 17.12 -31.09 16.53
CA ARG B 196 17.16 -32.35 15.79
C ARG B 196 17.42 -32.16 14.32
N ALA B 197 16.69 -31.21 13.71
CA ALA B 197 16.88 -30.86 12.30
C ALA B 197 18.34 -30.46 11.98
N LEU B 198 18.89 -29.59 12.81
CA LEU B 198 20.27 -29.11 12.61
CA LEU B 198 20.28 -29.12 12.66
C LEU B 198 21.27 -30.25 12.76
N ARG B 199 21.06 -31.10 13.77
CA ARG B 199 21.89 -32.26 14.02
C ARG B 199 21.90 -33.17 12.78
N ILE B 200 20.73 -33.50 12.25
CA ILE B 200 20.63 -34.40 11.09
C ILE B 200 21.38 -33.84 9.90
N ALA B 201 21.13 -32.56 9.61
CA ALA B 201 21.83 -31.90 8.51
C ALA B 201 23.35 -31.84 8.72
N SER B 202 23.78 -31.61 9.95
CA SER B 202 25.23 -31.59 10.24
C SER B 202 25.91 -32.92 9.91
N VAL B 203 25.19 -34.01 10.12
CA VAL B 203 25.75 -35.34 9.86
C VAL B 203 25.70 -35.70 8.36
N ILE B 204 24.52 -35.60 7.77
CA ILE B 204 24.32 -36.04 6.38
C ILE B 204 25.03 -35.08 5.43
N ILE B 205 24.90 -33.78 5.68
CA ILE B 205 25.41 -32.78 4.75
C ILE B 205 26.76 -32.23 5.15
N HIS B 206 26.83 -31.65 6.35
CA HIS B 206 28.05 -30.91 6.68
C HIS B 206 29.26 -31.82 6.86
N ASP B 207 29.01 -33.03 7.36
CA ASP B 207 30.07 -34.01 7.44
C ASP B 207 30.22 -34.75 6.10
N VAL B 208 29.30 -35.65 5.79
CA VAL B 208 29.50 -36.60 4.69
C VAL B 208 29.45 -35.96 3.29
N ALA B 209 28.32 -35.34 2.94
CA ALA B 209 28.17 -34.77 1.61
C ALA B 209 29.24 -33.71 1.30
N ARG B 210 29.49 -32.80 2.24
CA ARG B 210 30.47 -31.74 2.02
C ARG B 210 31.86 -32.31 1.67
N ASN B 211 32.22 -33.41 2.30
CA ASN B 211 33.54 -34.03 2.08
C ASN B 211 33.65 -34.86 0.79
N GLY B 212 32.52 -34.99 0.08
CA GLY B 212 32.48 -35.66 -1.22
C GLY B 212 31.99 -34.74 -2.32
N ASP B 213 32.48 -33.50 -2.34
CA ASP B 213 32.15 -32.52 -3.39
C ASP B 213 30.64 -32.28 -3.47
N TYR B 214 29.99 -32.38 -2.31
CA TYR B 214 28.55 -32.17 -2.16
C TYR B 214 27.65 -33.22 -2.84
N ARG B 215 28.23 -34.40 -3.11
CA ARG B 215 27.45 -35.54 -3.57
C ARG B 215 26.92 -36.25 -2.32
N VAL B 216 25.62 -36.18 -2.11
CA VAL B 216 25.04 -36.70 -0.87
C VAL B 216 25.04 -38.22 -0.85
N ASN B 217 25.65 -38.79 0.19
CA ASN B 217 25.51 -40.20 0.44
C ASN B 217 24.20 -40.48 1.16
N GLU B 218 23.39 -41.37 0.59
CA GLU B 218 22.09 -41.71 1.17
C GLU B 218 22.05 -43.01 1.97
N HIS B 219 22.93 -43.98 1.64
CA HIS B 219 22.84 -45.32 2.21
C HIS B 219 23.94 -45.57 3.23
N PHE B 220 23.53 -45.93 4.44
CA PHE B 220 24.44 -46.18 5.54
C PHE B 220 24.09 -47.49 6.22
N ASP B 221 25.09 -48.08 6.90
CA ASP B 221 24.81 -49.21 7.78
C ASP B 221 24.32 -48.70 9.12
N SER B 222 24.08 -49.61 10.06
CA SER B 222 23.52 -49.22 11.36
C SER B 222 24.47 -48.38 12.23
N GLN B 223 25.75 -48.36 11.88
CA GLN B 223 26.73 -47.53 12.59
C GLN B 223 27.00 -46.22 11.87
N TRP B 224 26.15 -45.91 10.88
CA TRP B 224 26.27 -44.71 10.06
C TRP B 224 27.56 -44.63 9.24
N ASN B 225 28.03 -45.78 8.80
CA ASN B 225 29.08 -45.83 7.78
C ASN B 225 28.43 -45.93 6.39
N PRO B 226 28.83 -45.05 5.45
CA PRO B 226 28.29 -45.13 4.10
C PRO B 226 28.43 -46.52 3.46
N ILE B 227 27.37 -46.95 2.78
CA ILE B 227 27.43 -48.12 1.90
C ILE B 227 27.39 -47.61 0.47
N ARG B 228 28.58 -47.38 -0.09
CA ARG B 228 28.69 -46.72 -1.39
C ARG B 228 28.04 -47.49 -2.55
N ASP B 229 28.08 -48.82 -2.48
CA ASP B 229 27.55 -49.62 -3.57
C ASP B 229 26.14 -50.16 -3.33
N TYR B 230 25.43 -49.56 -2.37
CA TYR B 230 24.07 -49.99 -2.03
C TYR B 230 23.16 -49.87 -3.25
N ASN B 231 22.38 -50.92 -3.50
CA ASN B 231 21.51 -51.01 -4.67
C ASN B 231 22.16 -50.93 -6.05
N LYS B 232 23.43 -51.34 -6.16
CA LYS B 232 24.12 -51.30 -7.45
C LYS B 232 23.39 -52.10 -8.52
N ASP B 233 22.70 -53.17 -8.12
CA ASP B 233 21.91 -53.96 -9.07
C ASP B 233 20.41 -53.62 -9.13
N ASN B 234 20.01 -52.55 -8.43
CA ASN B 234 18.67 -51.98 -8.58
C ASN B 234 18.81 -50.45 -8.63
N PRO B 235 19.57 -49.94 -9.62
CA PRO B 235 19.94 -48.53 -9.57
C PRO B 235 18.77 -47.54 -9.68
N ALA B 236 17.67 -47.93 -10.35
CA ALA B 236 16.55 -46.99 -10.59
C ALA B 236 15.44 -47.11 -9.54
N HIS B 237 15.81 -47.56 -8.36
CA HIS B 237 14.89 -47.66 -7.21
C HIS B 237 14.27 -46.29 -6.96
N ARG B 238 12.97 -46.28 -6.63
CA ARG B 238 12.21 -45.04 -6.44
C ARG B 238 12.63 -44.20 -5.23
N PHE B 239 13.18 -44.86 -4.21
CA PHE B 239 13.47 -44.18 -2.93
C PHE B 239 14.91 -44.37 -2.47
N ARG B 240 15.56 -45.41 -2.98
CA ARG B 240 16.94 -45.70 -2.62
C ARG B 240 17.76 -45.97 -3.89
N ALA B 241 17.88 -44.97 -4.75
CA ALA B 241 18.63 -45.16 -6.00
C ALA B 241 20.12 -45.41 -5.69
N TYR B 242 20.77 -46.19 -6.55
CA TYR B 242 22.22 -46.35 -6.46
C TYR B 242 22.93 -45.00 -6.65
N GLY B 243 23.99 -44.78 -5.88
CA GLY B 243 24.84 -43.59 -6.06
C GLY B 243 24.21 -42.34 -5.50
N GLY B 244 24.38 -41.22 -6.19
CA GLY B 244 23.80 -39.95 -5.75
C GLY B 244 22.53 -39.65 -6.50
N THR B 245 21.53 -39.08 -5.81
CA THR B 245 20.36 -38.59 -6.56
C THR B 245 20.27 -37.09 -6.41
N PRO B 246 20.79 -36.38 -7.42
CA PRO B 246 20.98 -34.94 -7.37
C PRO B 246 19.74 -34.14 -6.97
N GLY B 247 18.55 -34.59 -7.39
CA GLY B 247 17.31 -33.97 -6.91
C GLY B 247 17.24 -33.85 -5.40
N ALA B 248 17.71 -34.89 -4.69
CA ALA B 248 17.77 -34.85 -3.23
C ALA B 248 18.79 -33.84 -2.71
N TRP B 249 19.94 -33.74 -3.39
CA TRP B 249 20.98 -32.77 -2.99
C TRP B 249 20.39 -31.37 -2.95
N ILE B 250 19.72 -31.00 -4.04
CA ILE B 250 19.17 -29.66 -4.14
C ILE B 250 18.00 -29.43 -3.15
N GLU B 251 17.19 -30.47 -2.90
CA GLU B 251 16.14 -30.39 -1.89
C GLU B 251 16.71 -30.14 -0.49
N TRP B 252 17.76 -30.88 -0.14
CA TRP B 252 18.50 -30.65 1.12
C TRP B 252 18.91 -29.19 1.25
N GLY B 253 19.41 -28.63 0.14
CA GLY B 253 19.81 -27.22 0.10
C GLY B 253 18.70 -26.28 0.57
N ARG B 254 17.49 -26.42 0.03
CA ARG B 254 16.38 -25.58 0.47
C ARG B 254 16.03 -25.78 1.95
N LEU B 255 15.96 -27.04 2.38
CA LEU B 255 15.65 -27.34 3.79
C LEU B 255 16.63 -26.66 4.74
N MET B 256 17.91 -26.62 4.37
CA MET B 256 18.91 -25.95 5.20
C MET B 256 18.70 -24.44 5.27
N LEU B 257 18.14 -23.87 4.20
CA LEU B 257 17.79 -22.45 4.19
C LEU B 257 16.53 -22.13 5.01
N HIS B 258 15.55 -23.04 5.02
CA HIS B 258 14.44 -22.89 5.98
C HIS B 258 14.97 -22.92 7.44
N LEU B 259 15.97 -23.77 7.68
CA LEU B 259 16.57 -23.84 9.02
C LEU B 259 17.28 -22.54 9.36
N HIS B 260 18.06 -22.02 8.42
CA HIS B 260 18.74 -20.73 8.55
C HIS B 260 17.72 -19.67 8.93
N ALA B 261 16.63 -19.60 8.17
CA ALA B 261 15.61 -18.56 8.37
C ALA B 261 14.90 -18.70 9.72
N ALA B 262 14.70 -19.95 10.18
CA ALA B 262 14.02 -20.18 11.46
C ALA B 262 14.90 -19.66 12.61
N LEU B 263 16.20 -19.89 12.49
CA LEU B 263 17.16 -19.32 13.45
C LEU B 263 17.15 -17.77 13.43
N GLU B 264 17.21 -17.17 12.24
CA GLU B 264 17.11 -15.72 12.11
C GLU B 264 15.84 -15.17 12.77
N ALA B 265 14.76 -15.94 12.65
CA ALA B 265 13.44 -15.50 13.11
C ALA B 265 13.36 -15.40 14.63
N ARG B 266 14.27 -16.09 15.34
CA ARG B 266 14.36 -15.93 16.79
C ARG B 266 15.59 -15.11 17.19
N PHE B 267 16.03 -14.26 16.27
CA PHE B 267 17.11 -13.29 16.50
C PHE B 267 18.43 -13.96 16.85
N GLU B 268 18.63 -15.14 16.27
CA GLU B 268 19.85 -15.90 16.45
C GLU B 268 20.61 -15.91 15.12
N THR B 269 21.93 -15.71 15.18
CA THR B 269 22.76 -15.75 13.99
C THR B 269 22.93 -17.22 13.63
N PRO B 270 22.45 -17.63 12.44
CA PRO B 270 22.60 -19.04 12.08
C PRO B 270 24.06 -19.37 11.82
N PRO B 271 24.45 -20.64 12.01
CA PRO B 271 25.82 -21.06 11.66
C PRO B 271 26.04 -20.86 10.16
N ALA B 272 27.26 -20.46 9.77
CA ALA B 272 27.54 -20.12 8.38
C ALA B 272 27.42 -21.30 7.41
N TRP B 273 27.60 -22.52 7.93
CA TRP B 273 27.62 -23.69 7.05
C TRP B 273 26.28 -23.99 6.40
N LEU B 274 25.19 -23.50 6.97
CA LEU B 274 23.88 -23.78 6.35
C LEU B 274 23.80 -23.18 4.93
N LEU B 275 24.17 -21.91 4.82
CA LEU B 275 24.17 -21.23 3.52
C LEU B 275 25.34 -21.73 2.64
N GLU B 276 26.50 -21.91 3.24
CA GLU B 276 27.67 -22.40 2.50
C GLU B 276 27.33 -23.74 1.84
N ASP B 277 26.81 -24.69 2.63
CA ASP B 277 26.49 -26.04 2.13
C ASP B 277 25.30 -26.03 1.16
N ALA B 278 24.34 -25.13 1.38
CA ALA B 278 23.22 -25.01 0.44
C ALA B 278 23.71 -24.55 -0.94
N LYS B 279 24.63 -23.57 -0.97
CA LYS B 279 25.27 -23.14 -2.21
C LYS B 279 26.01 -24.32 -2.85
N GLY B 280 26.76 -25.06 -2.02
CA GLY B 280 27.53 -26.22 -2.46
C GLY B 280 26.68 -27.30 -3.12
N LEU B 281 25.55 -27.61 -2.49
CA LEU B 281 24.62 -28.63 -3.01
C LEU B 281 23.99 -28.19 -4.33
N PHE B 282 23.57 -26.92 -4.38
CA PHE B 282 22.98 -26.34 -5.60
C PHE B 282 23.98 -26.46 -6.76
N HIS B 283 25.19 -25.94 -6.54
CA HIS B 283 26.27 -25.97 -7.54
CA HIS B 283 26.13 -25.96 -7.63
C HIS B 283 26.59 -27.38 -8.00
N ALA B 284 26.69 -28.28 -7.01
CA ALA B 284 26.98 -29.70 -7.31
C ALA B 284 25.88 -30.32 -8.19
N THR B 285 24.63 -29.99 -7.90
CA THR B 285 23.50 -30.55 -8.67
C THR B 285 23.56 -30.13 -10.15
N ILE B 286 23.84 -28.87 -10.41
CA ILE B 286 23.98 -28.40 -11.79
C ILE B 286 25.22 -29.03 -12.46
N ARG B 287 26.34 -28.99 -11.75
CA ARG B 287 27.62 -29.57 -12.20
C ARG B 287 27.45 -30.98 -12.77
N ASP B 288 26.89 -31.87 -11.97
CA ASP B 288 26.78 -33.28 -12.34
C ASP B 288 25.51 -33.59 -13.15
N ALA B 289 24.40 -32.94 -12.81
CA ALA B 289 23.09 -33.45 -13.26
C ALA B 289 22.31 -32.64 -14.28
N TRP B 290 22.66 -31.36 -14.44
CA TRP B 290 21.95 -30.55 -15.42
C TRP B 290 22.51 -30.77 -16.82
N ALA B 291 21.65 -31.23 -17.73
CA ALA B 291 22.03 -31.36 -19.16
C ALA B 291 23.43 -31.97 -19.35
N PRO B 292 23.68 -33.15 -18.76
CA PRO B 292 25.05 -33.67 -18.84
C PRO B 292 25.28 -34.56 -20.07
N ASP B 293 24.23 -34.78 -20.85
CA ASP B 293 24.22 -35.87 -21.83
C ASP B 293 23.65 -35.47 -23.18
N GLY B 294 23.69 -34.17 -23.48
CA GLY B 294 23.30 -33.68 -24.79
C GLY B 294 21.89 -33.15 -24.94
N ALA B 295 21.13 -33.15 -23.85
CA ALA B 295 19.78 -32.61 -23.84
C ALA B 295 19.53 -31.94 -22.50
N ASP B 296 18.63 -30.96 -22.46
CA ASP B 296 18.29 -30.30 -21.21
C ASP B 296 17.64 -31.24 -20.19
N GLY B 297 17.61 -30.81 -18.93
CA GLY B 297 16.98 -31.61 -17.88
C GLY B 297 17.94 -32.12 -16.82
N PHE B 298 17.35 -32.49 -15.68
CA PHE B 298 18.11 -33.12 -14.60
C PHE B 298 17.98 -34.62 -14.64
N VAL B 299 19.11 -35.31 -14.76
CA VAL B 299 19.14 -36.77 -14.66
C VAL B 299 18.75 -37.23 -13.25
N TYR B 300 18.38 -38.50 -13.14
CA TYR B 300 17.89 -39.04 -11.88
C TYR B 300 19.00 -39.40 -10.90
N SER B 301 20.07 -40.00 -11.40
CA SER B 301 21.13 -40.43 -10.51
C SER B 301 22.48 -40.36 -11.20
N VAL B 302 23.52 -40.24 -10.37
CA VAL B 302 24.90 -40.22 -10.84
C VAL B 302 25.75 -41.14 -9.96
N ASP B 303 26.89 -41.59 -10.49
CA ASP B 303 27.84 -42.38 -9.74
CA ASP B 303 27.80 -42.39 -9.68
C ASP B 303 28.68 -41.42 -8.88
N TRP B 304 29.61 -41.95 -8.10
CA TRP B 304 30.42 -41.13 -7.19
C TRP B 304 31.48 -40.25 -7.88
N ASP B 305 31.57 -40.34 -9.20
CA ASP B 305 32.44 -39.48 -9.97
C ASP B 305 31.60 -38.44 -10.75
N GLY B 306 30.28 -38.44 -10.49
CA GLY B 306 29.36 -37.50 -11.11
C GLY B 306 28.81 -37.91 -12.46
N LYS B 307 29.21 -39.08 -12.95
CA LYS B 307 28.71 -39.59 -14.23
C LYS B 307 27.28 -40.09 -14.10
N PRO B 308 26.38 -39.68 -15.02
CA PRO B 308 24.98 -40.15 -14.94
C PRO B 308 24.84 -41.66 -15.00
N ILE B 309 23.85 -42.17 -14.27
CA ILE B 309 23.49 -43.58 -14.30
C ILE B 309 22.07 -43.71 -14.85
N VAL B 310 21.08 -43.29 -14.06
CA VAL B 310 19.72 -43.23 -14.57
C VAL B 310 19.49 -41.84 -15.16
N ARG B 311 19.33 -41.80 -16.48
CA ARG B 311 19.27 -40.55 -17.23
C ARG B 311 17.85 -40.01 -17.38
N GLU B 312 16.86 -40.80 -16.97
CA GLU B 312 15.47 -40.32 -17.03
C GLU B 312 15.33 -39.01 -16.24
N ARG B 313 14.53 -38.09 -16.78
CA ARG B 313 14.18 -36.85 -16.10
C ARG B 313 12.87 -37.07 -15.36
N VAL B 314 13.00 -37.34 -14.07
CA VAL B 314 11.84 -37.46 -13.18
C VAL B 314 11.36 -36.03 -12.82
N ARG B 315 10.08 -35.87 -12.50
CA ARG B 315 9.54 -34.53 -12.27
C ARG B 315 10.13 -33.82 -11.06
N TRP B 316 10.20 -34.50 -9.93
CA TRP B 316 10.47 -33.80 -8.67
C TRP B 316 11.87 -33.14 -8.59
N PRO B 317 12.93 -33.76 -9.18
CA PRO B 317 14.24 -33.08 -9.08
C PRO B 317 14.26 -31.66 -9.60
N ILE B 318 13.66 -31.42 -10.76
CA ILE B 318 13.71 -30.04 -11.28
C ILE B 318 12.77 -29.11 -10.51
N VAL B 319 11.67 -29.66 -10.04
CA VAL B 319 10.75 -28.90 -9.19
C VAL B 319 11.46 -28.43 -7.91
N GLU B 320 12.21 -29.35 -7.30
CA GLU B 320 12.99 -29.00 -6.11
C GLU B 320 14.10 -27.99 -6.44
N ALA B 321 14.74 -28.17 -7.58
CA ALA B 321 15.77 -27.21 -8.02
C ALA B 321 15.22 -25.79 -8.09
N MET B 322 14.01 -25.65 -8.62
CA MET B 322 13.35 -24.34 -8.72
C MET B 322 13.10 -23.74 -7.34
N GLY B 323 12.62 -24.56 -6.40
CA GLY B 323 12.43 -24.11 -5.01
C GLY B 323 13.72 -23.61 -4.38
N THR B 324 14.81 -24.34 -4.60
CA THR B 324 16.10 -24.02 -4.01
C THR B 324 16.68 -22.75 -4.67
N ALA B 325 16.49 -22.58 -5.97
CA ALA B 325 16.89 -21.34 -6.66
C ALA B 325 16.24 -20.14 -5.96
N TYR B 326 14.95 -20.26 -5.67
CA TYR B 326 14.26 -19.19 -4.97
C TYR B 326 14.86 -18.96 -3.60
N ALA B 327 15.05 -20.02 -2.82
CA ALA B 327 15.60 -19.88 -1.47
C ALA B 327 16.98 -19.22 -1.48
N LEU B 328 17.81 -19.62 -2.45
CA LEU B 328 19.16 -19.05 -2.58
C LEU B 328 19.16 -17.62 -3.06
N TYR B 329 18.27 -17.30 -4.01
CA TYR B 329 18.10 -15.93 -4.44
C TYR B 329 17.68 -15.06 -3.24
N THR B 330 16.79 -15.59 -2.41
CA THR B 330 16.27 -14.85 -1.26
C THR B 330 17.39 -14.49 -0.26
N LEU B 331 18.31 -15.41 -0.05
CA LEU B 331 19.38 -15.17 0.92
C LEU B 331 20.59 -14.41 0.34
N THR B 332 20.83 -14.56 -0.96
CA THR B 332 22.04 -14.03 -1.61
C THR B 332 21.81 -12.78 -2.46
N ASP B 333 20.58 -12.58 -2.93
CA ASP B 333 20.28 -11.50 -3.88
C ASP B 333 21.04 -11.65 -5.20
N ASP B 334 21.56 -12.85 -5.45
CA ASP B 334 22.31 -13.12 -6.67
C ASP B 334 21.37 -13.54 -7.78
N SER B 335 21.32 -12.72 -8.85
CA SER B 335 20.43 -12.95 -9.98
C SER B 335 20.67 -14.27 -10.71
N GLN B 336 21.86 -14.85 -10.56
CA GLN B 336 22.14 -16.14 -11.20
C GLN B 336 21.07 -17.16 -10.83
N TYR B 337 20.63 -17.14 -9.57
CA TYR B 337 19.61 -18.08 -9.09
C TYR B 337 18.26 -17.85 -9.76
N GLU B 338 17.91 -16.59 -9.95
CA GLU B 338 16.67 -16.26 -10.65
C GLU B 338 16.73 -16.71 -12.10
N GLU B 339 17.87 -16.49 -12.76
CA GLU B 339 18.05 -16.93 -14.14
C GLU B 339 17.86 -18.45 -14.27
N TRP B 340 18.39 -19.20 -13.31
CA TRP B 340 18.18 -20.67 -13.33
C TRP B 340 16.71 -21.03 -13.14
N TYR B 341 16.06 -20.38 -12.18
CA TYR B 341 14.63 -20.59 -11.94
C TYR B 341 13.78 -20.39 -13.22
N GLN B 342 14.09 -19.30 -13.93
CA GLN B 342 13.38 -18.97 -15.17
C GLN B 342 13.65 -20.01 -16.24
N LYS B 343 14.92 -20.38 -16.40
CA LYS B 343 15.32 -21.37 -17.38
C LYS B 343 14.55 -22.68 -17.12
N TRP B 344 14.48 -23.05 -15.85
CA TRP B 344 13.79 -24.28 -15.47
C TRP B 344 12.28 -24.20 -15.67
N TRP B 345 11.68 -23.05 -15.39
CA TRP B 345 10.26 -22.86 -15.72
C TRP B 345 9.98 -23.06 -17.21
N ASP B 346 10.85 -22.52 -18.06
CA ASP B 346 10.64 -22.67 -19.51
C ASP B 346 10.69 -24.14 -19.92
N TYR B 347 11.66 -24.85 -19.34
CA TYR B 347 11.79 -26.29 -19.57
C TYR B 347 10.53 -27.02 -19.09
N CYS B 348 10.03 -26.63 -17.92
CA CYS B 348 8.85 -27.29 -17.35
C CYS B 348 7.63 -27.14 -18.25
N ILE B 349 7.36 -25.93 -18.73
CA ILE B 349 6.17 -25.77 -19.57
C ILE B 349 6.33 -26.48 -20.92
N LYS B 350 7.59 -26.56 -21.39
CA LYS B 350 7.89 -27.16 -22.69
C LYS B 350 7.69 -28.66 -22.68
N TYR B 351 8.09 -29.30 -21.58
CA TYR B 351 8.17 -30.78 -21.53
C TYR B 351 7.33 -31.49 -20.48
N LEU B 352 7.14 -30.87 -19.31
CA LEU B 352 6.53 -31.56 -18.16
C LEU B 352 5.06 -31.24 -17.93
N MET B 353 4.67 -29.98 -18.12
CA MET B 353 3.29 -29.60 -17.87
C MET B 353 2.37 -30.28 -18.87
N ASP B 354 1.29 -30.86 -18.34
CA ASP B 354 0.35 -31.61 -19.17
C ASP B 354 -1.03 -30.98 -19.11
N TYR B 355 -1.26 -29.98 -19.95
CA TYR B 355 -2.54 -29.32 -19.97
C TYR B 355 -3.65 -30.22 -20.52
N GLU B 356 -3.30 -31.11 -21.42
CA GLU B 356 -4.28 -32.01 -22.03
C GLU B 356 -4.91 -32.99 -21.03
N ASN B 357 -4.08 -33.70 -20.26
CA ASN B 357 -4.56 -34.77 -19.36
C ASN B 357 -4.66 -34.34 -17.90
N GLY B 358 -3.95 -33.25 -17.56
CA GLY B 358 -3.94 -32.73 -16.19
C GLY B 358 -2.60 -32.89 -15.51
N SER B 359 -2.34 -32.03 -14.53
CA SER B 359 -1.08 -32.06 -13.78
C SER B 359 0.15 -31.94 -14.70
N TRP B 360 1.22 -32.64 -14.32
CA TRP B 360 2.47 -32.66 -15.07
C TRP B 360 2.84 -34.12 -15.26
N TRP B 361 3.57 -34.43 -16.32
CA TRP B 361 4.15 -35.75 -16.44
C TRP B 361 5.08 -36.03 -15.25
N GLN B 362 5.15 -37.29 -14.86
CA GLN B 362 6.01 -37.73 -13.76
C GLN B 362 7.44 -38.00 -14.21
N GLU B 363 7.61 -38.38 -15.48
CA GLU B 363 8.90 -38.85 -15.94
C GLU B 363 9.06 -38.80 -17.44
N LEU B 364 10.25 -38.37 -17.86
CA LEU B 364 10.63 -38.30 -19.28
C LEU B 364 11.88 -39.14 -19.51
N ASP B 365 12.12 -39.56 -20.74
CA ASP B 365 13.37 -40.27 -21.06
C ASP B 365 14.48 -39.25 -21.29
N ALA B 366 15.67 -39.70 -21.72
CA ALA B 366 16.83 -38.82 -21.91
C ALA B 366 16.68 -37.78 -23.04
N ASP B 367 15.66 -37.98 -23.90
CA ASP B 367 15.32 -37.03 -24.98
C ASP B 367 14.13 -36.14 -24.57
N ASN B 368 13.76 -36.19 -23.29
CA ASN B 368 12.65 -35.36 -22.76
C ASN B 368 11.25 -35.71 -23.30
N LYS B 369 11.09 -36.98 -23.62
CA LYS B 369 9.80 -37.51 -24.05
C LYS B 369 9.21 -38.38 -22.96
N VAL B 370 7.89 -38.31 -22.79
CA VAL B 370 7.22 -39.07 -21.75
CA VAL B 370 7.18 -39.08 -21.77
C VAL B 370 7.63 -40.55 -21.78
N THR B 371 7.92 -41.07 -20.60
CA THR B 371 8.34 -42.47 -20.47
C THR B 371 7.73 -43.08 -19.20
N THR B 372 7.76 -44.41 -19.12
CA THR B 372 7.41 -45.11 -17.90
C THR B 372 8.61 -45.99 -17.57
N LYS B 373 9.38 -45.61 -16.56
CA LYS B 373 10.52 -46.45 -16.17
C LYS B 373 10.69 -46.49 -14.66
N VAL B 374 11.06 -45.34 -14.10
CA VAL B 374 11.27 -45.22 -12.65
C VAL B 374 9.94 -45.30 -11.89
N TRP B 375 8.92 -44.69 -12.47
CA TRP B 375 7.63 -44.47 -11.83
C TRP B 375 6.46 -45.00 -12.66
N ASP B 376 5.23 -44.79 -12.21
CA ASP B 376 4.06 -45.30 -12.90
C ASP B 376 2.83 -44.45 -12.54
N GLY B 377 2.59 -43.38 -13.29
CA GLY B 377 1.43 -42.53 -13.02
C GLY B 377 1.82 -41.16 -12.47
N LYS B 378 0.81 -40.42 -12.00
CA LYS B 378 0.99 -39.03 -11.55
C LYS B 378 0.51 -38.91 -10.10
N GLN B 379 1.09 -39.72 -9.23
CA GLN B 379 0.57 -39.92 -7.88
C GLN B 379 0.87 -38.78 -6.90
N ASP B 380 1.68 -37.80 -7.31
CA ASP B 380 2.09 -36.73 -6.40
C ASP B 380 1.73 -35.35 -6.91
N ILE B 381 1.26 -34.50 -6.01
CA ILE B 381 1.20 -33.06 -6.29
C ILE B 381 1.94 -32.26 -5.20
N TYR B 382 2.30 -32.93 -4.11
CA TYR B 382 3.00 -32.27 -3.00
C TYR B 382 4.28 -31.53 -3.43
N HIS B 383 5.16 -32.14 -4.25
CA HIS B 383 6.40 -31.45 -4.62
C HIS B 383 6.12 -30.15 -5.34
N LEU B 384 5.03 -30.12 -6.11
CA LEU B 384 4.73 -28.95 -6.94
C LEU B 384 4.54 -27.66 -6.15
N LEU B 385 4.10 -27.78 -4.89
CA LEU B 385 3.97 -26.58 -4.04
C LEU B 385 5.32 -25.88 -3.82
N HIS B 386 6.41 -26.62 -4.02
CA HIS B 386 7.75 -26.09 -3.78
C HIS B 386 8.24 -25.18 -4.90
N CYS B 387 7.63 -25.30 -6.08
CA CYS B 387 7.92 -24.35 -7.14
C CYS B 387 6.76 -23.41 -7.43
N LEU B 388 5.59 -23.70 -6.84
CA LEU B 388 4.39 -22.89 -7.11
C LEU B 388 4.02 -21.97 -5.95
N VAL B 389 4.25 -22.43 -4.71
CA VAL B 389 3.82 -21.65 -3.54
C VAL B 389 5.01 -21.11 -2.75
N ILE B 390 6.02 -21.95 -2.57
CA ILE B 390 7.23 -21.50 -1.89
C ILE B 390 7.79 -20.15 -2.42
N PRO B 391 7.88 -19.97 -3.77
CA PRO B 391 8.38 -18.68 -4.28
C PRO B 391 7.52 -17.44 -3.98
N ARG B 392 6.37 -17.65 -3.33
CA ARG B 392 5.48 -16.54 -2.95
C ARG B 392 5.56 -16.20 -1.46
N LEU B 393 6.47 -16.88 -0.75
CA LEU B 393 6.51 -16.82 0.72
C LEU B 393 7.91 -16.55 1.25
N PRO B 394 7.99 -15.95 2.46
CA PRO B 394 9.28 -15.93 3.15
C PRO B 394 9.71 -17.37 3.45
N LEU B 395 10.96 -17.50 3.90
CA LEU B 395 11.49 -18.83 4.22
C LEU B 395 11.16 -19.29 5.64
N ALA B 396 10.79 -18.34 6.49
CA ALA B 396 10.26 -18.64 7.82
C ALA B 396 8.99 -17.81 8.04
N PRO B 397 7.96 -18.42 8.66
CA PRO B 397 7.88 -19.82 9.05
C PRO B 397 7.70 -20.64 7.77
N GLY B 398 7.57 -21.96 7.91
CA GLY B 398 7.49 -22.85 6.77
C GLY B 398 6.22 -22.73 5.96
N LEU B 399 6.15 -23.52 4.90
CA LEU B 399 5.08 -23.47 3.90
C LEU B 399 3.65 -23.33 4.43
N ALA B 400 3.13 -24.36 5.09
CA ALA B 400 1.74 -24.28 5.56
C ALA B 400 1.55 -23.16 6.61
N PRO B 401 2.43 -23.08 7.64
CA PRO B 401 2.30 -21.95 8.60
C PRO B 401 2.29 -20.56 7.92
N ALA B 402 3.19 -20.36 6.95
CA ALA B 402 3.27 -19.06 6.29
C ALA B 402 2.02 -18.75 5.46
N VAL B 403 1.47 -19.76 4.78
CA VAL B 403 0.22 -19.51 4.04
C VAL B 403 -0.92 -19.18 5.02
N ALA B 404 -1.02 -19.94 6.11
CA ALA B 404 -2.06 -19.67 7.11
C ALA B 404 -1.92 -18.30 7.77
N ALA B 405 -0.68 -17.81 7.86
CA ALA B 405 -0.36 -16.51 8.46
C ALA B 405 -0.70 -15.33 7.53
N GLY B 406 -1.07 -15.62 6.30
CA GLY B 406 -1.43 -14.59 5.32
C GLY B 406 -0.25 -14.02 4.57
N LEU B 407 0.85 -14.76 4.53
CA LEU B 407 2.10 -14.20 3.98
C LEU B 407 2.26 -14.34 2.47
N LEU B 408 1.28 -14.92 1.79
CA LEU B 408 1.39 -15.00 0.31
C LEU B 408 1.62 -13.60 -0.29
N ASP B 409 2.63 -13.51 -1.14
CA ASP B 409 2.98 -12.28 -1.88
C ASP B 409 3.42 -11.13 -0.99
N ILE B 410 3.72 -11.41 0.27
CA ILE B 410 4.17 -10.36 1.21
C ILE B 410 5.39 -9.59 0.71
N ASN B 411 6.31 -10.28 0.02
CA ASN B 411 7.53 -9.65 -0.50
C ASN B 411 7.38 -9.05 -1.90
N ALA B 412 6.19 -9.18 -2.49
CA ALA B 412 5.94 -8.66 -3.82
C ALA B 412 5.50 -7.20 -3.72
N LYS B 413 6.43 -6.35 -3.26
CA LYS B 413 6.14 -4.94 -2.96
C LYS B 413 7.19 -3.98 -3.52
N HIS B 417 10.93 0.04 -10.30
CA HIS B 417 12.18 0.13 -11.04
C HIS B 417 13.10 -1.07 -10.81
N HIS B 418 12.62 -2.29 -11.00
CA HIS B 418 13.58 -3.37 -10.69
C HIS B 418 14.71 -3.63 -11.71
N HIS B 419 14.74 -2.84 -12.79
CA HIS B 419 15.86 -2.91 -13.74
C HIS B 419 17.06 -2.07 -13.32
N HIS B 420 16.91 -1.27 -12.27
CA HIS B 420 18.05 -0.47 -11.79
C HIS B 420 17.95 -0.13 -10.31
N HIS B 421 19.06 0.35 -9.75
CA HIS B 421 19.13 0.71 -8.33
C HIS B 421 18.96 2.20 -8.08
N MET C 1 -18.88 5.67 -14.87
CA MET C 1 -18.33 4.30 -14.62
C MET C 1 -16.81 4.31 -14.79
N LYS C 2 -16.10 3.86 -13.75
CA LYS C 2 -14.63 3.86 -13.76
CA LYS C 2 -14.62 3.87 -13.77
C LYS C 2 -14.04 2.49 -14.05
N TRP C 3 -13.23 2.40 -15.11
CA TRP C 3 -12.49 1.19 -15.43
C TRP C 3 -11.00 1.45 -15.40
N PHE C 4 -10.57 2.54 -16.03
CA PHE C 4 -9.13 2.87 -16.06
C PHE C 4 -8.58 2.89 -14.64
N ASN C 5 -7.40 2.31 -14.46
CA ASN C 5 -6.71 2.33 -13.16
C ASN C 5 -7.53 1.68 -12.06
N THR C 6 -8.31 0.66 -12.42
CA THR C 6 -8.99 -0.18 -11.43
C THR C 6 -8.44 -1.58 -11.53
N LEU C 7 -8.14 -2.19 -10.39
CA LEU C 7 -7.62 -3.55 -10.41
C LEU C 7 -8.62 -4.54 -10.99
N SER C 8 -9.93 -4.31 -10.79
CA SER C 8 -10.92 -5.25 -11.35
C SER C 8 -10.82 -5.29 -12.87
N HIS C 9 -10.81 -4.12 -13.51
CA HIS C 9 -10.73 -4.07 -14.97
C HIS C 9 -9.37 -4.63 -15.40
N ASN C 10 -8.29 -4.21 -14.72
CA ASN C 10 -6.94 -4.66 -15.12
C ASN C 10 -6.74 -6.18 -15.00
N ARG C 11 -7.39 -6.80 -14.02
CA ARG C 11 -7.35 -8.27 -13.92
C ARG C 11 -8.03 -8.89 -15.15
N TRP C 12 -9.17 -8.36 -15.55
CA TRP C 12 -9.86 -8.86 -16.74
C TRP C 12 -8.88 -8.73 -17.94
N LEU C 13 -8.23 -7.57 -18.06
CA LEU C 13 -7.28 -7.35 -19.16
C LEU C 13 -6.18 -8.40 -19.17
N GLU C 14 -5.63 -8.68 -17.98
CA GLU C 14 -4.54 -9.65 -17.90
C GLU C 14 -4.99 -11.03 -18.35
N GLN C 15 -6.20 -11.41 -17.95
CA GLN C 15 -6.72 -12.75 -18.27
C GLN C 15 -6.93 -12.90 -19.77
N GLU C 16 -7.47 -11.85 -20.41
CA GLU C 16 -7.55 -11.82 -21.86
C GLU C 16 -6.14 -11.81 -22.50
N THR C 17 -5.21 -11.11 -21.87
CA THR C 17 -3.83 -11.08 -22.41
C THR C 17 -3.24 -12.48 -22.47
N ASP C 18 -3.46 -13.28 -21.43
CA ASP C 18 -2.97 -14.66 -21.43
C ASP C 18 -3.61 -15.51 -22.54
N ARG C 19 -4.89 -15.31 -22.81
CA ARG C 19 -5.57 -16.01 -23.91
C ARG C 19 -4.90 -15.66 -25.24
N ILE C 20 -4.56 -14.39 -25.41
CA ILE C 20 -3.91 -13.93 -26.62
C ILE C 20 -2.48 -14.47 -26.73
N PHE C 21 -1.71 -14.39 -25.64
CA PHE C 21 -0.37 -15.01 -25.63
C PHE C 21 -0.44 -16.48 -26.09
N ASN C 22 -1.44 -17.20 -25.56
CA ASN C 22 -1.56 -18.62 -25.89
C ASN C 22 -1.81 -18.82 -27.38
N PHE C 23 -2.61 -17.96 -27.99
CA PHE C 23 -2.96 -18.11 -29.39
C PHE C 23 -1.70 -17.98 -30.26
N GLY C 24 -0.83 -17.05 -29.90
CA GLY C 24 0.32 -16.74 -30.74
C GLY C 24 1.36 -17.85 -30.75
N LYS C 25 1.31 -18.71 -29.73
CA LYS C 25 2.33 -19.76 -29.57
C LYS C 25 2.39 -20.75 -30.73
N ASN C 26 1.25 -20.97 -31.38
CA ASN C 26 1.26 -21.93 -32.48
CA ASN C 26 1.14 -21.89 -32.49
C ASN C 26 1.84 -21.38 -33.77
N ALA C 27 2.31 -20.13 -33.72
CA ALA C 27 2.94 -19.52 -34.89
C ALA C 27 4.39 -19.96 -35.09
N VAL C 28 4.98 -20.62 -34.09
CA VAL C 28 6.38 -21.00 -34.15
C VAL C 28 6.66 -21.93 -35.32
N VAL C 29 7.61 -21.53 -36.16
CA VAL C 29 8.06 -22.37 -37.27
C VAL C 29 9.58 -22.32 -37.31
N PRO C 30 10.23 -23.29 -37.97
CA PRO C 30 11.71 -23.32 -37.93
C PRO C 30 12.38 -21.98 -38.29
N THR C 31 11.78 -21.21 -39.21
CA THR C 31 12.39 -19.97 -39.72
C THR C 31 11.93 -18.69 -39.00
N GLY C 32 11.09 -18.83 -37.98
CA GLY C 32 10.61 -17.68 -37.20
C GLY C 32 9.17 -17.88 -36.77
N PHE C 33 8.30 -16.96 -37.16
CA PHE C 33 6.86 -17.08 -36.85
C PHE C 33 6.03 -17.03 -38.12
N GLY C 34 5.14 -18.02 -38.26
CA GLY C 34 4.30 -18.12 -39.43
C GLY C 34 3.01 -17.34 -39.26
N TRP C 35 2.11 -17.52 -40.22
CA TRP C 35 0.92 -16.70 -40.36
C TRP C 35 -0.30 -17.50 -39.89
N LEU C 36 -0.86 -17.13 -38.75
CA LEU C 36 -1.99 -17.92 -38.22
C LEU C 36 -3.33 -17.62 -38.90
N GLY C 37 -4.13 -18.66 -39.11
CA GLY C 37 -5.47 -18.50 -39.69
C GLY C 37 -6.56 -18.39 -38.63
N ASN C 38 -7.81 -18.45 -39.09
CA ASN C 38 -8.98 -18.20 -38.24
C ASN C 38 -9.15 -19.19 -37.09
N LYS C 39 -8.53 -20.36 -37.23
CA LYS C 39 -8.65 -21.38 -36.21
C LYS C 39 -7.30 -21.68 -35.54
N GLY C 40 -6.35 -20.76 -35.67
CA GLY C 40 -5.07 -20.85 -34.96
C GLY C 40 -4.03 -21.77 -35.59
N GLN C 41 -4.29 -22.16 -36.83
CA GLN C 41 -3.42 -23.02 -37.63
C GLN C 41 -2.48 -22.17 -38.47
N ILE C 42 -1.29 -22.69 -38.76
CA ILE C 42 -0.36 -22.00 -39.67
C ILE C 42 -0.86 -22.09 -41.11
N LYS C 43 -0.90 -20.95 -41.80
CA LYS C 43 -1.15 -20.90 -43.23
C LYS C 43 0.20 -20.97 -43.92
N GLU C 44 0.62 -22.19 -44.25
CA GLU C 44 1.96 -22.44 -44.78
C GLU C 44 2.27 -21.62 -46.03
N GLU C 45 1.27 -21.44 -46.88
CA GLU C 45 1.46 -20.71 -48.14
C GLU C 45 1.89 -19.25 -47.95
N MET C 46 1.64 -18.69 -46.76
CA MET C 46 2.06 -17.30 -46.46
C MET C 46 3.54 -17.12 -46.09
N GLY C 47 4.22 -18.21 -45.72
CA GLY C 47 5.63 -18.16 -45.36
C GLY C 47 5.92 -17.46 -44.04
N THR C 48 7.18 -17.09 -43.85
CA THR C 48 7.66 -16.44 -42.65
C THR C 48 7.97 -14.97 -42.95
N HIS C 49 7.11 -14.08 -42.46
CA HIS C 49 7.28 -12.65 -42.72
C HIS C 49 8.17 -11.99 -41.67
N LEU C 50 9.01 -11.08 -42.13
CA LEU C 50 9.83 -10.29 -41.22
C LEU C 50 8.94 -9.51 -40.21
N TRP C 51 7.90 -8.83 -40.68
CA TRP C 51 7.14 -7.98 -39.78
C TRP C 51 6.43 -8.83 -38.71
N ILE C 52 5.95 -9.99 -39.12
CA ILE C 52 5.25 -10.87 -38.17
C ILE C 52 6.25 -11.42 -37.15
N THR C 53 7.41 -11.86 -37.64
CA THR C 53 8.43 -12.42 -36.75
C THR C 53 8.93 -11.36 -35.75
N ALA C 54 9.22 -10.15 -36.23
CA ALA C 54 9.66 -9.07 -35.35
C ALA C 54 8.58 -8.68 -34.32
N ARG C 55 7.33 -8.67 -34.76
CA ARG C 55 6.22 -8.34 -33.85
C ARG C 55 6.07 -9.41 -32.76
N MET C 56 6.20 -10.67 -33.14
CA MET C 56 6.12 -11.75 -32.15
C MET C 56 7.28 -11.67 -31.15
N LEU C 57 8.48 -11.33 -31.63
CA LEU C 57 9.63 -11.15 -30.75
C LEU C 57 9.30 -10.10 -29.69
N HIS C 58 8.69 -8.99 -30.12
CA HIS C 58 8.22 -7.94 -29.20
C HIS C 58 7.13 -8.42 -28.22
N VAL C 59 6.12 -9.10 -28.75
CA VAL C 59 5.02 -9.58 -27.92
C VAL C 59 5.52 -10.51 -26.81
N TYR C 60 6.39 -11.45 -27.17
CA TYR C 60 6.87 -12.44 -26.20
C TYR C 60 7.93 -11.89 -25.24
N SER C 61 8.61 -10.82 -25.64
CA SER C 61 9.38 -10.01 -24.67
C SER C 61 8.50 -9.48 -23.53
N VAL C 62 7.35 -8.91 -23.88
CA VAL C 62 6.39 -8.43 -22.88
C VAL C 62 5.90 -9.60 -22.02
N ALA C 63 5.54 -10.71 -22.67
CA ALA C 63 5.05 -11.91 -21.94
C ALA C 63 6.11 -12.41 -20.96
N ALA C 64 7.36 -12.41 -21.40
CA ALA C 64 8.46 -12.88 -20.55
C ALA C 64 8.59 -12.00 -19.32
N SER C 65 8.55 -10.68 -19.51
CA SER C 65 8.65 -9.74 -18.39
C SER C 65 7.46 -9.89 -17.45
N MET C 66 6.34 -10.35 -17.99
CA MET C 66 5.12 -10.62 -17.18
C MET C 66 5.23 -11.94 -16.40
N GLY C 67 6.35 -12.64 -16.53
CA GLY C 67 6.61 -13.86 -15.75
C GLY C 67 5.90 -15.10 -16.24
N ARG C 68 5.65 -15.18 -17.55
CA ARG C 68 5.00 -16.35 -18.14
C ARG C 68 6.04 -17.36 -18.60
N PRO C 69 6.08 -18.56 -17.96
CA PRO C 69 6.95 -19.61 -18.49
C PRO C 69 6.73 -19.89 -20.00
N GLY C 70 7.83 -20.13 -20.71
CA GLY C 70 7.78 -20.40 -22.15
C GLY C 70 7.98 -19.17 -23.03
N ALA C 71 7.60 -17.99 -22.52
CA ALA C 71 7.70 -16.78 -23.34
C ALA C 71 9.15 -16.47 -23.68
N TYR C 72 10.07 -16.67 -22.74
CA TYR C 72 11.46 -16.37 -22.99
C TYR C 72 12.04 -17.28 -24.08
N ASP C 73 11.57 -18.53 -24.14
CA ASP C 73 11.95 -19.43 -25.24
C ASP C 73 11.50 -18.89 -26.60
N LEU C 74 10.34 -18.22 -26.64
CA LEU C 74 9.88 -17.58 -27.88
C LEU C 74 10.71 -16.34 -28.22
N VAL C 75 11.13 -15.59 -27.19
CA VAL C 75 12.08 -14.48 -27.39
C VAL C 75 13.37 -15.02 -28.02
N ASP C 76 13.87 -16.11 -27.46
CA ASP C 76 15.09 -16.74 -27.96
C ASP C 76 14.89 -17.21 -29.40
N HIS C 77 13.75 -17.84 -29.66
CA HIS C 77 13.41 -18.27 -31.02
C HIS C 77 13.40 -17.09 -31.97
N GLY C 78 12.77 -15.99 -31.54
CA GLY C 78 12.74 -14.79 -32.37
C GLY C 78 14.11 -14.22 -32.67
N ILE C 79 14.97 -14.15 -31.65
CA ILE C 79 16.33 -13.63 -31.83
C ILE C 79 17.11 -14.55 -32.80
N LYS C 80 16.95 -15.86 -32.65
CA LYS C 80 17.58 -16.80 -33.57
CA LYS C 80 17.58 -16.81 -33.55
C LYS C 80 17.12 -16.60 -35.00
N ALA C 81 15.82 -16.42 -35.18
CA ALA C 81 15.26 -16.15 -36.51
C ALA C 81 15.86 -14.90 -37.11
N MET C 82 16.04 -13.87 -36.28
CA MET C 82 16.62 -12.59 -36.73
C MET C 82 18.11 -12.72 -37.02
N ASN C 83 18.72 -13.79 -36.53
CA ASN C 83 20.13 -14.06 -36.81
C ASN C 83 20.30 -15.19 -37.85
N GLY C 84 19.18 -15.74 -38.31
CA GLY C 84 19.14 -16.92 -39.17
C GLY C 84 18.54 -16.71 -40.55
N ALA C 85 17.50 -17.47 -40.88
CA ALA C 85 16.98 -17.50 -42.25
C ALA C 85 16.47 -16.15 -42.77
N LEU C 86 15.96 -15.32 -41.86
CA LEU C 86 15.49 -14.00 -42.24
C LEU C 86 16.60 -13.02 -42.52
N ARG C 87 17.77 -13.24 -41.93
CA ARG C 87 18.88 -12.30 -42.10
C ARG C 87 19.53 -12.52 -43.46
N ASP C 88 19.69 -11.44 -44.20
CA ASP C 88 20.42 -11.53 -45.47
C ASP C 88 21.93 -11.56 -45.17
N LYS C 89 22.52 -12.75 -45.29
CA LYS C 89 23.94 -12.96 -44.92
C LYS C 89 24.89 -12.39 -45.95
N LYS C 90 24.35 -12.08 -47.12
CA LYS C 90 25.18 -11.52 -48.20
C LYS C 90 25.18 -9.99 -48.20
N TYR C 91 24.00 -9.38 -48.11
CA TYR C 91 23.89 -7.93 -48.27
C TYR C 91 23.45 -7.20 -46.99
N GLY C 92 23.07 -7.96 -45.96
CA GLY C 92 22.69 -7.37 -44.70
C GLY C 92 21.22 -7.03 -44.58
N GLY C 93 20.80 -6.66 -43.37
CA GLY C 93 19.37 -6.44 -43.12
C GLY C 93 18.62 -7.76 -43.22
N TRP C 94 17.30 -7.68 -43.43
CA TRP C 94 16.43 -8.87 -43.41
C TRP C 94 15.51 -8.93 -44.61
N TYR C 95 15.42 -10.10 -45.21
CA TYR C 95 14.46 -10.35 -46.27
C TYR C 95 13.05 -10.15 -45.74
N ALA C 96 12.16 -9.71 -46.62
CA ALA C 96 10.76 -9.49 -46.22
C ALA C 96 10.03 -10.80 -45.91
N CYS C 97 10.35 -11.87 -46.64
CA CYS C 97 9.63 -13.13 -46.44
C CYS C 97 10.51 -14.30 -46.87
N VAL C 98 10.55 -15.32 -46.03
CA VAL C 98 11.26 -16.56 -46.34
C VAL C 98 10.40 -17.77 -46.06
N ASN C 99 10.84 -18.92 -46.55
CA ASN C 99 10.27 -20.21 -46.13
C ASN C 99 11.40 -21.22 -46.00
N ASP C 100 11.06 -22.47 -45.72
CA ASP C 100 12.08 -23.50 -45.50
C ASP C 100 12.99 -23.70 -46.71
N GLN C 101 12.47 -23.39 -47.90
CA GLN C 101 13.21 -23.61 -49.15
C GLN C 101 14.08 -22.44 -49.59
N GLY C 102 13.82 -21.25 -49.07
CA GLY C 102 14.63 -20.10 -49.45
C GLY C 102 13.89 -18.79 -49.29
N VAL C 103 14.26 -17.81 -50.10
CA VAL C 103 13.70 -16.47 -49.98
C VAL C 103 12.48 -16.31 -50.88
N VAL C 104 11.38 -15.87 -50.28
CA VAL C 104 10.14 -15.59 -51.00
C VAL C 104 10.09 -14.16 -51.49
N ASP C 105 10.43 -13.22 -50.61
CA ASP C 105 10.46 -11.82 -50.93
C ASP C 105 11.76 -11.23 -50.39
N ALA C 106 12.67 -10.92 -51.29
CA ALA C 106 14.03 -10.54 -50.91
C ALA C 106 14.18 -9.04 -50.64
N SER C 107 13.11 -8.29 -50.87
CA SER C 107 13.15 -6.84 -50.74
C SER C 107 13.38 -6.43 -49.28
N LYS C 108 13.87 -5.20 -49.12
CA LYS C 108 14.26 -4.64 -47.82
C LYS C 108 13.29 -3.51 -47.50
N GLN C 109 12.26 -3.87 -46.73
CA GLN C 109 11.10 -3.02 -46.49
C GLN C 109 11.28 -2.21 -45.21
N GLY C 110 11.28 -0.87 -45.34
CA GLY C 110 11.44 0.02 -44.19
C GLY C 110 10.43 -0.26 -43.07
N TYR C 111 9.15 -0.35 -43.45
CA TYR C 111 8.07 -0.70 -42.51
C TYR C 111 8.52 -1.87 -41.64
N GLN C 112 9.04 -2.91 -42.29
CA GLN C 112 9.35 -4.15 -41.59
C GLN C 112 10.64 -4.04 -40.82
N HIS C 113 11.58 -3.26 -41.32
CA HIS C 113 12.83 -3.00 -40.59
C HIS C 113 12.60 -2.17 -39.32
N PHE C 114 11.59 -1.28 -39.34
CA PHE C 114 11.26 -0.57 -38.10
C PHE C 114 10.66 -1.52 -37.08
N PHE C 115 9.91 -2.52 -37.55
CA PHE C 115 9.48 -3.56 -36.60
C PHE C 115 10.61 -4.43 -36.06
N ALA C 116 11.61 -4.71 -36.91
CA ALA C 116 12.84 -5.37 -36.46
C ALA C 116 13.48 -4.53 -35.32
N LEU C 117 13.52 -3.21 -35.50
CA LEU C 117 14.05 -2.30 -34.48
C LEU C 117 13.26 -2.36 -33.17
N LEU C 118 11.93 -2.24 -33.26
CA LEU C 118 11.06 -2.43 -32.08
C LEU C 118 11.32 -3.78 -31.39
N GLY C 119 11.32 -4.85 -32.17
CA GLY C 119 11.46 -6.21 -31.64
C GLY C 119 12.78 -6.34 -30.89
N ALA C 120 13.86 -5.83 -31.50
CA ALA C 120 15.17 -5.90 -30.85
C ALA C 120 15.21 -5.04 -29.57
N ALA C 121 14.64 -3.83 -29.63
CA ALA C 121 14.60 -2.94 -28.44
C ALA C 121 13.78 -3.55 -27.31
N SER C 122 12.61 -4.11 -27.63
CA SER C 122 11.81 -4.78 -26.60
C SER C 122 12.53 -6.00 -26.05
N ALA C 123 13.22 -6.75 -26.91
CA ALA C 123 13.99 -7.91 -26.44
C ALA C 123 15.08 -7.51 -25.45
N VAL C 124 15.69 -6.35 -25.67
CA VAL C 124 16.72 -5.85 -24.76
C VAL C 124 16.21 -5.78 -23.33
N THR C 125 14.94 -5.41 -23.16
CA THR C 125 14.37 -5.27 -21.82
C THR C 125 14.26 -6.59 -21.05
N THR C 126 14.39 -7.74 -21.74
CA THR C 126 14.29 -9.06 -21.09
C THR C 126 15.64 -9.49 -20.56
N GLY C 127 16.70 -8.82 -21.03
CA GLY C 127 18.05 -9.20 -20.57
C GLY C 127 18.63 -10.38 -21.34
N HIS C 128 17.91 -10.85 -22.36
CA HIS C 128 18.42 -11.97 -23.18
C HIS C 128 19.84 -11.60 -23.65
N PRO C 129 20.82 -12.52 -23.45
CA PRO C 129 22.22 -12.18 -23.67
C PRO C 129 22.58 -11.80 -25.12
N GLU C 130 21.68 -12.10 -26.07
CA GLU C 130 21.94 -11.75 -27.48
C GLU C 130 21.15 -10.53 -27.96
N ALA C 131 20.29 -9.99 -27.10
CA ALA C 131 19.38 -8.91 -27.51
C ALA C 131 20.11 -7.60 -27.83
N ARG C 132 21.03 -7.16 -26.96
CA ARG C 132 21.76 -5.89 -27.21
C ARG C 132 22.55 -5.94 -28.52
N LYS C 133 23.20 -7.07 -28.78
CA LYS C 133 23.96 -7.26 -30.02
C LYS C 133 23.03 -7.10 -31.22
N LEU C 134 21.85 -7.70 -31.13
CA LEU C 134 20.83 -7.57 -32.18
C LEU C 134 20.38 -6.13 -32.36
N LEU C 135 20.12 -5.45 -31.24
CA LEU C 135 19.73 -4.04 -31.32
C LEU C 135 20.82 -3.18 -31.96
N ASP C 136 22.06 -3.39 -31.55
CA ASP C 136 23.21 -2.67 -32.13
C ASP C 136 23.26 -2.87 -33.65
N TYR C 137 23.10 -4.12 -34.08
CA TYR C 137 23.15 -4.40 -35.52
C TYR C 137 21.95 -3.74 -36.23
N THR C 138 20.77 -3.83 -35.63
CA THR C 138 19.59 -3.24 -36.25
C THR C 138 19.72 -1.72 -36.37
N ILE C 139 20.25 -1.07 -35.34
CA ILE C 139 20.50 0.37 -35.40
C ILE C 139 21.42 0.72 -36.57
N GLU C 140 22.46 -0.10 -36.77
CA GLU C 140 23.40 0.12 -37.84
C GLU C 140 22.69 0.07 -39.20
N VAL C 141 21.83 -0.94 -39.39
CA VAL C 141 21.07 -1.07 -40.65
C VAL C 141 20.13 0.13 -40.84
N ILE C 142 19.44 0.50 -39.76
CA ILE C 142 18.49 1.60 -39.82
C ILE C 142 19.18 2.92 -40.19
N GLU C 143 20.29 3.21 -39.52
CA GLU C 143 21.01 4.45 -39.83
C GLU C 143 21.66 4.43 -41.21
N LYS C 144 22.03 3.24 -41.70
CA LYS C 144 22.66 3.18 -43.03
C LYS C 144 21.62 3.37 -44.14
N TYR C 145 20.45 2.74 -43.99
CA TYR C 145 19.53 2.59 -45.11
C TYR C 145 18.12 3.18 -44.92
N PHE C 146 17.72 3.44 -43.69
CA PHE C 146 16.30 3.76 -43.47
C PHE C 146 16.01 5.09 -42.80
N TRP C 147 16.94 5.58 -41.97
CA TRP C 147 16.86 6.97 -41.52
C TRP C 147 17.74 7.79 -42.47
N SER C 148 17.14 8.76 -43.13
CA SER C 148 17.85 9.60 -44.07
C SER C 148 18.36 10.85 -43.37
N GLU C 149 19.67 11.01 -43.34
CA GLU C 149 20.22 12.22 -42.71
C GLU C 149 19.90 13.49 -43.51
N GLU C 150 19.86 13.38 -44.84
CA GLU C 150 19.53 14.55 -45.65
C GLU C 150 18.06 14.96 -45.53
N GLU C 151 17.16 13.98 -45.49
CA GLU C 151 15.71 14.26 -45.42
C GLU C 151 15.23 14.51 -44.00
N GLN C 152 16.01 14.00 -43.04
CA GLN C 152 15.59 13.96 -41.64
C GLN C 152 14.20 13.33 -41.55
N MET C 153 14.08 12.22 -42.26
CA MET C 153 12.85 11.41 -42.32
C MET C 153 13.30 10.00 -42.67
N CYS C 154 12.35 9.06 -42.61
CA CYS C 154 12.65 7.68 -43.00
C CYS C 154 12.35 7.38 -44.46
N LEU C 155 13.29 6.65 -45.09
CA LEU C 155 13.10 6.08 -46.42
C LEU C 155 12.08 4.93 -46.38
N GLU C 156 11.64 4.46 -47.54
CA GLU C 156 10.59 3.45 -47.57
C GLU C 156 11.10 2.03 -47.77
N SER C 157 11.83 1.78 -48.85
CA SER C 157 12.28 0.41 -49.14
C SER C 157 13.46 0.44 -50.09
N TRP C 158 14.16 -0.68 -50.14
CA TRP C 158 15.23 -0.93 -51.09
C TRP C 158 15.04 -2.34 -51.66
N ASP C 159 15.69 -2.61 -52.80
CA ASP C 159 15.84 -3.98 -53.29
C ASP C 159 16.79 -4.73 -52.35
N GLU C 160 16.83 -6.05 -52.51
CA GLU C 160 17.67 -6.94 -51.72
C GLU C 160 19.12 -6.43 -51.50
N ALA C 161 19.76 -5.98 -52.58
CA ALA C 161 21.19 -5.61 -52.49
C ALA C 161 21.41 -4.15 -52.11
N PHE C 162 20.34 -3.45 -51.74
CA PHE C 162 20.41 -2.02 -51.40
C PHE C 162 21.06 -1.19 -52.52
N SER C 163 20.65 -1.46 -53.77
CA SER C 163 21.19 -0.74 -54.92
CA SER C 163 21.17 -0.75 -54.93
C SER C 163 20.48 0.58 -55.20
N GLN C 164 19.18 0.63 -54.87
CA GLN C 164 18.40 1.85 -55.10
C GLN C 164 17.18 1.85 -54.18
N THR C 165 16.88 3.03 -53.65
CA THR C 165 15.74 3.18 -52.76
C THR C 165 14.48 3.48 -53.56
N GLU C 166 13.34 3.15 -52.96
CA GLU C 166 12.03 3.33 -53.60
C GLU C 166 11.73 4.80 -53.76
N ASP C 167 11.21 5.16 -54.94
CA ASP C 167 10.80 6.53 -55.25
C ASP C 167 9.42 6.87 -54.65
N TYR C 168 9.34 6.81 -53.32
CA TYR C 168 8.08 6.96 -52.59
C TYR C 168 8.49 7.16 -51.14
N ARG C 169 7.70 7.95 -50.42
CA ARG C 169 7.89 8.15 -48.98
C ARG C 169 6.53 7.95 -48.30
N GLY C 170 6.56 7.24 -47.18
CA GLY C 170 5.33 6.71 -46.56
C GLY C 170 5.15 7.17 -45.13
N GLY C 171 3.97 7.66 -44.82
CA GLY C 171 3.63 8.00 -43.45
C GLY C 171 3.58 6.77 -42.57
N ASN C 172 3.17 5.62 -43.12
CA ASN C 172 3.06 4.36 -42.36
C ASN C 172 4.40 3.87 -41.80
N ALA C 173 5.41 3.70 -42.67
CA ALA C 173 6.77 3.31 -42.21
C ALA C 173 7.31 4.31 -41.20
N ASN C 174 7.08 5.59 -41.48
CA ASN C 174 7.53 6.64 -40.58
C ASN C 174 6.82 6.60 -39.23
N MET C 175 5.53 6.23 -39.22
CA MET C 175 4.79 6.06 -37.97
C MET C 175 5.40 4.97 -37.11
N HIS C 176 5.64 3.83 -37.72
CA HIS C 176 6.28 2.74 -36.99
C HIS C 176 7.75 2.99 -36.60
N ALA C 177 8.42 3.88 -37.35
CA ALA C 177 9.74 4.37 -36.91
C ALA C 177 9.64 5.12 -35.59
N VAL C 178 8.67 6.02 -35.49
CA VAL C 178 8.40 6.74 -34.23
C VAL C 178 8.19 5.74 -33.09
N GLU C 179 7.33 4.75 -33.33
CA GLU C 179 7.05 3.69 -32.36
C GLU C 179 8.33 2.99 -31.89
N ALA C 180 9.16 2.56 -32.83
CA ALA C 180 10.43 1.90 -32.52
C ALA C 180 11.42 2.85 -31.84
N PHE C 181 11.56 4.07 -32.38
CA PHE C 181 12.48 5.06 -31.83
C PHE C 181 12.19 5.37 -30.35
N LEU C 182 10.92 5.40 -29.98
CA LEU C 182 10.54 5.61 -28.57
C LEU C 182 11.17 4.54 -27.66
N ILE C 183 11.06 3.30 -28.08
CA ILE C 183 11.60 2.20 -27.29
C ILE C 183 13.15 2.15 -27.34
N VAL C 184 13.72 2.49 -28.49
CA VAL C 184 15.20 2.57 -28.57
C VAL C 184 15.70 3.64 -27.60
N TYR C 185 14.98 4.76 -27.56
CA TYR C 185 15.28 5.81 -26.58
C TYR C 185 15.22 5.22 -25.15
N ASP C 186 14.19 4.44 -24.85
CA ASP C 186 14.08 3.86 -23.51
C ASP C 186 15.24 2.92 -23.14
N VAL C 187 15.88 2.31 -24.15
CA VAL C 187 16.97 1.39 -23.86
C VAL C 187 18.32 1.97 -24.24
N THR C 188 18.36 3.28 -24.46
CA THR C 188 19.62 3.99 -24.71
C THR C 188 19.76 5.27 -23.91
N HIS C 189 18.63 5.87 -23.53
CA HIS C 189 18.60 7.26 -23.02
C HIS C 189 19.50 8.18 -23.82
N ASP C 190 19.40 8.01 -25.14
CA ASP C 190 20.07 8.87 -26.08
C ASP C 190 18.99 9.71 -26.76
N LYS C 191 19.00 11.02 -26.50
CA LYS C 191 17.94 11.91 -27.01
C LYS C 191 17.82 11.94 -28.54
N LYS C 192 18.85 11.48 -29.25
CA LYS C 192 18.78 11.51 -30.72
C LYS C 192 17.56 10.73 -31.23
N TRP C 193 17.21 9.64 -30.55
CA TRP C 193 16.05 8.84 -30.98
C TRP C 193 14.72 9.60 -30.81
N LEU C 194 14.62 10.35 -29.72
CA LEU C 194 13.43 11.18 -29.45
C LEU C 194 13.41 12.44 -30.32
N ASP C 195 14.59 13.01 -30.61
CA ASP C 195 14.76 14.10 -31.58
C ASP C 195 14.20 13.67 -32.95
N ARG C 196 14.61 12.49 -33.38
CA ARG C 196 14.14 11.94 -34.65
C ARG C 196 12.63 11.73 -34.65
N ALA C 197 12.12 11.12 -33.58
CA ALA C 197 10.67 10.88 -33.47
C ALA C 197 9.87 12.19 -33.54
N LEU C 198 10.34 13.22 -32.81
CA LEU C 198 9.64 14.50 -32.80
C LEU C 198 9.71 15.14 -34.19
N ARG C 199 10.87 15.02 -34.83
CA ARG C 199 11.01 15.55 -36.20
C ARG C 199 9.99 14.88 -37.17
N ILE C 200 9.91 13.56 -37.12
CA ILE C 200 8.98 12.81 -37.99
C ILE C 200 7.55 13.28 -37.77
N ALA C 201 7.12 13.34 -36.50
CA ALA C 201 5.76 13.77 -36.17
C ALA C 201 5.51 15.21 -36.60
N SER C 202 6.55 16.06 -36.53
CA SER C 202 6.39 17.47 -36.86
C SER C 202 6.04 17.66 -38.33
N VAL C 203 6.60 16.79 -39.18
CA VAL C 203 6.34 16.85 -40.60
C VAL C 203 5.00 16.22 -40.97
N ILE C 204 4.78 14.98 -40.58
CA ILE C 204 3.61 14.25 -41.04
C ILE C 204 2.33 14.75 -40.35
N ILE C 205 2.43 15.05 -39.05
CA ILE C 205 1.26 15.44 -38.28
C ILE C 205 1.16 16.96 -38.12
N HIS C 206 2.18 17.57 -37.51
CA HIS C 206 2.03 18.98 -37.15
C HIS C 206 1.94 19.89 -38.37
N ASP C 207 2.63 19.53 -39.45
CA ASP C 207 2.50 20.25 -40.69
C ASP C 207 1.32 19.72 -41.53
N VAL C 208 1.49 18.56 -42.16
CA VAL C 208 0.57 18.13 -43.20
C VAL C 208 -0.81 17.75 -42.65
N ALA C 209 -0.85 16.90 -41.63
CA ALA C 209 -2.15 16.46 -41.08
C ALA C 209 -2.98 17.61 -40.51
N ARG C 210 -2.33 18.43 -39.68
CA ARG C 210 -3.02 19.50 -38.97
C ARG C 210 -3.66 20.48 -39.95
N ASN C 211 -2.94 20.76 -41.03
CA ASN C 211 -3.42 21.67 -42.06
C ASN C 211 -4.43 21.03 -43.00
N GLY C 212 -4.73 19.75 -42.76
CA GLY C 212 -5.73 19.02 -43.54
C GLY C 212 -6.84 18.45 -42.66
N ASP C 213 -7.30 19.23 -41.68
CA ASP C 213 -8.39 18.83 -40.77
C ASP C 213 -8.06 17.54 -40.02
N TYR C 214 -6.77 17.34 -39.76
CA TYR C 214 -6.29 16.15 -39.06
C TYR C 214 -6.48 14.84 -39.83
N ARG C 215 -6.70 14.93 -41.15
CA ARG C 215 -6.70 13.75 -42.01
C ARG C 215 -5.27 13.51 -42.45
N VAL C 216 -4.66 12.45 -41.91
CA VAL C 216 -3.25 12.22 -42.18
C VAL C 216 -3.01 11.80 -43.62
N ASN C 217 -2.10 12.50 -44.29
CA ASN C 217 -1.65 12.08 -45.61
C ASN C 217 -0.56 11.04 -45.46
N GLU C 218 -0.69 9.91 -46.15
CA GLU C 218 0.28 8.81 -46.03
CA GLU C 218 0.31 8.85 -45.99
C GLU C 218 1.26 8.70 -47.19
N HIS C 219 0.82 9.12 -48.38
CA HIS C 219 1.65 8.89 -49.58
C HIS C 219 2.32 10.18 -50.05
N PHE C 220 3.64 10.10 -50.16
CA PHE C 220 4.45 11.25 -50.53
C PHE C 220 5.43 10.90 -51.63
N ASP C 221 5.86 11.90 -52.40
CA ASP C 221 6.98 11.69 -53.34
C ASP C 221 8.31 11.81 -52.58
N SER C 222 9.44 11.70 -53.29
CA SER C 222 10.77 11.76 -52.65
C SER C 222 11.14 13.14 -52.07
N GLN C 223 10.39 14.18 -52.45
CA GLN C 223 10.60 15.51 -51.90
C GLN C 223 9.64 15.77 -50.73
N TRP C 224 8.95 14.72 -50.27
CA TRP C 224 7.98 14.83 -49.17
C TRP C 224 6.78 15.74 -49.50
N ASN C 225 6.40 15.75 -50.79
CA ASN C 225 5.13 16.32 -51.24
C ASN C 225 4.05 15.24 -51.29
N PRO C 226 2.85 15.50 -50.74
CA PRO C 226 1.75 14.54 -50.85
C PRO C 226 1.40 14.06 -52.27
N ILE C 227 1.09 12.76 -52.38
CA ILE C 227 0.49 12.18 -53.57
C ILE C 227 -0.92 11.76 -53.16
N ARG C 228 -1.88 12.65 -53.38
CA ARG C 228 -3.25 12.46 -52.89
C ARG C 228 -4.00 11.28 -53.54
N ASP C 229 -3.57 10.92 -54.74
CA ASP C 229 -4.26 9.94 -55.59
CA ASP C 229 -4.27 9.94 -55.57
C ASP C 229 -3.69 8.52 -55.49
N TYR C 230 -2.65 8.35 -54.69
CA TYR C 230 -1.93 7.09 -54.64
C TYR C 230 -2.83 5.89 -54.29
N ASN C 231 -2.70 4.82 -55.09
CA ASN C 231 -3.48 3.59 -54.92
C ASN C 231 -5.00 3.73 -55.10
N LYS C 232 -5.40 4.72 -55.91
CA LYS C 232 -6.81 4.89 -56.29
C LYS C 232 -7.39 3.57 -56.80
N ASP C 233 -6.58 2.82 -57.53
CA ASP C 233 -7.04 1.61 -58.20
C ASP C 233 -6.84 0.35 -57.36
N ASN C 234 -6.33 0.51 -56.14
CA ASN C 234 -6.15 -0.57 -55.18
C ASN C 234 -6.46 0.00 -53.78
N PRO C 235 -7.72 0.42 -53.56
CA PRO C 235 -8.08 1.22 -52.38
C PRO C 235 -7.95 0.47 -51.05
N ALA C 236 -8.16 -0.85 -51.07
CA ALA C 236 -8.15 -1.65 -49.86
C ALA C 236 -6.78 -2.29 -49.58
N HIS C 237 -5.73 -1.71 -50.15
CA HIS C 237 -4.37 -2.16 -49.89
C HIS C 237 -4.16 -2.28 -48.38
N ARG C 238 -3.47 -3.34 -47.96
CA ARG C 238 -3.27 -3.63 -46.54
C ARG C 238 -2.37 -2.62 -45.80
N PHE C 239 -1.45 -1.99 -46.52
CA PHE C 239 -0.48 -1.09 -45.88
C PHE C 239 -0.44 0.31 -46.48
N ARG C 240 -1.01 0.45 -47.67
CA ARG C 240 -1.04 1.74 -48.37
C ARG C 240 -2.41 2.01 -49.00
N ALA C 241 -3.43 2.06 -48.16
CA ALA C 241 -4.80 2.33 -48.60
C ALA C 241 -4.91 3.71 -49.29
N TYR C 242 -5.80 3.81 -50.28
CA TYR C 242 -6.05 5.10 -50.94
C TYR C 242 -6.73 6.04 -49.93
N GLY C 243 -6.38 7.33 -49.97
CA GLY C 243 -7.01 8.31 -49.08
C GLY C 243 -6.43 8.22 -47.67
N GLY C 244 -7.28 8.46 -46.68
CA GLY C 244 -6.88 8.47 -45.27
C GLY C 244 -7.28 7.18 -44.59
N THR C 245 -6.43 6.69 -43.69
CA THR C 245 -6.85 5.54 -42.88
C THR C 245 -6.90 5.91 -41.40
N PRO C 246 -8.12 6.19 -40.94
CA PRO C 246 -8.35 6.78 -39.61
C PRO C 246 -7.73 5.99 -38.46
N GLY C 247 -7.68 4.67 -38.57
CA GLY C 247 -6.96 3.87 -37.55
C GLY C 247 -5.53 4.36 -37.36
N ALA C 248 -4.89 4.73 -38.47
CA ALA C 248 -3.51 5.27 -38.42
C ALA C 248 -3.49 6.63 -37.73
N TRP C 249 -4.49 7.47 -37.99
CA TRP C 249 -4.57 8.81 -37.39
C TRP C 249 -4.57 8.70 -35.88
N ILE C 250 -5.40 7.82 -35.35
CA ILE C 250 -5.58 7.74 -33.92
C ILE C 250 -4.33 7.09 -33.27
N GLU C 251 -3.69 6.16 -34.01
CA GLU C 251 -2.43 5.54 -33.56
C GLU C 251 -1.31 6.60 -33.43
N TRP C 252 -1.21 7.48 -34.43
CA TRP C 252 -0.26 8.59 -34.36
C TRP C 252 -0.50 9.40 -33.09
N GLY C 253 -1.77 9.57 -32.72
CA GLY C 253 -2.12 10.35 -31.54
C GLY C 253 -1.51 9.78 -30.27
N ARG C 254 -1.65 8.47 -30.07
CA ARG C 254 -1.03 7.82 -28.90
C ARG C 254 0.49 7.99 -28.90
N LEU C 255 1.11 7.71 -30.04
CA LEU C 255 2.58 7.78 -30.16
C LEU C 255 3.10 9.15 -29.75
N MET C 256 2.41 10.21 -30.18
CA MET C 256 2.75 11.58 -29.79
C MET C 256 2.67 11.81 -28.29
N LEU C 257 1.76 11.10 -27.61
CA LEU C 257 1.62 11.22 -26.16
C LEU C 257 2.70 10.44 -25.41
N HIS C 258 3.12 9.29 -25.95
CA HIS C 258 4.33 8.65 -25.44
C HIS C 258 5.54 9.60 -25.54
N LEU C 259 5.62 10.33 -26.65
CA LEU C 259 6.71 11.29 -26.88
C LEU C 259 6.63 12.42 -25.85
N HIS C 260 5.43 12.96 -25.67
CA HIS C 260 5.15 13.98 -24.66
C HIS C 260 5.65 13.49 -23.30
N ALA C 261 5.23 12.28 -22.91
CA ALA C 261 5.54 11.74 -21.60
C ALA C 261 7.05 11.54 -21.41
N ALA C 262 7.71 11.10 -22.48
CA ALA C 262 9.16 10.91 -22.45
C ALA C 262 9.91 12.21 -22.13
N LEU C 263 9.45 13.31 -22.72
CA LEU C 263 10.05 14.64 -22.50
C LEU C 263 9.80 15.09 -21.08
N GLU C 264 8.56 14.91 -20.60
CA GLU C 264 8.21 15.29 -19.23
C GLU C 264 9.09 14.57 -18.22
N ALA C 265 9.38 13.30 -18.52
CA ALA C 265 10.12 12.42 -17.62
C ALA C 265 11.51 12.96 -17.29
N ARG C 266 12.11 13.70 -18.22
CA ARG C 266 13.44 14.28 -17.99
C ARG C 266 13.33 15.79 -17.75
N PHE C 267 12.15 16.22 -17.30
CA PHE C 267 11.92 17.61 -16.87
C PHE C 267 12.07 18.63 -17.99
N GLU C 268 11.73 18.19 -19.19
CA GLU C 268 11.69 19.07 -20.34
C GLU C 268 10.23 19.29 -20.72
N THR C 269 9.84 20.55 -20.86
CA THR C 269 8.47 20.90 -21.20
C THR C 269 8.20 20.48 -22.66
N PRO C 270 7.26 19.51 -22.87
CA PRO C 270 6.99 19.11 -24.25
C PRO C 270 6.32 20.24 -25.04
N PRO C 271 6.58 20.29 -26.37
CA PRO C 271 5.86 21.27 -27.19
C PRO C 271 4.36 21.01 -27.06
N ALA C 272 3.57 22.08 -26.98
CA ALA C 272 2.12 21.96 -26.72
C ALA C 272 1.42 21.22 -27.85
N TRP C 273 2.01 21.26 -29.04
CA TRP C 273 1.36 20.66 -30.19
C TRP C 273 1.23 19.15 -30.13
N LEU C 274 2.07 18.48 -29.34
CA LEU C 274 1.92 17.02 -29.22
C LEU C 274 0.53 16.64 -28.69
N LEU C 275 0.14 17.27 -27.57
CA LEU C 275 -1.16 17.05 -26.98
C LEU C 275 -2.29 17.62 -27.87
N GLU C 276 -2.10 18.83 -28.39
CA GLU C 276 -3.12 19.51 -29.21
C GLU C 276 -3.43 18.65 -30.42
N ASP C 277 -2.38 18.18 -31.08
CA ASP C 277 -2.54 17.37 -32.30
C ASP C 277 -3.06 15.95 -32.01
N ALA C 278 -2.69 15.38 -30.86
CA ALA C 278 -3.26 14.09 -30.44
C ALA C 278 -4.78 14.21 -30.28
N LYS C 279 -5.22 15.28 -29.62
CA LYS C 279 -6.65 15.61 -29.50
C LYS C 279 -7.31 15.71 -30.88
N GLY C 280 -6.69 16.50 -31.77
CA GLY C 280 -7.24 16.71 -33.11
C GLY C 280 -7.37 15.42 -33.91
N LEU C 281 -6.37 14.55 -33.80
CA LEU C 281 -6.37 13.26 -34.49
C LEU C 281 -7.48 12.37 -33.97
N PHE C 282 -7.63 12.34 -32.66
CA PHE C 282 -8.65 11.50 -32.02
C PHE C 282 -10.05 11.97 -32.46
N HIS C 283 -10.31 13.27 -32.33
CA HIS C 283 -11.57 13.87 -32.75
C HIS C 283 -11.89 13.63 -34.24
N ALA C 284 -10.89 13.84 -35.09
CA ALA C 284 -11.07 13.61 -36.53
C ALA C 284 -11.39 12.15 -36.87
N THR C 285 -10.76 11.23 -36.14
CA THR C 285 -11.01 9.80 -36.36
C THR C 285 -12.47 9.46 -36.05
N ILE C 286 -12.99 9.98 -34.94
CA ILE C 286 -14.39 9.72 -34.58
C ILE C 286 -15.31 10.43 -35.60
N ARG C 287 -14.96 11.68 -35.91
CA ARG C 287 -15.71 12.51 -36.86
C ARG C 287 -15.98 11.84 -38.20
N ASP C 288 -14.93 11.32 -38.84
CA ASP C 288 -15.05 10.74 -40.17
C ASP C 288 -15.38 9.26 -40.17
N ALA C 289 -14.85 8.53 -39.19
CA ALA C 289 -14.79 7.08 -39.29
C ALA C 289 -15.66 6.27 -38.30
N TRP C 290 -16.09 6.87 -37.19
CA TRP C 290 -16.91 6.12 -36.23
C TRP C 290 -18.37 6.11 -36.68
N ALA C 291 -18.93 4.90 -36.83
CA ALA C 291 -20.35 4.73 -37.18
C ALA C 291 -20.86 5.74 -38.22
N PRO C 292 -20.19 5.84 -39.40
CA PRO C 292 -20.59 6.90 -40.31
C PRO C 292 -21.74 6.48 -41.24
N ASP C 293 -22.07 5.19 -41.22
CA ASP C 293 -22.89 4.56 -42.25
C ASP C 293 -24.04 3.72 -41.66
N GLY C 294 -24.56 4.14 -40.51
CA GLY C 294 -25.73 3.51 -39.90
C GLY C 294 -25.49 2.27 -39.06
N ALA C 295 -24.22 1.94 -38.81
CA ALA C 295 -23.88 0.89 -37.86
C ALA C 295 -22.59 1.26 -37.12
N ASP C 296 -22.42 0.70 -35.93
CA ASP C 296 -21.22 0.95 -35.11
C ASP C 296 -19.93 0.45 -35.78
N GLY C 297 -18.81 0.99 -35.31
CA GLY C 297 -17.50 0.53 -35.75
C GLY C 297 -16.76 1.58 -36.54
N PHE C 298 -15.45 1.38 -36.70
CA PHE C 298 -14.63 2.29 -37.47
C PHE C 298 -14.43 1.75 -38.87
N VAL C 299 -14.76 2.56 -39.87
CA VAL C 299 -14.44 2.19 -41.26
C VAL C 299 -12.93 2.19 -41.46
N TYR C 300 -12.49 1.57 -42.55
CA TYR C 300 -11.06 1.39 -42.80
C TYR C 300 -10.42 2.64 -43.42
N SER C 301 -11.09 3.23 -44.40
CA SER C 301 -10.54 4.40 -45.10
C SER C 301 -11.59 5.42 -45.46
N VAL C 302 -11.15 6.66 -45.63
CA VAL C 302 -12.03 7.76 -46.01
C VAL C 302 -11.36 8.59 -47.10
N ASP C 303 -12.15 9.28 -47.92
CA ASP C 303 -11.57 10.22 -48.88
C ASP C 303 -11.20 11.55 -48.21
N TRP C 304 -10.69 12.51 -48.97
CA TRP C 304 -10.18 13.75 -48.36
C TRP C 304 -11.25 14.72 -47.82
N ASP C 305 -12.52 14.41 -48.11
CA ASP C 305 -13.65 15.14 -47.53
C ASP C 305 -14.25 14.37 -46.36
N GLY C 306 -13.61 13.26 -45.98
CA GLY C 306 -14.02 12.46 -44.83
C GLY C 306 -15.07 11.41 -45.09
N LYS C 307 -15.43 11.23 -46.36
CA LYS C 307 -16.44 10.26 -46.77
CA LYS C 307 -16.45 10.26 -46.74
C LYS C 307 -15.86 8.84 -46.81
N PRO C 308 -16.53 7.86 -46.16
CA PRO C 308 -15.97 6.49 -46.18
C PRO C 308 -15.71 5.95 -47.58
N ILE C 309 -14.61 5.23 -47.72
CA ILE C 309 -14.31 4.49 -48.95
C ILE C 309 -14.41 3.00 -48.67
N VAL C 310 -13.43 2.45 -47.96
CA VAL C 310 -13.48 1.03 -47.58
C VAL C 310 -14.19 0.91 -46.24
N ARG C 311 -15.36 0.29 -46.25
CA ARG C 311 -16.26 0.31 -45.09
C ARG C 311 -16.12 -0.88 -44.14
N GLU C 312 -15.28 -1.85 -44.49
CA GLU C 312 -14.98 -2.95 -43.55
C GLU C 312 -14.44 -2.43 -42.22
N ARG C 313 -14.80 -3.12 -41.16
CA ARG C 313 -14.29 -2.87 -39.81
C ARG C 313 -13.18 -3.86 -39.59
N VAL C 314 -11.96 -3.40 -39.78
CA VAL C 314 -10.76 -4.19 -39.50
C VAL C 314 -10.47 -4.08 -38.00
N ARG C 315 -9.80 -5.08 -37.44
CA ARG C 315 -9.60 -5.14 -36.00
CA ARG C 315 -9.59 -5.08 -36.04
C ARG C 315 -8.71 -4.01 -35.45
N TRP C 316 -7.56 -3.78 -36.08
CA TRP C 316 -6.55 -2.92 -35.45
C TRP C 316 -6.98 -1.45 -35.25
N PRO C 317 -7.76 -0.86 -36.20
CA PRO C 317 -8.17 0.54 -35.95
C PRO C 317 -8.89 0.77 -34.62
N ILE C 318 -9.86 -0.08 -34.27
CA ILE C 318 -10.59 0.15 -33.00
C ILE C 318 -9.68 -0.15 -31.79
N VAL C 319 -8.79 -1.14 -31.94
CA VAL C 319 -7.84 -1.48 -30.89
C VAL C 319 -6.93 -0.27 -30.60
N GLU C 320 -6.42 0.34 -31.67
CA GLU C 320 -5.59 1.53 -31.53
C GLU C 320 -6.39 2.69 -30.91
N ALA C 321 -7.64 2.84 -31.35
CA ALA C 321 -8.52 3.87 -30.79
C ALA C 321 -8.62 3.75 -29.27
N MET C 322 -8.75 2.52 -28.79
CA MET C 322 -8.85 2.24 -27.39
C MET C 322 -7.57 2.64 -26.67
N GLY C 323 -6.43 2.34 -27.28
CA GLY C 323 -5.15 2.71 -26.70
C GLY C 323 -5.05 4.21 -26.58
N THR C 324 -5.45 4.93 -27.63
CA THR C 324 -5.37 6.40 -27.63
C THR C 324 -6.33 7.06 -26.64
N ALA C 325 -7.53 6.48 -26.51
CA ALA C 325 -8.47 6.91 -25.48
C ALA C 325 -7.83 6.88 -24.10
N TYR C 326 -7.16 5.76 -23.78
CA TYR C 326 -6.41 5.66 -22.52
C TYR C 326 -5.34 6.75 -22.41
N ALA C 327 -4.52 6.91 -23.45
CA ALA C 327 -3.47 7.94 -23.43
C ALA C 327 -4.03 9.34 -23.21
N LEU C 328 -5.09 9.69 -23.94
CA LEU C 328 -5.72 11.00 -23.78
C LEU C 328 -6.38 11.17 -22.42
N TYR C 329 -7.04 10.12 -21.92
CA TYR C 329 -7.59 10.20 -20.57
C TYR C 329 -6.47 10.51 -19.57
N THR C 330 -5.35 9.83 -19.76
CA THR C 330 -4.22 9.99 -18.86
C THR C 330 -3.69 11.45 -18.84
N LEU C 331 -3.64 12.09 -20.00
CA LEU C 331 -3.09 13.46 -20.07
C LEU C 331 -4.10 14.53 -19.71
N THR C 332 -5.39 14.26 -19.95
CA THR C 332 -6.44 15.28 -19.83
C THR C 332 -7.33 15.12 -18.60
N ASP C 333 -7.46 13.89 -18.10
CA ASP C 333 -8.40 13.51 -17.03
C ASP C 333 -9.86 13.71 -17.46
N ASP C 334 -10.09 13.84 -18.76
CA ASP C 334 -11.42 14.07 -19.30
C ASP C 334 -12.12 12.73 -19.50
N SER C 335 -13.21 12.56 -18.76
CA SER C 335 -13.96 11.31 -18.74
CA SER C 335 -13.95 11.31 -18.73
C SER C 335 -14.54 10.88 -20.08
N GLN C 336 -14.70 11.82 -21.02
CA GLN C 336 -15.20 11.49 -22.36
C GLN C 336 -14.34 10.39 -23.00
N TYR C 337 -13.04 10.45 -22.76
CA TYR C 337 -12.11 9.45 -23.30
C TYR C 337 -12.34 8.08 -22.70
N GLU C 338 -12.58 8.01 -21.39
CA GLU C 338 -12.92 6.75 -20.73
C GLU C 338 -14.24 6.17 -21.26
N GLU C 339 -15.23 7.04 -21.53
CA GLU C 339 -16.53 6.60 -22.06
C GLU C 339 -16.37 5.95 -23.43
N TRP C 340 -15.55 6.57 -24.29
CA TRP C 340 -15.27 5.97 -25.60
C TRP C 340 -14.59 4.59 -25.45
N TYR C 341 -13.59 4.51 -24.58
CA TYR C 341 -12.86 3.27 -24.32
C TYR C 341 -13.83 2.15 -23.93
N GLN C 342 -14.74 2.48 -23.03
CA GLN C 342 -15.76 1.53 -22.59
C GLN C 342 -16.69 1.09 -23.72
N LYS C 343 -17.18 2.07 -24.47
CA LYS C 343 -18.04 1.79 -25.61
C LYS C 343 -17.31 0.86 -26.60
N TRP C 344 -16.04 1.13 -26.85
CA TRP C 344 -15.27 0.32 -27.79
C TRP C 344 -15.01 -1.08 -27.25
N TRP C 345 -14.72 -1.21 -25.96
CA TRP C 345 -14.61 -2.55 -25.35
C TRP C 345 -15.89 -3.35 -25.54
N ASP C 346 -17.04 -2.71 -25.33
CA ASP C 346 -18.29 -3.42 -25.49
C ASP C 346 -18.47 -3.91 -26.93
N TYR C 347 -18.16 -3.04 -27.89
CA TYR C 347 -18.17 -3.43 -29.30
C TYR C 347 -17.22 -4.61 -29.57
N CYS C 348 -16.02 -4.55 -29.00
CA CYS C 348 -15.04 -5.61 -29.27
C CYS C 348 -15.54 -6.97 -28.82
N ILE C 349 -16.08 -7.05 -27.60
CA ILE C 349 -16.52 -8.36 -27.11
C ILE C 349 -17.74 -8.84 -27.91
N LYS C 350 -18.60 -7.91 -28.33
CA LYS C 350 -19.82 -8.26 -29.09
C LYS C 350 -19.54 -8.84 -30.48
N TYR C 351 -18.55 -8.26 -31.17
CA TYR C 351 -18.32 -8.51 -32.60
C TYR C 351 -16.95 -9.07 -32.98
N LEU C 352 -15.90 -8.72 -32.23
CA LEU C 352 -14.52 -9.10 -32.63
C LEU C 352 -13.93 -10.27 -31.86
N MET C 353 -14.13 -10.29 -30.54
CA MET C 353 -13.52 -11.35 -29.74
C MET C 353 -14.06 -12.72 -30.16
N ASP C 354 -13.17 -13.71 -30.26
CA ASP C 354 -13.58 -15.03 -30.76
C ASP C 354 -13.17 -16.11 -29.78
N TYR C 355 -14.06 -16.34 -28.82
CA TYR C 355 -13.79 -17.34 -27.80
C TYR C 355 -13.88 -18.75 -28.33
N GLU C 356 -14.62 -18.92 -29.44
CA GLU C 356 -14.84 -20.25 -30.04
C GLU C 356 -13.60 -20.76 -30.77
N ASN C 357 -13.05 -19.93 -31.66
CA ASN C 357 -11.91 -20.35 -32.49
C ASN C 357 -10.56 -19.85 -32.00
N GLY C 358 -10.59 -18.82 -31.14
CA GLY C 358 -9.37 -18.25 -30.59
C GLY C 358 -9.10 -16.82 -31.06
N SER C 359 -8.39 -16.06 -30.22
CA SER C 359 -8.02 -14.67 -30.51
C SER C 359 -9.26 -13.80 -30.85
N TRP C 360 -9.11 -12.89 -31.81
CA TRP C 360 -10.20 -12.03 -32.25
C TRP C 360 -10.28 -12.13 -33.76
N TRP C 361 -11.47 -11.90 -34.32
CA TRP C 361 -11.58 -11.79 -35.77
C TRP C 361 -10.73 -10.61 -36.24
N GLN C 362 -10.24 -10.72 -37.47
CA GLN C 362 -9.40 -9.69 -38.07
C GLN C 362 -10.24 -8.64 -38.81
N GLU C 363 -11.42 -9.03 -39.28
CA GLU C 363 -12.17 -8.17 -40.18
C GLU C 363 -13.67 -8.49 -40.24
N LEU C 364 -14.49 -7.44 -40.25
CA LEU C 364 -15.97 -7.53 -40.35
C LEU C 364 -16.46 -6.69 -41.51
N ASP C 365 -17.62 -7.04 -42.06
CA ASP C 365 -18.25 -6.20 -43.07
C ASP C 365 -18.90 -4.97 -42.44
N ALA C 366 -19.57 -4.16 -43.26
CA ALA C 366 -20.14 -2.91 -42.77
C ALA C 366 -21.34 -3.09 -41.82
N ASP C 367 -21.82 -4.33 -41.71
CA ASP C 367 -22.85 -4.68 -40.73
C ASP C 367 -22.26 -5.45 -39.53
N ASN C 368 -20.94 -5.40 -39.41
CA ASN C 368 -20.21 -6.01 -38.27
C ASN C 368 -20.29 -7.54 -38.22
N LYS C 369 -20.52 -8.13 -39.39
CA LYS C 369 -20.47 -9.58 -39.53
C LYS C 369 -19.12 -10.00 -40.11
N VAL C 370 -18.56 -11.08 -39.55
CA VAL C 370 -17.24 -11.58 -39.97
C VAL C 370 -17.15 -11.72 -41.50
N THR C 371 -16.06 -11.22 -42.07
CA THR C 371 -15.83 -11.26 -43.50
CA THR C 371 -15.81 -11.29 -43.52
C THR C 371 -14.35 -11.54 -43.80
N THR C 372 -14.04 -11.78 -45.07
CA THR C 372 -12.67 -11.87 -45.56
C THR C 372 -12.61 -11.00 -46.81
N LYS C 373 -11.88 -9.89 -46.73
CA LYS C 373 -11.81 -8.93 -47.84
C LYS C 373 -10.43 -8.25 -47.86
N VAL C 374 -10.17 -7.36 -46.90
CA VAL C 374 -8.88 -6.66 -46.79
C VAL C 374 -7.78 -7.64 -46.36
N TRP C 375 -8.14 -8.55 -45.45
CA TRP C 375 -7.17 -9.44 -44.81
C TRP C 375 -7.50 -10.93 -44.99
N ASP C 376 -6.68 -11.80 -44.41
CA ASP C 376 -6.82 -13.24 -44.59
C ASP C 376 -6.24 -14.01 -43.40
N GLY C 377 -7.04 -14.17 -42.34
CA GLY C 377 -6.61 -14.92 -41.15
C GLY C 377 -6.48 -14.06 -39.89
N LYS C 378 -5.72 -14.57 -38.93
CA LYS C 378 -5.55 -13.92 -37.62
C LYS C 378 -4.06 -13.83 -37.30
N GLN C 379 -3.32 -13.20 -38.20
CA GLN C 379 -1.84 -13.28 -38.14
C GLN C 379 -1.19 -12.34 -37.13
N ASP C 380 -1.99 -11.45 -36.54
CA ASP C 380 -1.42 -10.49 -35.61
C ASP C 380 -1.95 -10.64 -34.20
N ILE C 381 -1.06 -10.57 -33.23
CA ILE C 381 -1.51 -10.30 -31.87
C ILE C 381 -0.86 -9.04 -31.28
N TYR C 382 0.14 -8.49 -31.99
CA TYR C 382 0.90 -7.32 -31.49
C TYR C 382 0.02 -6.11 -31.16
N HIS C 383 -0.96 -5.80 -32.01
CA HIS C 383 -1.81 -4.61 -31.74
C HIS C 383 -2.60 -4.75 -30.44
N LEU C 384 -3.07 -5.96 -30.15
CA LEU C 384 -3.90 -6.19 -28.95
C LEU C 384 -3.23 -5.76 -27.65
N LEU C 385 -1.89 -5.72 -27.61
CA LEU C 385 -1.26 -5.23 -26.37
C LEU C 385 -1.54 -3.75 -26.14
N HIS C 386 -1.95 -3.05 -27.19
CA HIS C 386 -2.23 -1.62 -27.06
C HIS C 386 -3.58 -1.32 -26.38
N CYS C 387 -4.48 -2.31 -26.36
CA CYS C 387 -5.71 -2.18 -25.55
C CYS C 387 -5.72 -3.07 -24.32
N LEU C 388 -4.77 -4.01 -24.23
CA LEU C 388 -4.71 -4.96 -23.12
C LEU C 388 -3.65 -4.66 -22.04
N VAL C 389 -2.48 -4.17 -22.47
CA VAL C 389 -1.37 -3.91 -21.56
C VAL C 389 -1.13 -2.42 -21.38
N ILE C 390 -1.17 -1.67 -22.48
CA ILE C 390 -0.99 -0.21 -22.42
C ILE C 390 -1.85 0.48 -21.33
N PRO C 391 -3.18 0.18 -21.23
CA PRO C 391 -4.00 0.77 -20.17
C PRO C 391 -3.60 0.44 -18.72
N ARG C 392 -2.65 -0.48 -18.55
CA ARG C 392 -2.18 -0.85 -17.22
C ARG C 392 -0.86 -0.15 -16.84
N LEU C 393 -0.36 0.70 -17.75
CA LEU C 393 0.97 1.29 -17.60
C LEU C 393 0.98 2.81 -17.74
N PRO C 394 1.96 3.48 -17.12
CA PRO C 394 2.15 4.89 -17.49
C PRO C 394 2.59 5.02 -18.95
N LEU C 395 2.68 6.26 -19.42
CA LEU C 395 3.01 6.49 -20.83
C LEU C 395 4.51 6.54 -21.07
N ALA C 396 5.28 6.68 -20.00
CA ALA C 396 6.73 6.64 -20.04
C ALA C 396 7.22 5.81 -18.86
N PRO C 397 8.22 4.93 -19.09
CA PRO C 397 8.77 4.54 -20.39
C PRO C 397 7.72 3.78 -21.20
N GLY C 398 8.05 3.39 -22.42
CA GLY C 398 7.09 2.70 -23.28
C GLY C 398 6.80 1.28 -22.83
N LEU C 399 5.99 0.59 -23.62
CA LEU C 399 5.40 -0.72 -23.29
C LEU C 399 6.35 -1.76 -22.66
N ALA C 400 7.27 -2.31 -23.46
CA ALA C 400 8.12 -3.38 -22.94
C ALA C 400 9.03 -2.89 -21.79
N PRO C 401 9.68 -1.72 -21.95
CA PRO C 401 10.46 -1.18 -20.82
C PRO C 401 9.64 -1.03 -19.53
N ALA C 402 8.42 -0.49 -19.64
CA ALA C 402 7.60 -0.29 -18.43
C ALA C 402 7.22 -1.62 -17.76
N VAL C 403 6.88 -2.63 -18.56
CA VAL C 403 6.54 -3.91 -17.96
C VAL C 403 7.78 -4.48 -17.26
N ALA C 404 8.95 -4.40 -17.91
CA ALA C 404 10.22 -4.89 -17.34
C ALA C 404 10.55 -4.14 -16.04
N ALA C 405 10.19 -2.87 -16.01
CA ALA C 405 10.46 -2.00 -14.85
C ALA C 405 9.57 -2.35 -13.65
N GLY C 406 8.54 -3.15 -13.89
CA GLY C 406 7.63 -3.56 -12.82
C GLY C 406 6.47 -2.60 -12.63
N LEU C 407 6.15 -1.84 -13.68
CA LEU C 407 5.11 -0.78 -13.58
C LEU C 407 3.67 -1.24 -13.85
N LEU C 408 3.44 -2.51 -14.14
CA LEU C 408 2.07 -2.98 -14.40
C LEU C 408 1.19 -2.62 -13.20
N ASP C 409 0.06 -1.98 -13.47
CA ASP C 409 -0.92 -1.61 -12.42
C ASP C 409 -0.43 -0.57 -11.40
N ILE C 410 0.68 0.12 -11.68
CA ILE C 410 1.22 1.08 -10.71
C ILE C 410 0.21 2.18 -10.35
N ASN C 411 -0.60 2.60 -11.33
CA ASN C 411 -1.58 3.65 -11.13
C ASN C 411 -2.92 3.17 -10.59
N ALA C 412 -3.04 1.85 -10.38
CA ALA C 412 -4.29 1.23 -9.93
C ALA C 412 -4.18 0.80 -8.47
N HIS C 417 -13.05 5.66 -3.59
CA HIS C 417 -14.09 6.68 -3.72
C HIS C 417 -14.05 7.32 -5.11
N HIS C 418 -13.71 6.52 -6.10
CA HIS C 418 -13.46 7.11 -7.41
C HIS C 418 -14.70 7.58 -8.21
N HIS C 419 -15.88 7.51 -7.59
CA HIS C 419 -17.10 8.06 -8.19
C HIS C 419 -17.32 9.56 -7.89
N HIS C 420 -16.46 10.13 -7.03
CA HIS C 420 -16.58 11.55 -6.68
C HIS C 420 -15.23 12.16 -6.27
N HIS C 421 -15.17 13.48 -6.22
CA HIS C 421 -13.94 14.21 -5.88
C HIS C 421 -13.82 14.48 -4.38
N MET D 1 6.29 21.54 -10.44
CA MET D 1 6.62 21.06 -9.08
C MET D 1 5.36 20.50 -8.43
N LYS D 2 5.44 19.28 -7.88
CA LYS D 2 4.24 18.60 -7.33
C LYS D 2 4.23 18.64 -5.82
N TRP D 3 3.20 19.26 -5.25
CA TRP D 3 2.98 19.26 -3.80
C TRP D 3 1.70 18.53 -3.41
N PHE D 4 0.59 18.87 -4.08
CA PHE D 4 -0.70 18.25 -3.77
C PHE D 4 -0.55 16.74 -3.82
N ASN D 5 -1.18 16.06 -2.87
CA ASN D 5 -1.20 14.59 -2.87
C ASN D 5 0.19 13.98 -2.81
N THR D 6 1.12 14.69 -2.14
CA THR D 6 2.42 14.11 -1.83
C THR D 6 2.54 14.00 -0.33
N LEU D 7 3.08 12.87 0.16
CA LEU D 7 3.23 12.69 1.59
C LEU D 7 4.21 13.70 2.17
N SER D 8 5.24 14.07 1.40
CA SER D 8 6.23 15.04 1.92
C SER D 8 5.56 16.38 2.25
N HIS D 9 4.77 16.92 1.32
CA HIS D 9 4.05 18.18 1.59
C HIS D 9 3.04 18.01 2.73
N ASN D 10 2.28 16.90 2.70
CA ASN D 10 1.25 16.68 3.70
C ASN D 10 1.81 16.50 5.12
N ARG D 11 3.01 15.94 5.23
CA ARG D 11 3.67 15.87 6.54
C ARG D 11 3.96 17.29 7.04
N TRP D 12 4.47 18.15 6.15
CA TRP D 12 4.73 19.53 6.53
C TRP D 12 3.43 20.20 7.01
N LEU D 13 2.36 19.97 6.27
CA LEU D 13 1.03 20.50 6.62
C LEU D 13 0.60 20.04 8.02
N GLU D 14 0.73 18.74 8.31
CA GLU D 14 0.31 18.23 9.62
C GLU D 14 1.11 18.86 10.74
N GLN D 15 2.42 19.00 10.54
CA GLN D 15 3.27 19.56 11.56
C GLN D 15 2.90 21.01 11.87
N GLU D 16 2.54 21.77 10.83
CA GLU D 16 2.08 23.14 11.07
C GLU D 16 0.70 23.10 11.76
N THR D 17 -0.13 22.15 11.35
CA THR D 17 -1.44 21.99 11.98
C THR D 17 -1.30 21.82 13.48
N ASP D 18 -0.34 21.00 13.91
CA ASP D 18 -0.14 20.83 15.36
C ASP D 18 0.27 22.12 16.08
N ARG D 19 1.10 22.93 15.42
CA ARG D 19 1.49 24.24 15.99
C ARG D 19 0.25 25.14 16.17
N ILE D 20 -0.64 25.08 15.19
CA ILE D 20 -1.89 25.82 15.24
C ILE D 20 -2.85 25.31 16.33
N PHE D 21 -3.09 24.00 16.37
CA PHE D 21 -3.87 23.41 17.48
C PHE D 21 -3.33 23.86 18.84
N ASN D 22 -2.01 23.88 18.98
CA ASN D 22 -1.41 24.24 20.26
C ASN D 22 -1.74 25.69 20.63
N PHE D 23 -1.72 26.60 19.64
CA PHE D 23 -1.98 28.00 19.90
C PHE D 23 -3.41 28.22 20.43
N GLY D 24 -4.38 27.54 19.83
CA GLY D 24 -5.78 27.73 20.21
C GLY D 24 -6.11 27.27 21.62
N LYS D 25 -5.32 26.34 22.16
CA LYS D 25 -5.64 25.75 23.47
C LYS D 25 -5.72 26.77 24.62
N ASN D 26 -4.96 27.86 24.50
CA ASN D 26 -5.00 28.90 25.53
C ASN D 26 -6.31 29.70 25.55
N ALA D 27 -7.19 29.49 24.58
CA ALA D 27 -8.45 30.25 24.53
C ALA D 27 -9.50 29.74 25.50
N VAL D 28 -9.26 28.61 26.16
CA VAL D 28 -10.28 28.09 27.06
C VAL D 28 -10.58 29.06 28.20
N VAL D 29 -11.87 29.39 28.35
CA VAL D 29 -12.36 30.20 29.48
C VAL D 29 -13.61 29.50 30.06
N PRO D 30 -14.02 29.84 31.29
CA PRO D 30 -15.17 29.14 31.87
C PRO D 30 -16.43 29.09 30.98
N THR D 31 -16.73 30.14 30.22
CA THR D 31 -17.98 30.18 29.46
C THR D 31 -17.83 29.80 27.98
N GLY D 32 -16.64 29.38 27.58
CA GLY D 32 -16.44 28.91 26.20
C GLY D 32 -15.02 29.15 25.77
N PHE D 33 -14.85 29.86 24.65
CA PHE D 33 -13.53 30.18 24.16
C PHE D 33 -13.38 31.67 24.03
N GLY D 34 -12.28 32.18 24.55
CA GLY D 34 -11.98 33.61 24.49
C GLY D 34 -11.26 34.03 23.23
N TRP D 35 -10.84 35.30 23.22
CA TRP D 35 -10.32 35.98 22.04
C TRP D 35 -8.81 36.13 22.20
N LEU D 36 -8.05 35.35 21.44
CA LEU D 36 -6.60 35.33 21.60
C LEU D 36 -5.92 36.52 20.97
N GLY D 37 -4.90 37.03 21.66
CA GLY D 37 -4.11 38.16 21.17
C GLY D 37 -2.86 37.71 20.42
N ASN D 38 -2.04 38.70 20.02
CA ASN D 38 -0.84 38.46 19.20
C ASN D 38 0.20 37.54 19.81
N LYS D 39 0.20 37.41 21.12
CA LYS D 39 1.15 36.52 21.76
C LYS D 39 0.44 35.33 22.41
N GLY D 40 -0.79 35.09 22.01
CA GLY D 40 -1.51 33.86 22.40
C GLY D 40 -2.16 33.89 23.77
N GLN D 41 -2.26 35.11 24.32
CA GLN D 41 -2.95 35.36 25.59
CA GLN D 41 -2.94 35.36 25.59
C GLN D 41 -4.39 35.77 25.35
N ILE D 42 -5.24 35.57 26.36
CA ILE D 42 -6.65 35.93 26.21
C ILE D 42 -6.83 37.45 26.34
N LYS D 43 -7.50 38.04 25.35
CA LYS D 43 -7.98 39.42 25.45
C LYS D 43 -9.30 39.35 26.26
N GLU D 44 -9.16 39.35 27.59
CA GLU D 44 -10.30 39.12 28.49
C GLU D 44 -11.46 40.10 28.27
N GLU D 45 -11.15 41.30 27.80
CA GLU D 45 -12.14 42.34 27.63
C GLU D 45 -13.14 42.00 26.52
N MET D 46 -12.78 41.07 25.64
CA MET D 46 -13.68 40.65 24.54
C MET D 46 -14.75 39.64 25.00
N GLY D 47 -14.53 39.02 26.15
CA GLY D 47 -15.47 38.02 26.67
C GLY D 47 -15.55 36.82 25.75
N THR D 48 -16.69 36.14 25.79
CA THR D 48 -16.92 34.91 25.04
C THR D 48 -17.91 35.14 23.89
N HIS D 49 -17.40 35.09 22.68
CA HIS D 49 -18.22 35.26 21.49
C HIS D 49 -18.73 33.94 20.99
N LEU D 50 -19.99 33.95 20.54
CA LEU D 50 -20.63 32.75 20.01
C LEU D 50 -19.84 32.22 18.82
N TRP D 51 -19.52 33.10 17.86
CA TRP D 51 -18.83 32.63 16.65
C TRP D 51 -17.47 31.99 16.94
N ILE D 52 -16.75 32.57 17.90
CA ILE D 52 -15.45 32.03 18.27
C ILE D 52 -15.57 30.66 18.98
N THR D 53 -16.50 30.57 19.92
CA THR D 53 -16.72 29.32 20.65
C THR D 53 -17.15 28.20 19.69
N ALA D 54 -18.09 28.51 18.81
CA ALA D 54 -18.54 27.55 17.82
C ALA D 54 -17.42 27.12 16.87
N ARG D 55 -16.63 28.08 16.39
CA ARG D 55 -15.48 27.72 15.53
C ARG D 55 -14.47 26.83 16.27
N MET D 56 -14.18 27.14 17.52
CA MET D 56 -13.22 26.32 18.27
C MET D 56 -13.77 24.91 18.51
N LEU D 57 -15.08 24.81 18.75
CA LEU D 57 -15.72 23.49 18.87
C LEU D 57 -15.47 22.67 17.59
N HIS D 58 -15.67 23.32 16.45
CA HIS D 58 -15.36 22.69 15.16
C HIS D 58 -13.87 22.31 15.03
N VAL D 59 -12.97 23.25 15.33
CA VAL D 59 -11.55 22.98 15.16
C VAL D 59 -11.12 21.77 16.00
N TYR D 60 -11.52 21.76 17.28
CA TYR D 60 -11.05 20.68 18.17
C TYR D 60 -11.76 19.36 17.92
N SER D 61 -12.91 19.40 17.24
CA SER D 61 -13.51 18.17 16.71
C SER D 61 -12.57 17.54 15.68
N VAL D 62 -12.06 18.36 14.76
CA VAL D 62 -11.09 17.86 13.79
C VAL D 62 -9.82 17.35 14.51
N ALA D 63 -9.29 18.15 15.44
CA ALA D 63 -8.07 17.72 16.18
C ALA D 63 -8.28 16.39 16.92
N ALA D 64 -9.47 16.23 17.51
CA ALA D 64 -9.82 15.00 18.22
C ALA D 64 -9.81 13.80 17.28
N SER D 65 -10.45 13.95 16.12
CA SER D 65 -10.45 12.90 15.11
C SER D 65 -9.05 12.56 14.63
N MET D 66 -8.15 13.54 14.68
CA MET D 66 -6.74 13.32 14.31
C MET D 66 -5.93 12.65 15.40
N GLY D 67 -6.56 12.36 16.55
CA GLY D 67 -5.91 11.56 17.58
C GLY D 67 -4.98 12.34 18.51
N ARG D 68 -5.28 13.63 18.68
CA ARG D 68 -4.48 14.51 19.55
C ARG D 68 -5.04 14.52 20.96
N PRO D 69 -4.29 13.99 21.94
CA PRO D 69 -4.72 14.13 23.33
C PRO D 69 -5.04 15.57 23.72
N GLY D 70 -6.10 15.74 24.50
CA GLY D 70 -6.56 17.06 24.95
C GLY D 70 -7.65 17.65 24.08
N ALA D 71 -7.69 17.29 22.80
CA ALA D 71 -8.67 17.87 21.87
C ALA D 71 -10.10 17.54 22.24
N TYR D 72 -10.34 16.29 22.61
CA TYR D 72 -11.69 15.86 22.97
C TYR D 72 -12.20 16.59 24.22
N ASP D 73 -11.30 16.88 25.15
CA ASP D 73 -11.65 17.70 26.30
CA ASP D 73 -11.66 17.69 26.30
C ASP D 73 -12.14 19.08 25.86
N LEU D 74 -11.53 19.62 24.79
CA LEU D 74 -12.02 20.92 24.28
C LEU D 74 -13.34 20.81 23.52
N VAL D 75 -13.56 19.67 22.86
CA VAL D 75 -14.86 19.41 22.23
C VAL D 75 -15.94 19.40 23.34
N ASP D 76 -15.63 18.67 24.41
CA ASP D 76 -16.53 18.58 25.57
C ASP D 76 -16.75 19.96 26.17
N HIS D 77 -15.65 20.70 26.33
CA HIS D 77 -15.75 22.09 26.80
C HIS D 77 -16.68 22.94 25.93
N GLY D 78 -16.54 22.81 24.61
CA GLY D 78 -17.37 23.57 23.66
C GLY D 78 -18.84 23.18 23.73
N ILE D 79 -19.10 21.88 23.83
CA ILE D 79 -20.49 21.43 23.97
C ILE D 79 -21.12 21.98 25.27
N LYS D 80 -20.40 21.85 26.39
CA LYS D 80 -20.86 22.44 27.66
C LYS D 80 -21.14 23.93 27.53
N ALA D 81 -20.24 24.66 26.84
CA ALA D 81 -20.39 26.09 26.66
C ALA D 81 -21.68 26.39 25.89
N MET D 82 -21.97 25.58 24.89
CA MET D 82 -23.16 25.77 24.07
C MET D 82 -24.46 25.40 24.81
N ASN D 83 -24.30 24.82 25.99
CA ASN D 83 -25.44 24.53 26.86
C ASN D 83 -25.44 25.41 28.11
N GLY D 84 -24.46 26.31 28.19
CA GLY D 84 -24.26 27.12 29.40
C GLY D 84 -24.68 28.57 29.19
N ALA D 85 -23.78 29.49 29.56
CA ALA D 85 -24.09 30.94 29.58
C ALA D 85 -24.49 31.50 28.21
N LEU D 86 -23.91 30.95 27.14
CA LEU D 86 -24.23 31.39 25.77
C LEU D 86 -25.68 31.08 25.39
N ARG D 87 -26.24 30.03 26.01
CA ARG D 87 -27.57 29.56 25.65
CA ARG D 87 -27.58 29.56 25.64
C ARG D 87 -28.67 30.42 26.28
N ASP D 88 -29.55 30.96 25.44
CA ASP D 88 -30.68 31.76 25.93
C ASP D 88 -31.83 30.82 26.32
N LYS D 89 -31.95 30.56 27.63
CA LYS D 89 -32.94 29.61 28.15
C LYS D 89 -34.37 30.13 28.07
N LYS D 90 -34.53 31.46 28.00
CA LYS D 90 -35.86 32.05 27.92
C LYS D 90 -36.42 32.11 26.49
N TYR D 91 -35.63 32.63 25.55
CA TYR D 91 -36.11 32.85 24.18
C TYR D 91 -35.56 31.86 23.16
N GLY D 92 -34.51 31.14 23.55
CA GLY D 92 -33.92 30.13 22.67
C GLY D 92 -32.76 30.67 21.89
N GLY D 93 -32.04 29.78 21.20
CA GLY D 93 -30.84 30.17 20.47
C GLY D 93 -29.73 30.63 21.44
N TRP D 94 -28.75 31.35 20.90
CA TRP D 94 -27.56 31.76 21.65
C TRP D 94 -27.29 33.26 21.55
N TYR D 95 -26.98 33.88 22.68
CA TYR D 95 -26.52 35.25 22.73
C TYR D 95 -25.21 35.39 21.94
N ALA D 96 -24.98 36.57 21.38
CA ALA D 96 -23.76 36.83 20.59
C ALA D 96 -22.50 36.91 21.47
N CYS D 97 -22.64 37.40 22.70
CA CYS D 97 -21.46 37.53 23.56
C CYS D 97 -21.86 37.51 25.03
N VAL D 98 -21.11 36.73 25.81
CA VAL D 98 -21.30 36.70 27.27
C VAL D 98 -19.96 36.87 27.98
N ASN D 99 -20.02 37.15 29.27
CA ASN D 99 -18.84 37.07 30.10
C ASN D 99 -19.19 36.32 31.40
N ASP D 100 -18.30 36.34 32.38
CA ASP D 100 -18.54 35.56 33.60
C ASP D 100 -19.65 36.10 34.50
N GLN D 101 -20.15 37.30 34.24
CA GLN D 101 -21.27 37.79 35.05
C GLN D 101 -22.58 38.09 34.31
N GLY D 102 -22.63 37.76 33.02
CA GLY D 102 -23.89 37.87 32.30
C GLY D 102 -23.71 38.07 30.82
N VAL D 103 -24.77 38.58 30.20
CA VAL D 103 -24.83 38.72 28.76
C VAL D 103 -24.32 40.09 28.36
N VAL D 104 -23.44 40.11 27.37
CA VAL D 104 -22.83 41.36 26.86
C VAL D 104 -23.53 41.84 25.60
N ASP D 105 -23.83 40.91 24.70
CA ASP D 105 -24.54 41.23 23.47
C ASP D 105 -25.61 40.16 23.32
N ALA D 106 -26.86 40.55 23.54
CA ALA D 106 -27.97 39.60 23.66
C ALA D 106 -28.62 39.25 22.32
N SER D 107 -28.11 39.88 21.26
CA SER D 107 -28.71 39.76 19.92
C SER D 107 -28.49 38.36 19.35
N LYS D 108 -29.33 38.00 18.37
CA LYS D 108 -29.37 36.66 17.83
C LYS D 108 -28.87 36.75 16.39
N GLN D 109 -27.57 36.53 16.23
CA GLN D 109 -26.89 36.82 14.99
C GLN D 109 -26.86 35.59 14.09
N GLY D 110 -27.48 35.68 12.92
CA GLY D 110 -27.49 34.59 11.96
C GLY D 110 -26.10 34.06 11.59
N TYR D 111 -25.19 34.99 11.27
CA TYR D 111 -23.80 34.62 10.96
C TYR D 111 -23.27 33.65 12.02
N GLN D 112 -23.47 34.02 13.28
CA GLN D 112 -22.91 33.27 14.41
C GLN D 112 -23.66 31.97 14.65
N HIS D 113 -24.96 31.97 14.41
CA HIS D 113 -25.77 30.75 14.52
C HIS D 113 -25.43 29.70 13.45
N PHE D 114 -25.07 30.13 12.24
CA PHE D 114 -24.61 29.15 11.25
C PHE D 114 -23.30 28.53 11.69
N PHE D 115 -22.45 29.31 12.37
CA PHE D 115 -21.26 28.69 12.95
C PHE D 115 -21.61 27.74 14.10
N ALA D 116 -22.64 28.07 14.89
CA ALA D 116 -23.13 27.13 15.93
C ALA D 116 -23.54 25.80 15.27
N LEU D 117 -24.19 25.92 14.11
CA LEU D 117 -24.65 24.74 13.38
C LEU D 117 -23.46 23.92 12.85
N LEU D 118 -22.48 24.59 12.26
CA LEU D 118 -21.25 23.93 11.83
C LEU D 118 -20.55 23.24 13.00
N GLY D 119 -20.41 23.96 14.12
CA GLY D 119 -19.70 23.41 15.27
C GLY D 119 -20.37 22.15 15.82
N ALA D 120 -21.70 22.18 15.88
CA ALA D 120 -22.47 21.02 16.35
C ALA D 120 -22.34 19.83 15.39
N ALA D 121 -22.45 20.10 14.09
CA ALA D 121 -22.36 19.03 13.07
C ALA D 121 -20.96 18.41 13.09
N SER D 122 -19.94 19.26 13.14
CA SER D 122 -18.58 18.74 13.27
C SER D 122 -18.40 17.94 14.58
N ALA D 123 -18.97 18.43 15.68
CA ALA D 123 -18.85 17.73 16.97
C ALA D 123 -19.50 16.33 16.93
N VAL D 124 -20.59 16.20 16.17
CA VAL D 124 -21.26 14.89 16.00
C VAL D 124 -20.28 13.83 15.45
N THR D 125 -19.36 14.25 14.59
CA THR D 125 -18.40 13.32 13.98
C THR D 125 -17.42 12.73 14.99
N THR D 126 -17.27 13.37 16.16
CA THR D 126 -16.39 12.82 17.20
C THR D 126 -17.09 11.72 18.03
N GLY D 127 -18.41 11.61 17.90
CA GLY D 127 -19.17 10.64 18.69
C GLY D 127 -19.43 11.06 20.14
N HIS D 128 -19.10 12.31 20.46
CA HIS D 128 -19.38 12.85 21.79
C HIS D 128 -20.88 12.63 22.08
N PRO D 129 -21.22 12.03 23.25
CA PRO D 129 -22.62 11.64 23.50
C PRO D 129 -23.66 12.78 23.56
N GLU D 130 -23.21 14.03 23.72
CA GLU D 130 -24.14 15.16 23.79
CA GLU D 130 -24.10 15.19 23.80
C GLU D 130 -24.18 15.96 22.48
N ALA D 131 -23.40 15.54 21.49
CA ALA D 131 -23.28 16.31 20.25
C ALA D 131 -24.55 16.24 19.39
N ARG D 132 -25.14 15.05 19.27
CA ARG D 132 -26.37 14.93 18.49
C ARG D 132 -27.54 15.78 19.05
N LYS D 133 -27.69 15.77 20.38
CA LYS D 133 -28.69 16.60 21.06
C LYS D 133 -28.48 18.07 20.68
N LEU D 134 -27.21 18.51 20.71
CA LEU D 134 -26.91 19.90 20.38
C LEU D 134 -27.23 20.21 18.91
N LEU D 135 -26.81 19.33 18.00
CA LEU D 135 -27.14 19.54 16.58
C LEU D 135 -28.64 19.60 16.36
N ASP D 136 -29.38 18.66 16.95
CA ASP D 136 -30.84 18.64 16.78
C ASP D 136 -31.47 19.98 17.21
N TYR D 137 -31.02 20.51 18.33
CA TYR D 137 -31.58 21.76 18.82
C TYR D 137 -31.18 22.92 17.92
N THR D 138 -29.92 22.94 17.51
CA THR D 138 -29.43 24.00 16.62
C THR D 138 -30.24 24.01 15.33
N ILE D 139 -30.52 22.84 14.79
CA ILE D 139 -31.38 22.73 13.61
C ILE D 139 -32.75 23.36 13.86
N GLU D 140 -33.34 23.08 15.03
CA GLU D 140 -34.65 23.65 15.36
C GLU D 140 -34.57 25.18 15.34
N VAL D 141 -33.54 25.74 15.96
CA VAL D 141 -33.38 27.21 15.98
C VAL D 141 -33.20 27.77 14.57
N ILE D 142 -32.35 27.11 13.78
CA ILE D 142 -32.09 27.57 12.42
C ILE D 142 -33.37 27.56 11.59
N GLU D 143 -34.13 26.47 11.70
CA GLU D 143 -35.33 26.35 10.89
C GLU D 143 -36.45 27.30 11.37
N LYS D 144 -36.46 27.66 12.65
CA LYS D 144 -37.48 28.57 13.15
C LYS D 144 -37.19 30.00 12.74
N TYR D 145 -35.92 30.40 12.81
CA TYR D 145 -35.57 31.81 12.73
C TYR D 145 -34.63 32.24 11.60
N PHE D 146 -33.83 31.31 11.08
CA PHE D 146 -32.74 31.71 10.20
C PHE D 146 -32.80 31.19 8.78
N TRP D 147 -33.51 30.08 8.56
CA TRP D 147 -33.88 29.67 7.21
C TRP D 147 -35.31 30.10 6.98
N SER D 148 -35.51 30.89 5.93
CA SER D 148 -36.86 31.32 5.57
C SER D 148 -37.45 30.45 4.47
N GLU D 149 -38.53 29.73 4.80
CA GLU D 149 -39.25 28.96 3.79
C GLU D 149 -39.86 29.86 2.71
N GLU D 150 -40.30 31.05 3.10
CA GLU D 150 -40.92 31.98 2.14
C GLU D 150 -39.90 32.53 1.14
N GLU D 151 -38.74 32.96 1.63
CA GLU D 151 -37.70 33.54 0.77
C GLU D 151 -36.81 32.49 0.12
N GLN D 152 -36.84 31.27 0.67
CA GLN D 152 -35.88 30.21 0.31
C GLN D 152 -34.44 30.73 0.34
N MET D 153 -34.13 31.45 1.43
CA MET D 153 -32.81 32.05 1.71
C MET D 153 -32.69 32.20 3.22
N CYS D 154 -31.50 32.53 3.72
CA CYS D 154 -31.31 32.78 5.14
C CYS D 154 -31.50 34.23 5.53
N LEU D 155 -32.14 34.44 6.68
CA LEU D 155 -32.26 35.76 7.30
C LEU D 155 -30.92 36.13 7.95
N GLU D 156 -30.81 37.37 8.42
CA GLU D 156 -29.57 37.87 8.98
C GLU D 156 -29.48 37.82 10.50
N SER D 157 -30.39 38.51 11.20
CA SER D 157 -30.28 38.60 12.66
C SER D 157 -31.62 38.99 13.26
N TRP D 158 -31.75 38.74 14.55
CA TRP D 158 -32.92 39.12 15.33
C TRP D 158 -32.48 39.77 16.63
N ASP D 159 -33.41 40.49 17.26
CA ASP D 159 -33.21 40.90 18.64
C ASP D 159 -33.25 39.66 19.56
N GLU D 160 -32.84 39.84 20.81
CA GLU D 160 -32.81 38.78 21.81
C GLU D 160 -34.13 37.97 21.85
N ALA D 161 -35.26 38.66 21.85
CA ALA D 161 -36.56 38.00 22.05
C ALA D 161 -37.18 37.47 20.75
N PHE D 162 -36.42 37.48 19.65
CA PHE D 162 -36.94 37.07 18.33
C PHE D 162 -38.26 37.75 18.00
N SER D 163 -38.32 39.06 18.24
CA SER D 163 -39.54 39.85 17.99
C SER D 163 -39.47 40.56 16.63
N GLN D 164 -38.25 40.98 16.25
CA GLN D 164 -38.02 41.68 14.99
CA GLN D 164 -38.05 41.61 14.95
C GLN D 164 -36.75 41.19 14.32
N THR D 165 -36.80 41.02 13.00
CA THR D 165 -35.61 40.65 12.22
C THR D 165 -34.98 41.88 11.56
N GLU D 166 -33.68 41.81 11.33
CA GLU D 166 -32.95 42.94 10.73
C GLU D 166 -33.38 43.19 9.30
N ASP D 167 -33.54 44.47 8.95
CA ASP D 167 -33.95 44.87 7.61
C ASP D 167 -32.73 44.85 6.67
N TYR D 168 -32.25 43.64 6.40
CA TYR D 168 -30.97 43.42 5.72
C TYR D 168 -30.92 41.93 5.44
N ARG D 169 -30.36 41.59 4.29
CA ARG D 169 -30.05 40.21 3.94
C ARG D 169 -28.60 40.15 3.47
N GLY D 170 -27.86 39.15 3.94
CA GLY D 170 -26.41 39.12 3.74
C GLY D 170 -25.86 37.92 3.00
N GLY D 171 -25.00 38.18 2.02
CA GLY D 171 -24.34 37.10 1.31
C GLY D 171 -23.37 36.38 2.23
N ASN D 172 -22.84 37.11 3.22
CA ASN D 172 -21.83 36.57 4.14
C ASN D 172 -22.44 35.48 5.04
N ALA D 173 -23.50 35.81 5.78
CA ALA D 173 -24.20 34.81 6.61
C ALA D 173 -24.69 33.64 5.75
N ASN D 174 -25.23 33.94 4.58
CA ASN D 174 -25.68 32.90 3.67
C ASN D 174 -24.56 31.97 3.18
N MET D 175 -23.36 32.52 2.99
CA MET D 175 -22.19 31.72 2.62
C MET D 175 -21.86 30.72 3.71
N HIS D 176 -21.84 31.19 4.95
CA HIS D 176 -21.55 30.30 6.06
C HIS D 176 -22.69 29.32 6.38
N ALA D 177 -23.91 29.68 5.98
CA ALA D 177 -25.02 28.71 5.99
C ALA D 177 -24.73 27.55 5.04
N VAL D 178 -24.32 27.87 3.82
CA VAL D 178 -23.91 26.83 2.86
C VAL D 178 -22.85 25.89 3.48
N GLU D 179 -21.81 26.50 4.04
CA GLU D 179 -20.75 25.77 4.69
C GLU D 179 -21.30 24.81 5.75
N ALA D 180 -22.17 25.34 6.61
CA ALA D 180 -22.71 24.56 7.71
C ALA D 180 -23.65 23.49 7.19
N PHE D 181 -24.47 23.84 6.20
CA PHE D 181 -25.43 22.91 5.61
C PHE D 181 -24.77 21.67 4.98
N LEU D 182 -23.59 21.87 4.38
CA LEU D 182 -22.84 20.75 3.81
C LEU D 182 -22.53 19.70 4.88
N ILE D 183 -22.11 20.17 6.05
CA ILE D 183 -21.72 19.23 7.10
C ILE D 183 -22.95 18.63 7.76
N VAL D 184 -24.01 19.42 7.94
CA VAL D 184 -25.27 18.88 8.46
C VAL D 184 -25.74 17.77 7.53
N TYR D 185 -25.64 18.02 6.22
CA TYR D 185 -25.96 16.98 5.24
C TYR D 185 -25.15 15.72 5.46
N ASP D 186 -23.86 15.89 5.66
CA ASP D 186 -22.92 14.76 5.86
C ASP D 186 -23.24 13.88 7.10
N VAL D 187 -23.86 14.50 8.12
CA VAL D 187 -24.18 13.74 9.35
C VAL D 187 -25.70 13.48 9.50
N THR D 188 -26.44 13.72 8.43
CA THR D 188 -27.85 13.38 8.35
C THR D 188 -28.19 12.58 7.09
N HIS D 189 -27.29 12.61 6.09
CA HIS D 189 -27.55 12.12 4.71
C HIS D 189 -28.98 12.38 4.33
N ASP D 190 -29.39 13.60 4.64
CA ASP D 190 -30.70 14.13 4.32
C ASP D 190 -30.66 15.25 3.26
N LYS D 191 -31.27 14.96 2.11
CA LYS D 191 -31.43 15.87 0.96
C LYS D 191 -31.61 17.35 1.22
N LYS D 192 -32.51 17.71 2.13
CA LYS D 192 -32.94 19.11 2.27
C LYS D 192 -31.79 20.10 2.52
N TRP D 193 -30.77 19.66 3.25
CA TRP D 193 -29.64 20.56 3.55
C TRP D 193 -28.85 20.89 2.29
N LEU D 194 -28.71 19.92 1.40
CA LEU D 194 -28.02 20.14 0.14
C LEU D 194 -28.88 20.95 -0.83
N ASP D 195 -30.18 20.67 -0.83
CA ASP D 195 -31.12 21.44 -1.64
C ASP D 195 -31.05 22.92 -1.26
N ARG D 196 -30.98 23.18 0.05
CA ARG D 196 -30.92 24.55 0.53
C ARG D 196 -29.60 25.22 0.13
N ALA D 197 -28.49 24.51 0.33
CA ALA D 197 -27.17 25.01 -0.08
C ALA D 197 -27.17 25.38 -1.57
N LEU D 198 -27.71 24.50 -2.42
CA LEU D 198 -27.71 24.73 -3.86
C LEU D 198 -28.53 25.98 -4.20
N ARG D 199 -29.68 26.10 -3.56
CA ARG D 199 -30.53 27.27 -3.77
C ARG D 199 -29.82 28.57 -3.37
N ILE D 200 -29.22 28.57 -2.19
CA ILE D 200 -28.50 29.75 -1.73
C ILE D 200 -27.41 30.15 -2.74
N ALA D 201 -26.58 29.18 -3.15
CA ALA D 201 -25.50 29.49 -4.10
C ALA D 201 -26.06 29.95 -5.44
N SER D 202 -27.24 29.43 -5.83
CA SER D 202 -27.82 29.78 -7.13
C SER D 202 -28.25 31.25 -7.18
N VAL D 203 -28.66 31.78 -6.02
CA VAL D 203 -29.06 33.16 -5.94
C VAL D 203 -27.85 34.09 -5.80
N ILE D 204 -27.02 33.87 -4.78
CA ILE D 204 -25.90 34.79 -4.52
C ILE D 204 -24.85 34.73 -5.64
N ILE D 205 -24.57 33.52 -6.11
CA ILE D 205 -23.48 33.33 -7.10
C ILE D 205 -23.96 33.23 -8.54
N HIS D 206 -24.81 32.26 -8.83
CA HIS D 206 -25.16 32.00 -10.23
C HIS D 206 -25.98 33.13 -10.83
N ASP D 207 -26.79 33.77 -10.01
CA ASP D 207 -27.56 34.91 -10.48
C ASP D 207 -26.72 36.20 -10.31
N VAL D 208 -26.60 36.68 -9.07
CA VAL D 208 -26.09 38.02 -8.84
C VAL D 208 -24.60 38.16 -9.20
N ALA D 209 -23.74 37.33 -8.60
CA ALA D 209 -22.31 37.54 -8.79
C ALA D 209 -21.89 37.30 -10.24
N ARG D 210 -22.38 36.22 -10.84
CA ARG D 210 -22.03 35.85 -12.23
C ARG D 210 -22.35 37.01 -13.18
N ASN D 211 -23.43 37.72 -12.91
CA ASN D 211 -23.84 38.83 -13.77
C ASN D 211 -23.12 40.15 -13.50
N GLY D 212 -22.23 40.14 -12.50
CA GLY D 212 -21.41 41.29 -12.18
C GLY D 212 -19.92 40.96 -12.23
N ASP D 213 -19.50 40.25 -13.29
CA ASP D 213 -18.08 39.90 -13.47
C ASP D 213 -17.54 39.09 -12.28
N TYR D 214 -18.42 38.30 -11.68
CA TYR D 214 -18.08 37.46 -10.50
C TYR D 214 -17.64 38.24 -9.24
N ARG D 215 -17.97 39.53 -9.21
CA ARG D 215 -17.85 40.32 -7.97
C ARG D 215 -19.09 40.07 -7.14
N VAL D 216 -18.94 39.30 -6.08
CA VAL D 216 -20.06 38.93 -5.21
C VAL D 216 -20.65 40.15 -4.50
N ASN D 217 -21.94 40.37 -4.70
CA ASN D 217 -22.66 41.36 -3.91
C ASN D 217 -23.07 40.74 -2.58
N GLU D 218 -22.67 41.36 -1.47
CA GLU D 218 -22.97 40.83 -0.14
C GLU D 218 -24.18 41.48 0.53
N HIS D 219 -24.45 42.75 0.24
CA HIS D 219 -25.45 43.52 0.98
C HIS D 219 -26.75 43.64 0.21
N PHE D 220 -27.84 43.18 0.81
CA PHE D 220 -29.14 43.19 0.17
C PHE D 220 -30.18 43.78 1.13
N ASP D 221 -31.23 44.36 0.56
CA ASP D 221 -32.39 44.77 1.34
C ASP D 221 -33.29 43.57 1.62
N SER D 222 -34.43 43.80 2.28
CA SER D 222 -35.34 42.70 2.63
C SER D 222 -36.04 42.02 1.45
N GLN D 223 -35.95 42.63 0.26
CA GLN D 223 -36.51 42.05 -0.97
C GLN D 223 -35.42 41.38 -1.80
N TRP D 224 -34.24 41.24 -1.21
CA TRP D 224 -33.09 40.64 -1.90
C TRP D 224 -32.64 41.46 -3.10
N ASN D 225 -32.82 42.77 -3.00
CA ASN D 225 -32.21 43.67 -3.97
C ASN D 225 -30.91 44.23 -3.41
N PRO D 226 -29.85 44.26 -4.23
CA PRO D 226 -28.56 44.77 -3.74
C PRO D 226 -28.62 46.18 -3.15
N ILE D 227 -27.86 46.41 -2.08
CA ILE D 227 -27.55 47.73 -1.57
C ILE D 227 -26.08 47.98 -1.88
N ARG D 228 -25.80 48.61 -3.03
CA ARG D 228 -24.43 48.67 -3.55
C ARG D 228 -23.51 49.57 -2.75
N ASP D 229 -24.08 50.57 -2.06
CA ASP D 229 -23.32 51.53 -1.26
C ASP D 229 -23.35 51.24 0.24
N TYR D 230 -23.77 50.03 0.60
CA TYR D 230 -23.86 49.68 2.02
C TYR D 230 -22.51 49.81 2.71
N ASN D 231 -22.52 50.45 3.89
CA ASN D 231 -21.30 50.72 4.67
C ASN D 231 -20.26 51.62 3.99
N LYS D 232 -20.74 52.49 3.10
CA LYS D 232 -19.92 53.54 2.51
C LYS D 232 -19.09 54.29 3.57
N ASP D 233 -19.69 54.55 4.72
CA ASP D 233 -19.03 55.30 5.80
C ASP D 233 -18.20 54.44 6.75
N ASN D 234 -18.27 53.12 6.56
CA ASN D 234 -17.51 52.18 7.38
C ASN D 234 -16.93 51.07 6.49
N PRO D 235 -16.06 51.46 5.53
CA PRO D 235 -15.63 50.52 4.50
C PRO D 235 -14.83 49.32 5.00
N ALA D 236 -14.13 49.48 6.12
CA ALA D 236 -13.24 48.44 6.59
C ALA D 236 -13.93 47.54 7.64
N HIS D 237 -15.26 47.52 7.62
CA HIS D 237 -16.04 46.68 8.54
C HIS D 237 -15.52 45.23 8.47
N ARG D 238 -15.47 44.58 9.64
CA ARG D 238 -14.93 43.22 9.74
C ARG D 238 -15.78 42.13 9.08
N PHE D 239 -17.10 42.37 8.97
CA PHE D 239 -18.03 41.36 8.43
C PHE D 239 -18.90 41.85 7.27
N ARG D 240 -18.97 43.17 7.11
CA ARG D 240 -19.79 43.76 6.06
C ARG D 240 -19.06 44.92 5.38
N ALA D 241 -17.91 44.60 4.79
CA ALA D 241 -17.10 45.63 4.13
C ALA D 241 -17.86 46.25 2.96
N TYR D 242 -17.60 47.54 2.73
CA TYR D 242 -18.18 48.21 1.58
C TYR D 242 -17.66 47.55 0.29
N GLY D 243 -18.53 47.40 -0.70
CA GLY D 243 -18.12 46.87 -2.00
C GLY D 243 -17.98 45.36 -1.96
N GLY D 244 -16.98 44.84 -2.67
CA GLY D 244 -16.75 43.41 -2.73
C GLY D 244 -15.58 43.03 -1.84
N THR D 245 -15.69 41.86 -1.22
CA THR D 245 -14.53 41.35 -0.49
C THR D 245 -14.05 40.04 -1.13
N PRO D 246 -12.99 40.16 -1.95
CA PRO D 246 -12.52 39.04 -2.76
C PRO D 246 -12.23 37.74 -2.01
N GLY D 247 -11.75 37.82 -0.78
CA GLY D 247 -11.57 36.61 0.04
C GLY D 247 -12.85 35.80 0.08
N ALA D 248 -14.00 36.47 0.19
CA ALA D 248 -15.30 35.80 0.21
C ALA D 248 -15.63 35.16 -1.14
N TRP D 249 -15.25 35.82 -2.22
CA TRP D 249 -15.53 35.28 -3.57
C TRP D 249 -14.87 33.94 -3.72
N ILE D 250 -13.61 33.85 -3.32
CA ILE D 250 -12.84 32.64 -3.55
C ILE D 250 -13.30 31.53 -2.59
N GLU D 251 -13.67 31.91 -1.36
CA GLU D 251 -14.29 30.97 -0.41
C GLU D 251 -15.60 30.34 -0.96
N TRP D 252 -16.48 31.17 -1.54
CA TRP D 252 -17.70 30.68 -2.21
C TRP D 252 -17.32 29.61 -3.24
N GLY D 253 -16.27 29.87 -4.01
CA GLY D 253 -15.78 28.93 -5.01
C GLY D 253 -15.56 27.53 -4.45
N ARG D 254 -14.81 27.42 -3.34
CA ARG D 254 -14.54 26.11 -2.75
C ARG D 254 -15.83 25.45 -2.30
N LEU D 255 -16.70 26.22 -1.63
CA LEU D 255 -17.95 25.66 -1.10
C LEU D 255 -18.81 25.05 -2.21
N MET D 256 -18.85 25.72 -3.36
CA MET D 256 -19.57 25.19 -4.51
C MET D 256 -18.99 23.87 -5.01
N LEU D 257 -17.68 23.68 -4.86
CA LEU D 257 -17.05 22.42 -5.25
C LEU D 257 -17.30 21.31 -4.25
N HIS D 258 -17.38 21.64 -2.95
CA HIS D 258 -17.87 20.65 -1.97
C HIS D 258 -19.30 20.21 -2.32
N LEU D 259 -20.11 21.15 -2.80
CA LEU D 259 -21.49 20.86 -3.22
C LEU D 259 -21.48 19.91 -4.42
N HIS D 260 -20.65 20.25 -5.41
CA HIS D 260 -20.48 19.42 -6.61
C HIS D 260 -20.11 17.99 -6.20
N ALA D 261 -19.12 17.88 -5.34
CA ALA D 261 -18.63 16.55 -4.92
C ALA D 261 -19.67 15.75 -4.15
N ALA D 262 -20.47 16.45 -3.33
CA ALA D 262 -21.53 15.78 -2.56
C ALA D 262 -22.54 15.15 -3.51
N LEU D 263 -22.92 15.88 -4.55
CA LEU D 263 -23.85 15.36 -5.57
C LEU D 263 -23.27 14.16 -6.30
N GLU D 264 -22.01 14.27 -6.71
CA GLU D 264 -21.32 13.15 -7.35
C GLU D 264 -21.32 11.92 -6.45
N ALA D 265 -21.21 12.14 -5.15
CA ALA D 265 -21.06 11.04 -4.19
C ALA D 265 -22.32 10.17 -4.07
N ARG D 266 -23.47 10.72 -4.44
CA ARG D 266 -24.69 9.90 -4.48
C ARG D 266 -25.09 9.59 -5.93
N PHE D 267 -24.08 9.58 -6.81
CA PHE D 267 -24.24 9.19 -8.22
C PHE D 267 -25.20 10.11 -8.97
N GLU D 268 -25.18 11.38 -8.59
CA GLU D 268 -25.95 12.40 -9.28
C GLU D 268 -25.02 13.29 -10.11
N THR D 269 -25.44 13.68 -11.30
CA THR D 269 -24.64 14.60 -12.11
C THR D 269 -24.82 16.02 -11.58
N PRO D 270 -23.73 16.64 -11.09
CA PRO D 270 -23.95 17.99 -10.57
C PRO D 270 -24.18 18.99 -11.71
N PRO D 271 -24.98 20.05 -11.46
CA PRO D 271 -25.13 21.09 -12.50
C PRO D 271 -23.78 21.68 -12.86
N ALA D 272 -23.58 21.94 -14.16
CA ALA D 272 -22.30 22.41 -14.68
C ALA D 272 -21.90 23.76 -14.06
N TRP D 273 -22.87 24.54 -13.61
CA TRP D 273 -22.56 25.89 -13.15
C TRP D 273 -21.76 25.98 -11.86
N LEU D 274 -21.79 24.92 -11.06
CA LEU D 274 -21.00 24.90 -9.82
C LEU D 274 -19.51 25.03 -10.14
N LEU D 275 -19.03 24.20 -11.06
CA LEU D 275 -17.64 24.29 -11.47
C LEU D 275 -17.37 25.57 -12.31
N GLU D 276 -18.27 25.88 -13.25
CA GLU D 276 -18.13 27.10 -14.06
C GLU D 276 -17.95 28.32 -13.17
N ASP D 277 -18.86 28.48 -12.21
CA ASP D 277 -18.85 29.65 -11.35
C ASP D 277 -17.68 29.65 -10.35
N ALA D 278 -17.27 28.47 -9.89
CA ALA D 278 -16.09 28.37 -9.02
C ALA D 278 -14.85 28.88 -9.74
N LYS D 279 -14.66 28.44 -10.99
CA LYS D 279 -13.61 28.98 -11.85
C LYS D 279 -13.72 30.50 -12.01
N GLY D 280 -14.93 30.98 -12.29
CA GLY D 280 -15.17 32.42 -12.45
C GLY D 280 -14.77 33.22 -11.22
N LEU D 281 -15.16 32.74 -10.05
CA LEU D 281 -14.86 33.43 -8.79
C LEU D 281 -13.36 33.49 -8.51
N PHE D 282 -12.69 32.37 -8.75
CA PHE D 282 -11.24 32.24 -8.52
C PHE D 282 -10.52 33.25 -9.41
N HIS D 283 -10.83 33.23 -10.70
CA HIS D 283 -10.25 34.15 -11.70
CA HIS D 283 -10.15 34.14 -11.59
C HIS D 283 -10.47 35.61 -11.33
N ALA D 284 -11.71 35.93 -10.95
CA ALA D 284 -12.07 37.31 -10.57
C ALA D 284 -11.31 37.79 -9.33
N THR D 285 -11.15 36.89 -8.36
CA THR D 285 -10.38 37.21 -7.15
C THR D 285 -8.93 37.60 -7.50
N ILE D 286 -8.28 36.80 -8.36
CA ILE D 286 -6.93 37.15 -8.80
C ILE D 286 -6.94 38.45 -9.62
N ARG D 287 -7.89 38.53 -10.55
CA ARG D 287 -8.03 39.70 -11.44
C ARG D 287 -8.05 41.02 -10.67
N ASP D 288 -8.89 41.11 -9.64
CA ASP D 288 -9.08 42.36 -8.94
C ASP D 288 -8.17 42.55 -7.74
N ALA D 289 -7.87 41.45 -7.05
CA ALA D 289 -7.35 41.53 -5.68
C ALA D 289 -5.92 41.03 -5.43
N TRP D 290 -5.37 40.22 -6.34
CA TRP D 290 -3.99 39.75 -6.16
C TRP D 290 -2.99 40.78 -6.66
N ALA D 291 -2.12 41.21 -5.76
CA ALA D 291 -1.03 42.16 -6.07
C ALA D 291 -1.46 43.28 -7.00
N PRO D 292 -2.54 44.01 -6.65
CA PRO D 292 -3.08 45.02 -7.55
C PRO D 292 -2.40 46.39 -7.44
N ASP D 293 -1.51 46.55 -6.48
CA ASP D 293 -1.09 47.88 -6.00
C ASP D 293 0.41 47.94 -5.76
N GLY D 294 1.14 47.11 -6.51
CA GLY D 294 2.59 47.13 -6.54
C GLY D 294 3.33 46.28 -5.52
N ALA D 295 2.59 45.45 -4.78
CA ALA D 295 3.20 44.47 -3.87
C ALA D 295 2.31 43.22 -3.81
N ASP D 296 2.89 42.09 -3.43
CA ASP D 296 2.17 40.83 -3.38
C ASP D 296 1.07 40.86 -2.32
N GLY D 297 0.14 39.91 -2.42
CA GLY D 297 -0.91 39.71 -1.41
C GLY D 297 -2.30 40.06 -1.92
N PHE D 298 -3.33 39.63 -1.19
CA PHE D 298 -4.71 39.92 -1.54
C PHE D 298 -5.21 41.09 -0.72
N VAL D 299 -5.70 42.14 -1.39
CA VAL D 299 -6.33 43.25 -0.68
C VAL D 299 -7.65 42.80 -0.02
N TYR D 300 -8.13 43.60 0.92
CA TYR D 300 -9.35 43.23 1.64
C TYR D 300 -10.64 43.50 0.86
N SER D 301 -10.72 44.66 0.22
CA SER D 301 -11.95 45.01 -0.51
C SER D 301 -11.67 45.76 -1.79
N VAL D 302 -12.62 45.67 -2.71
CA VAL D 302 -12.56 46.38 -3.97
C VAL D 302 -13.91 47.05 -4.23
N ASP D 303 -13.90 48.09 -5.06
CA ASP D 303 -15.18 48.67 -5.47
CA ASP D 303 -15.13 48.72 -5.54
C ASP D 303 -15.76 47.89 -6.66
N TRP D 304 -16.92 48.33 -7.16
CA TRP D 304 -17.60 47.56 -8.21
C TRP D 304 -16.94 47.56 -9.59
N ASP D 305 -15.93 48.42 -9.75
CA ASP D 305 -15.08 48.41 -10.94
C ASP D 305 -13.77 47.62 -10.70
N GLY D 306 -13.67 46.97 -9.55
CA GLY D 306 -12.49 46.16 -9.23
C GLY D 306 -11.30 46.85 -8.60
N LYS D 307 -11.38 48.17 -8.42
CA LYS D 307 -10.29 48.95 -7.82
C LYS D 307 -10.21 48.76 -6.31
N PRO D 308 -9.00 48.52 -5.77
CA PRO D 308 -8.89 48.33 -4.31
C PRO D 308 -9.40 49.49 -3.47
N ILE D 309 -10.07 49.16 -2.37
CA ILE D 309 -10.50 50.16 -1.40
C ILE D 309 -9.65 49.96 -0.14
N VAL D 310 -9.93 48.89 0.60
CA VAL D 310 -9.14 48.56 1.78
C VAL D 310 -8.00 47.66 1.34
N ARG D 311 -6.78 48.18 1.43
CA ARG D 311 -5.59 47.52 0.86
C ARG D 311 -4.84 46.59 1.83
N GLU D 312 -5.20 46.60 3.11
CA GLU D 312 -4.62 45.70 4.09
C GLU D 312 -4.76 44.27 3.64
N ARG D 313 -3.73 43.47 3.91
CA ARG D 313 -3.75 42.04 3.63
C ARG D 313 -4.14 41.32 4.92
N VAL D 314 -5.42 40.97 5.01
CA VAL D 314 -5.91 40.21 6.15
C VAL D 314 -5.56 38.74 5.90
N ARG D 315 -5.45 37.95 6.96
CA ARG D 315 -4.98 36.59 6.82
C ARG D 315 -5.95 35.68 6.05
N TRP D 316 -7.24 35.71 6.41
CA TRP D 316 -8.14 34.66 5.87
C TRP D 316 -8.35 34.65 4.32
N PRO D 317 -8.37 35.83 3.64
CA PRO D 317 -8.54 35.75 2.19
C PRO D 317 -7.51 34.86 1.47
N ILE D 318 -6.23 35.00 1.76
CA ILE D 318 -5.23 34.15 1.08
C ILE D 318 -5.30 32.68 1.51
N VAL D 319 -5.63 32.46 2.78
CA VAL D 319 -5.85 31.09 3.32
C VAL D 319 -7.00 30.41 2.55
N GLU D 320 -8.09 31.16 2.35
CA GLU D 320 -9.20 30.63 1.55
C GLU D 320 -8.81 30.44 0.09
N ALA D 321 -8.06 31.38 -0.46
CA ALA D 321 -7.58 31.22 -1.84
C ALA D 321 -6.84 29.89 -2.03
N MET D 322 -6.00 29.56 -1.06
CA MET D 322 -5.21 28.34 -1.11
C MET D 322 -6.11 27.09 -1.08
N GLY D 323 -7.14 27.12 -0.23
CA GLY D 323 -8.12 26.03 -0.19
C GLY D 323 -8.84 25.87 -1.51
N THR D 324 -9.20 26.99 -2.14
CA THR D 324 -9.94 26.95 -3.40
C THR D 324 -9.04 26.46 -4.54
N ALA D 325 -7.77 26.86 -4.51
CA ALA D 325 -6.81 26.39 -5.50
C ALA D 325 -6.73 24.86 -5.43
N TYR D 326 -6.72 24.32 -4.20
CA TYR D 326 -6.72 22.87 -4.06
C TYR D 326 -8.01 22.24 -4.65
N ALA D 327 -9.17 22.79 -4.28
CA ALA D 327 -10.44 22.28 -4.78
C ALA D 327 -10.53 22.33 -6.31
N LEU D 328 -10.06 23.44 -6.90
CA LEU D 328 -10.11 23.55 -8.36
C LEU D 328 -9.10 22.60 -9.03
N TYR D 329 -7.91 22.47 -8.46
CA TYR D 329 -6.96 21.47 -8.96
C TYR D 329 -7.60 20.06 -8.96
N THR D 330 -8.28 19.76 -7.87
CA THR D 330 -8.87 18.44 -7.69
C THR D 330 -9.90 18.17 -8.80
N LEU D 331 -10.68 19.19 -9.15
CA LEU D 331 -11.72 19.03 -10.17
CA LEU D 331 -11.73 19.06 -10.18
C LEU D 331 -11.22 19.13 -11.61
N THR D 332 -10.16 19.91 -11.84
CA THR D 332 -9.73 20.21 -13.21
C THR D 332 -8.43 19.52 -13.62
N ASP D 333 -7.62 19.14 -12.64
CA ASP D 333 -6.27 18.61 -12.85
C ASP D 333 -5.36 19.61 -13.56
N ASP D 334 -5.74 20.90 -13.50
CA ASP D 334 -4.99 21.97 -14.16
C ASP D 334 -3.91 22.50 -13.22
N SER D 335 -2.66 22.32 -13.65
CA SER D 335 -1.51 22.69 -12.82
CA SER D 335 -1.45 22.71 -12.92
C SER D 335 -1.44 24.16 -12.44
N GLN D 336 -2.11 25.04 -13.18
CA GLN D 336 -2.11 26.47 -12.84
C GLN D 336 -2.59 26.67 -11.41
N TYR D 337 -3.54 25.83 -10.98
CA TYR D 337 -4.08 25.95 -9.62
C TYR D 337 -3.04 25.56 -8.56
N GLU D 338 -2.25 24.54 -8.88
CA GLU D 338 -1.18 24.13 -7.97
C GLU D 338 -0.10 25.20 -7.91
N GLU D 339 0.19 25.84 -9.04
CA GLU D 339 1.18 26.91 -9.07
C GLU D 339 0.77 28.09 -8.20
N TRP D 340 -0.49 28.50 -8.28
CA TRP D 340 -1.00 29.53 -7.37
C TRP D 340 -0.89 29.10 -5.91
N TYR D 341 -1.35 27.90 -5.59
CA TYR D 341 -1.24 27.37 -4.22
C TYR D 341 0.19 27.48 -3.66
N GLN D 342 1.17 27.09 -4.49
CA GLN D 342 2.59 27.15 -4.10
C GLN D 342 3.04 28.60 -3.88
N LYS D 343 2.69 29.47 -4.82
CA LYS D 343 3.02 30.89 -4.74
C LYS D 343 2.47 31.51 -3.44
N TRP D 344 1.24 31.14 -3.11
CA TRP D 344 0.60 31.66 -1.89
C TRP D 344 1.21 31.08 -0.62
N TRP D 345 1.55 29.80 -0.64
CA TRP D 345 2.29 29.22 0.49
C TRP D 345 3.61 29.96 0.74
N ASP D 346 4.37 30.22 -0.31
CA ASP D 346 5.62 30.99 -0.18
C ASP D 346 5.38 32.37 0.46
N TYR D 347 4.36 33.08 -0.04
CA TYR D 347 3.99 34.35 0.59
C TYR D 347 3.64 34.19 2.06
N CYS D 348 2.84 33.17 2.38
CA CYS D 348 2.37 32.97 3.75
C CYS D 348 3.52 32.78 4.74
N ILE D 349 4.49 31.94 4.38
CA ILE D 349 5.62 31.75 5.30
C ILE D 349 6.49 33.00 5.38
N LYS D 350 6.57 33.74 4.27
CA LYS D 350 7.44 34.93 4.22
C LYS D 350 6.88 36.04 5.10
N TYR D 351 5.56 36.21 5.10
CA TYR D 351 4.94 37.40 5.69
C TYR D 351 3.93 37.17 6.80
N LEU D 352 3.22 36.02 6.79
CA LEU D 352 2.10 35.76 7.72
C LEU D 352 2.45 34.83 8.91
N MET D 353 3.20 33.77 8.64
CA MET D 353 3.50 32.83 9.71
C MET D 353 4.33 33.52 10.78
N ASP D 354 3.99 33.26 12.04
CA ASP D 354 4.67 33.88 13.16
C ASP D 354 5.21 32.83 14.09
N TYR D 355 6.40 32.34 13.75
CA TYR D 355 7.06 31.35 14.59
C TYR D 355 7.52 31.93 15.94
N GLU D 356 7.74 33.24 15.99
CA GLU D 356 8.18 33.91 17.22
C GLU D 356 7.09 33.97 18.28
N ASN D 357 5.92 34.50 17.92
CA ASN D 357 4.85 34.74 18.89
C ASN D 357 3.72 33.71 18.86
N GLY D 358 3.69 32.90 17.80
CA GLY D 358 2.70 31.83 17.66
C GLY D 358 1.68 32.08 16.56
N SER D 359 1.12 31.00 16.02
CA SER D 359 0.11 31.10 14.96
C SER D 359 0.61 31.96 13.77
N TRP D 360 -0.31 32.70 13.14
CA TRP D 360 0.02 33.58 12.03
C TRP D 360 -0.46 34.98 12.38
N TRP D 361 0.20 36.00 11.84
CA TRP D 361 -0.36 37.35 11.92
C TRP D 361 -1.75 37.39 11.30
N GLN D 362 -2.60 38.28 11.82
CA GLN D 362 -3.97 38.44 11.33
C GLN D 362 -4.07 39.44 10.17
N GLU D 363 -3.16 40.41 10.17
CA GLU D 363 -3.28 41.54 9.27
C GLU D 363 -1.94 42.22 9.01
N LEU D 364 -1.70 42.52 7.73
CA LEU D 364 -0.53 43.28 7.26
C LEU D 364 -0.97 44.54 6.53
N ASP D 365 -0.12 45.56 6.49
CA ASP D 365 -0.43 46.74 5.69
C ASP D 365 -0.20 46.45 4.19
N ALA D 366 -0.38 47.47 3.33
CA ALA D 366 -0.22 47.30 1.88
C ALA D 366 1.23 46.96 1.43
N ASP D 367 2.19 47.10 2.35
CA ASP D 367 3.57 46.68 2.07
C ASP D 367 3.95 45.37 2.76
N ASN D 368 2.92 44.66 3.24
CA ASN D 368 3.07 43.34 3.87
C ASN D 368 3.82 43.39 5.20
N LYS D 369 3.73 44.54 5.87
CA LYS D 369 4.26 44.69 7.21
C LYS D 369 3.12 44.57 8.21
N VAL D 370 3.36 43.83 9.28
CA VAL D 370 2.34 43.64 10.33
C VAL D 370 1.70 44.95 10.77
N THR D 371 0.37 44.96 10.84
CA THR D 371 -0.38 46.16 11.19
C THR D 371 -1.60 45.80 12.05
N THR D 372 -2.19 46.82 12.66
CA THR D 372 -3.45 46.67 13.37
C THR D 372 -4.38 47.74 12.83
N LYS D 373 -5.42 47.32 12.11
CA LYS D 373 -6.39 48.26 11.53
C LYS D 373 -7.77 47.65 11.41
N VAL D 374 -7.91 46.66 10.53
CA VAL D 374 -9.21 46.00 10.34
C VAL D 374 -9.51 45.13 11.54
N TRP D 375 -8.46 44.45 12.06
CA TRP D 375 -8.63 43.44 13.11
C TRP D 375 -7.76 43.76 14.32
N ASP D 376 -7.91 42.99 15.40
CA ASP D 376 -7.11 43.18 16.59
C ASP D 376 -6.92 41.86 17.33
N GLY D 377 -5.73 41.28 17.23
CA GLY D 377 -5.44 39.98 17.88
C GLY D 377 -5.34 38.84 16.85
N LYS D 378 -5.28 37.62 17.37
CA LYS D 378 -5.18 36.40 16.54
C LYS D 378 -6.26 35.42 17.01
N GLN D 379 -7.51 35.87 16.95
CA GLN D 379 -8.61 35.11 17.57
CA GLN D 379 -8.62 35.14 17.55
C GLN D 379 -9.04 33.87 16.80
N ASP D 380 -8.57 33.71 15.56
CA ASP D 380 -9.06 32.62 14.70
C ASP D 380 -8.00 31.59 14.39
N ILE D 381 -8.35 30.30 14.53
CA ILE D 381 -7.58 29.26 13.87
C ILE D 381 -8.41 28.44 12.88
N TYR D 382 -9.74 28.61 12.92
CA TYR D 382 -10.66 27.90 12.03
C TYR D 382 -10.32 27.99 10.51
N HIS D 383 -10.05 29.19 9.99
CA HIS D 383 -9.75 29.28 8.55
C HIS D 383 -8.51 28.47 8.18
N LEU D 384 -7.53 28.40 9.09
CA LEU D 384 -6.28 27.75 8.77
C LEU D 384 -6.47 26.28 8.39
N LEU D 385 -7.52 25.63 8.88
CA LEU D 385 -7.72 24.22 8.49
C LEU D 385 -8.02 24.10 6.98
N HIS D 386 -8.43 25.22 6.37
CA HIS D 386 -8.76 25.20 4.94
C HIS D 386 -7.54 25.18 4.04
N CYS D 387 -6.39 25.62 4.56
CA CYS D 387 -5.13 25.45 3.80
C CYS D 387 -4.19 24.38 4.37
N LEU D 388 -4.49 23.91 5.60
CA LEU D 388 -3.68 22.89 6.28
C LEU D 388 -4.24 21.46 6.22
N VAL D 389 -5.57 21.33 6.31
CA VAL D 389 -6.22 20.01 6.39
C VAL D 389 -6.99 19.70 5.11
N ILE D 390 -7.71 20.67 4.58
CA ILE D 390 -8.47 20.46 3.35
C ILE D 390 -7.65 19.86 2.19
N PRO D 391 -6.42 20.37 1.94
CA PRO D 391 -5.58 19.77 0.88
C PRO D 391 -5.15 18.31 1.08
N ARG D 392 -5.51 17.71 2.21
CA ARG D 392 -5.17 16.31 2.52
C ARG D 392 -6.38 15.38 2.44
N LEU D 393 -7.51 15.93 1.99
CA LEU D 393 -8.80 15.22 1.98
C LEU D 393 -9.53 15.31 0.63
N PRO D 394 -10.39 14.32 0.33
CA PRO D 394 -11.27 14.48 -0.82
C PRO D 394 -12.25 15.63 -0.51
N LEU D 395 -13.05 16.06 -1.50
CA LEU D 395 -14.01 17.14 -1.30
C LEU D 395 -15.33 16.69 -0.71
N ALA D 396 -15.60 15.38 -0.76
CA ALA D 396 -16.74 14.78 -0.08
C ALA D 396 -16.27 13.54 0.67
N PRO D 397 -16.80 13.32 1.89
CA PRO D 397 -17.66 14.25 2.64
C PRO D 397 -16.79 15.44 3.08
N GLY D 398 -17.39 16.40 3.78
CA GLY D 398 -16.68 17.60 4.18
C GLY D 398 -15.62 17.38 5.24
N LEU D 399 -14.99 18.48 5.65
CA LEU D 399 -13.79 18.45 6.52
C LEU D 399 -13.86 17.50 7.72
N ALA D 400 -14.69 17.83 8.71
CA ALA D 400 -14.71 17.04 9.94
C ALA D 400 -15.14 15.58 9.65
N PRO D 401 -16.24 15.38 8.89
CA PRO D 401 -16.60 13.99 8.54
C PRO D 401 -15.47 13.20 7.88
N ALA D 402 -14.78 13.82 6.91
CA ALA D 402 -13.70 13.12 6.20
C ALA D 402 -12.54 12.75 7.12
N VAL D 403 -12.16 13.65 8.03
CA VAL D 403 -11.09 13.32 8.97
C VAL D 403 -11.53 12.15 9.86
N ALA D 404 -12.77 12.23 10.35
CA ALA D 404 -13.32 11.15 11.20
C ALA D 404 -13.41 9.82 10.46
N ALA D 405 -13.64 9.90 9.16
CA ALA D 405 -13.73 8.71 8.30
C ALA D 405 -12.37 8.05 8.03
N GLY D 406 -11.27 8.71 8.42
CA GLY D 406 -9.92 8.17 8.21
C GLY D 406 -9.36 8.51 6.83
N LEU D 407 -9.86 9.60 6.24
CA LEU D 407 -9.50 9.92 4.86
C LEU D 407 -8.27 10.80 4.68
N LEU D 408 -7.62 11.22 5.78
CA LEU D 408 -6.41 12.04 5.63
C LEU D 408 -5.38 11.33 4.75
N ASP D 409 -4.84 12.06 3.77
CA ASP D 409 -3.82 11.54 2.86
C ASP D 409 -4.27 10.37 1.95
N ILE D 410 -5.57 10.11 1.88
CA ILE D 410 -6.06 8.99 1.04
C ILE D 410 -5.59 9.10 -0.42
N ASN D 411 -5.52 10.31 -0.95
CA ASN D 411 -5.13 10.53 -2.34
C ASN D 411 -3.61 10.63 -2.55
N ALA D 412 -2.87 10.59 -1.45
CA ALA D 412 -1.42 10.67 -1.49
C ALA D 412 -0.82 9.27 -1.34
N HIS D 418 5.70 11.08 -10.36
CA HIS D 418 4.58 11.95 -10.68
C HIS D 418 5.00 13.18 -11.51
N HIS D 419 6.26 13.20 -11.94
CA HIS D 419 6.77 14.24 -12.83
C HIS D 419 6.33 14.06 -14.29
N HIS D 420 5.76 12.90 -14.60
CA HIS D 420 5.30 12.63 -15.97
C HIS D 420 4.09 11.71 -16.01
N HIS D 421 3.55 11.54 -17.22
CA HIS D 421 2.39 10.71 -17.44
C HIS D 421 2.76 9.29 -17.86
N MET E 1 20.69 -4.42 13.47
CA MET E 1 19.40 -3.71 13.29
C MET E 1 19.26 -3.12 11.90
N LYS E 2 18.01 -2.95 11.47
CA LYS E 2 17.66 -2.45 10.15
C LYS E 2 17.23 -0.97 10.21
N TRP E 3 17.96 -0.09 9.53
CA TRP E 3 17.56 1.33 9.37
C TRP E 3 17.26 1.70 7.92
N PHE E 4 18.11 1.29 6.98
CA PHE E 4 17.89 1.63 5.58
C PHE E 4 16.52 1.14 5.17
N ASN E 5 15.79 1.98 4.43
CA ASN E 5 14.49 1.59 3.86
C ASN E 5 13.46 1.26 4.93
N THR E 6 13.59 1.88 6.10
CA THR E 6 12.54 1.81 7.11
C THR E 6 11.95 3.20 7.30
N LEU E 7 10.63 3.24 7.42
CA LEU E 7 9.96 4.53 7.58
C LEU E 7 10.32 5.21 8.89
N SER E 8 10.52 4.43 9.96
CA SER E 8 10.94 5.00 11.24
C SER E 8 12.26 5.77 11.13
N HIS E 9 13.25 5.18 10.49
CA HIS E 9 14.51 5.88 10.32
C HIS E 9 14.33 7.05 9.35
N ASN E 10 13.55 6.83 8.28
CA ASN E 10 13.40 7.89 7.26
C ASN E 10 12.65 9.14 7.78
N ARG E 11 11.69 8.93 8.69
CA ARG E 11 11.03 10.04 9.38
C ARG E 11 12.04 10.84 10.19
N TRP E 12 12.92 10.14 10.91
CA TRP E 12 13.96 10.81 11.69
C TRP E 12 14.84 11.66 10.75
N LEU E 13 15.22 11.08 9.61
CA LEU E 13 16.01 11.80 8.60
C LEU E 13 15.28 13.03 8.09
N GLU E 14 13.97 12.90 7.78
CA GLU E 14 13.24 14.06 7.28
C GLU E 14 13.16 15.20 8.29
N GLN E 15 12.99 14.84 9.56
CA GLN E 15 12.81 15.84 10.60
C GLN E 15 14.13 16.59 10.80
N GLU E 16 15.24 15.85 10.73
CA GLU E 16 16.55 16.50 10.77
C GLU E 16 16.74 17.37 9.51
N THR E 17 16.30 16.87 8.35
CA THR E 17 16.41 17.65 7.12
C THR E 17 15.71 19.03 7.23
N ASP E 18 14.53 19.07 7.84
CA ASP E 18 13.84 20.33 8.03
C ASP E 18 14.62 21.29 8.94
N ARG E 19 15.23 20.74 10.00
CA ARG E 19 16.10 21.53 10.86
C ARG E 19 17.22 22.19 10.06
N ILE E 20 17.81 21.44 9.12
CA ILE E 20 18.88 21.92 8.27
C ILE E 20 18.40 22.96 7.25
N PHE E 21 17.28 22.69 6.57
CA PHE E 21 16.67 23.68 5.68
C PHE E 21 16.42 25.00 6.40
N ASN E 22 15.89 24.93 7.61
CA ASN E 22 15.60 26.15 8.38
C ASN E 22 16.86 26.98 8.65
N PHE E 23 17.94 26.32 9.04
CA PHE E 23 19.24 26.98 9.29
C PHE E 23 19.75 27.75 8.06
N GLY E 24 19.66 27.12 6.89
CA GLY E 24 20.20 27.73 5.68
C GLY E 24 19.45 28.98 5.25
N LYS E 25 18.18 29.11 5.65
CA LYS E 25 17.36 30.25 5.24
C LYS E 25 17.97 31.59 5.62
N ASN E 26 18.68 31.60 6.74
CA ASN E 26 19.35 32.78 7.29
C ASN E 26 20.39 33.39 6.32
N ALA E 27 20.83 32.59 5.33
CA ALA E 27 21.92 32.98 4.44
C ALA E 27 21.51 33.95 3.32
N VAL E 28 20.21 34.17 3.16
CA VAL E 28 19.73 35.04 2.07
C VAL E 28 20.27 36.47 2.23
N VAL E 29 20.93 36.95 1.18
CA VAL E 29 21.41 38.33 1.10
C VAL E 29 21.05 38.85 -0.28
N PRO E 30 21.02 40.17 -0.46
CA PRO E 30 20.61 40.71 -1.76
C PRO E 30 21.31 40.10 -2.97
N THR E 31 22.60 39.80 -2.85
CA THR E 31 23.40 39.29 -3.99
C THR E 31 23.47 37.75 -4.11
N GLY E 32 22.74 37.04 -3.26
CA GLY E 32 22.72 35.58 -3.32
C GLY E 32 22.60 35.01 -1.93
N PHE E 33 23.56 34.16 -1.59
CA PHE E 33 23.63 33.54 -0.25
C PHE E 33 24.96 33.82 0.42
N GLY E 34 24.88 34.35 1.64
CA GLY E 34 26.05 34.64 2.43
C GLY E 34 26.61 33.45 3.19
N TRP E 35 27.61 33.75 4.03
CA TRP E 35 28.40 32.74 4.71
C TRP E 35 27.95 32.68 6.18
N LEU E 36 27.25 31.61 6.56
CA LEU E 36 26.71 31.51 7.93
C LEU E 36 27.76 31.13 8.97
N GLY E 37 27.64 31.76 10.14
CA GLY E 37 28.50 31.48 11.28
C GLY E 37 27.90 30.42 12.20
N ASN E 38 28.59 30.19 13.32
CA ASN E 38 28.20 29.14 14.27
C ASN E 38 26.78 29.20 14.87
N LYS E 39 26.12 30.37 14.84
CA LYS E 39 24.73 30.46 15.32
CA LYS E 39 24.75 30.49 15.34
C LYS E 39 23.78 30.98 14.24
N GLY E 40 24.14 30.76 12.99
CA GLY E 40 23.22 31.07 11.88
C GLY E 40 23.09 32.53 11.47
N GLN E 41 24.06 33.34 11.87
CA GLN E 41 24.22 34.74 11.51
CA GLN E 41 24.07 34.69 11.33
C GLN E 41 25.16 34.88 10.31
N ILE E 42 24.91 35.83 9.42
CA ILE E 42 25.80 36.04 8.27
C ILE E 42 27.13 36.65 8.72
N LYS E 43 28.23 36.09 8.25
CA LYS E 43 29.54 36.72 8.36
C LYS E 43 29.71 37.62 7.13
N GLU E 44 29.34 38.89 7.26
CA GLU E 44 29.30 39.80 6.10
C GLU E 44 30.66 39.95 5.45
N GLU E 45 31.73 39.83 6.24
CA GLU E 45 33.09 40.03 5.76
C GLU E 45 33.50 38.97 4.75
N MET E 46 32.73 37.88 4.67
CA MET E 46 33.02 36.79 3.74
C MET E 46 32.35 36.99 2.38
N GLY E 47 31.38 37.90 2.33
CA GLY E 47 30.70 38.24 1.08
C GLY E 47 29.86 37.11 0.52
N THR E 48 29.57 37.21 -0.78
CA THR E 48 28.69 36.27 -1.45
C THR E 48 29.51 35.42 -2.42
N HIS E 49 29.74 34.18 -2.04
CA HIS E 49 30.54 33.27 -2.85
C HIS E 49 29.70 32.56 -3.90
N LEU E 50 30.29 32.35 -5.07
CA LEU E 50 29.62 31.63 -6.13
C LEU E 50 29.28 30.20 -5.70
N TRP E 51 30.28 29.48 -5.17
CA TRP E 51 30.03 28.08 -4.79
C TRP E 51 28.93 27.97 -3.75
N ILE E 52 28.91 28.88 -2.78
CA ILE E 52 27.85 28.83 -1.75
C ILE E 52 26.47 29.15 -2.33
N THR E 53 26.40 30.18 -3.16
CA THR E 53 25.13 30.58 -3.79
C THR E 53 24.58 29.44 -4.67
N ALA E 54 25.46 28.84 -5.47
CA ALA E 54 25.04 27.76 -6.37
C ALA E 54 24.60 26.53 -5.58
N ARG E 55 25.33 26.19 -4.52
CA ARG E 55 24.94 25.10 -3.63
C ARG E 55 23.58 25.33 -2.98
N MET E 56 23.32 26.54 -2.51
CA MET E 56 22.04 26.85 -1.89
C MET E 56 20.90 26.75 -2.91
N LEU E 57 21.15 27.19 -4.15
CA LEU E 57 20.17 27.02 -5.22
C LEU E 57 19.77 25.54 -5.39
N HIS E 58 20.77 24.66 -5.42
CA HIS E 58 20.55 23.21 -5.43
C HIS E 58 19.77 22.74 -4.20
N VAL E 59 20.20 23.18 -3.02
CA VAL E 59 19.59 22.69 -1.78
C VAL E 59 18.11 23.07 -1.75
N TYR E 60 17.79 24.32 -2.06
CA TYR E 60 16.40 24.75 -1.98
C TYR E 60 15.55 24.25 -3.12
N SER E 61 16.18 23.81 -4.22
CA SER E 61 15.45 23.08 -5.26
C SER E 61 14.87 21.79 -4.67
N VAL E 62 15.73 21.05 -3.96
CA VAL E 62 15.30 19.82 -3.27
C VAL E 62 14.19 20.11 -2.24
N ALA E 63 14.39 21.13 -1.40
CA ALA E 63 13.40 21.48 -0.37
C ALA E 63 12.07 21.85 -1.02
N ALA E 64 12.14 22.53 -2.17
CA ALA E 64 10.92 22.93 -2.87
C ALA E 64 10.18 21.70 -3.37
N SER E 65 10.92 20.75 -3.94
CA SER E 65 10.32 19.49 -4.39
C SER E 65 9.71 18.71 -3.23
N MET E 66 10.24 18.92 -2.03
CA MET E 66 9.74 18.25 -0.83
C MET E 66 8.51 18.93 -0.25
N GLY E 67 8.07 20.01 -0.89
CA GLY E 67 6.80 20.69 -0.57
C GLY E 67 6.93 21.61 0.62
N ARG E 68 8.11 22.19 0.81
CA ARG E 68 8.37 23.11 1.92
C ARG E 68 8.09 24.55 1.49
N PRO E 69 7.04 25.19 2.05
CA PRO E 69 6.84 26.62 1.74
C PRO E 69 8.10 27.48 1.97
N GLY E 70 8.32 28.45 1.08
CA GLY E 70 9.48 29.32 1.15
C GLY E 70 10.67 28.84 0.33
N ALA E 71 10.80 27.52 0.12
CA ALA E 71 11.97 27.01 -0.61
C ALA E 71 12.01 27.48 -2.06
N TYR E 72 10.86 27.44 -2.74
CA TYR E 72 10.79 27.89 -4.14
C TYR E 72 11.16 29.36 -4.24
N ASP E 73 10.82 30.15 -3.23
CA ASP E 73 11.22 31.56 -3.17
C ASP E 73 12.74 31.65 -3.17
N LEU E 74 13.39 30.72 -2.48
CA LEU E 74 14.85 30.73 -2.40
C LEU E 74 15.46 30.25 -3.72
N VAL E 75 14.77 29.35 -4.43
CA VAL E 75 15.19 28.93 -5.79
C VAL E 75 15.15 30.17 -6.70
N ASP E 76 14.03 30.90 -6.61
CA ASP E 76 13.85 32.11 -7.42
C ASP E 76 14.94 33.12 -7.07
N HIS E 77 15.20 33.27 -5.77
CA HIS E 77 16.28 34.14 -5.32
C HIS E 77 17.62 33.72 -5.91
N GLY E 78 17.93 32.42 -5.82
CA GLY E 78 19.15 31.84 -6.38
C GLY E 78 19.32 32.12 -7.86
N ILE E 79 18.24 31.89 -8.61
CA ILE E 79 18.26 32.11 -10.06
C ILE E 79 18.50 33.59 -10.38
N LYS E 80 17.81 34.48 -9.66
CA LYS E 80 18.03 35.92 -9.84
C LYS E 80 19.48 36.28 -9.53
N ALA E 81 20.04 35.67 -8.48
CA ALA E 81 21.43 35.93 -8.07
C ALA E 81 22.39 35.50 -9.17
N MET E 82 22.09 34.36 -9.81
CA MET E 82 22.92 33.85 -10.91
C MET E 82 22.78 34.66 -12.20
N ASN E 83 21.75 35.48 -12.25
CA ASN E 83 21.58 36.40 -13.38
C ASN E 83 21.95 37.84 -12.98
N GLY E 84 22.40 38.02 -11.73
CA GLY E 84 22.64 39.34 -11.16
C GLY E 84 24.10 39.69 -10.94
N ALA E 85 24.44 40.16 -9.73
CA ALA E 85 25.78 40.68 -9.43
C ALA E 85 26.91 39.67 -9.62
N LEU E 86 26.63 38.40 -9.32
CA LEU E 86 27.60 37.32 -9.51
C LEU E 86 27.92 37.08 -10.98
N ARG E 87 27.02 37.46 -11.88
CA ARG E 87 27.25 37.20 -13.30
C ARG E 87 28.14 38.27 -13.94
N ASP E 88 29.21 37.81 -14.57
CA ASP E 88 30.11 38.70 -15.29
C ASP E 88 29.49 38.96 -16.67
N LYS E 89 28.85 40.12 -16.80
CA LYS E 89 28.15 40.47 -18.01
C LYS E 89 29.16 40.81 -19.12
N LYS E 90 30.34 41.25 -18.71
CA LYS E 90 31.38 41.67 -19.64
C LYS E 90 32.05 40.45 -20.29
N TYR E 91 32.57 39.54 -19.47
CA TYR E 91 33.36 38.41 -19.98
C TYR E 91 32.65 37.05 -19.98
N GLY E 92 31.52 36.96 -19.30
CA GLY E 92 30.79 35.68 -19.21
C GLY E 92 31.12 34.90 -17.95
N GLY E 93 30.28 33.92 -17.65
CA GLY E 93 30.43 33.18 -16.41
C GLY E 93 30.16 34.03 -15.19
N TRP E 94 30.71 33.59 -14.06
CA TRP E 94 30.41 34.18 -12.77
C TRP E 94 31.66 34.48 -11.98
N TYR E 95 31.69 35.67 -11.36
CA TYR E 95 32.76 36.02 -10.42
C TYR E 95 32.77 35.04 -9.24
N ALA E 96 33.95 34.80 -8.68
CA ALA E 96 34.08 33.89 -7.52
C ALA E 96 33.41 34.46 -6.27
N CYS E 97 33.47 35.78 -6.08
CA CYS E 97 32.89 36.38 -4.89
C CYS E 97 32.50 37.82 -5.14
N VAL E 98 31.31 38.20 -4.68
CA VAL E 98 30.84 39.60 -4.75
C VAL E 98 30.26 40.02 -3.41
N ASN E 99 30.11 41.33 -3.19
CA ASN E 99 29.34 41.81 -2.05
C ASN E 99 28.49 43.00 -2.49
N ASP E 100 27.81 43.66 -1.55
CA ASP E 100 26.89 44.75 -1.91
C ASP E 100 27.61 45.96 -2.52
N GLN E 101 28.92 46.03 -2.30
CA GLN E 101 29.76 47.15 -2.75
CA GLN E 101 29.75 47.14 -2.76
C GLN E 101 30.41 46.87 -4.11
N GLY E 102 30.43 45.60 -4.52
CA GLY E 102 31.00 45.23 -5.83
C GLY E 102 31.69 43.88 -5.85
N VAL E 103 32.61 43.69 -6.80
CA VAL E 103 33.28 42.41 -7.01
C VAL E 103 34.45 42.23 -6.06
N VAL E 104 34.46 41.13 -5.32
CA VAL E 104 35.52 40.87 -4.36
C VAL E 104 36.64 40.02 -4.99
N ASP E 105 36.24 38.97 -5.70
CA ASP E 105 37.18 38.07 -6.36
C ASP E 105 36.60 37.81 -7.75
N ALA E 106 37.25 38.39 -8.77
CA ALA E 106 36.75 38.39 -10.13
C ALA E 106 37.16 37.15 -10.92
N SER E 107 37.99 36.29 -10.32
CA SER E 107 38.50 35.09 -11.01
C SER E 107 37.40 34.09 -11.36
N LYS E 108 37.69 33.24 -12.34
CA LYS E 108 36.72 32.31 -12.87
C LYS E 108 37.15 30.91 -12.48
N GLN E 109 36.52 30.41 -11.44
CA GLN E 109 36.95 29.19 -10.77
C GLN E 109 36.13 27.99 -11.25
N GLY E 110 36.80 27.03 -11.86
CA GLY E 110 36.12 25.87 -12.43
C GLY E 110 35.30 25.11 -11.40
N TYR E 111 35.90 24.89 -10.23
CA TYR E 111 35.23 24.20 -9.13
C TYR E 111 33.85 24.82 -8.91
N GLN E 112 33.85 26.15 -8.83
CA GLN E 112 32.64 26.90 -8.53
C GLN E 112 31.64 26.92 -9.70
N HIS E 113 32.17 27.00 -10.93
CA HIS E 113 31.33 26.88 -12.12
C HIS E 113 30.65 25.51 -12.26
N PHE E 114 31.31 24.43 -11.86
CA PHE E 114 30.62 23.13 -11.84
C PHE E 114 29.47 23.13 -10.84
N PHE E 115 29.65 23.79 -9.69
CA PHE E 115 28.51 24.00 -8.79
C PHE E 115 27.39 24.84 -9.40
N ALA E 116 27.76 25.86 -10.18
CA ALA E 116 26.74 26.63 -10.93
C ALA E 116 25.93 25.71 -11.84
N LEU E 117 26.63 24.79 -12.52
CA LEU E 117 25.99 23.81 -13.41
C LEU E 117 25.04 22.89 -12.64
N LEU E 118 25.51 22.38 -11.51
CA LEU E 118 24.67 21.55 -10.64
C LEU E 118 23.44 22.34 -10.18
N GLY E 119 23.65 23.55 -9.68
CA GLY E 119 22.54 24.39 -9.19
C GLY E 119 21.46 24.60 -10.24
N ALA E 120 21.90 24.93 -11.46
CA ALA E 120 20.98 25.14 -12.58
C ALA E 120 20.23 23.85 -12.96
N ALA E 121 20.94 22.71 -13.02
CA ALA E 121 20.29 21.45 -13.40
C ALA E 121 19.26 21.04 -12.33
N SER E 122 19.65 21.15 -11.06
CA SER E 122 18.72 20.88 -9.97
C SER E 122 17.52 21.82 -10.02
N ALA E 123 17.77 23.11 -10.31
CA ALA E 123 16.67 24.09 -10.38
C ALA E 123 15.66 23.74 -11.49
N VAL E 124 16.15 23.18 -12.60
CA VAL E 124 15.26 22.74 -13.68
C VAL E 124 14.18 21.78 -13.17
N THR E 125 14.53 20.93 -12.21
CA THR E 125 13.56 19.94 -11.68
C THR E 125 12.38 20.57 -10.94
N THR E 126 12.52 21.83 -10.52
CA THR E 126 11.40 22.55 -9.87
C THR E 126 10.41 23.13 -10.87
N GLY E 127 10.78 23.14 -12.15
CA GLY E 127 9.93 23.76 -13.16
C GLY E 127 9.94 25.29 -13.15
N HIS E 128 10.80 25.89 -12.33
CA HIS E 128 10.93 27.36 -12.34
C HIS E 128 11.14 27.85 -13.78
N PRO E 129 10.35 28.85 -14.22
CA PRO E 129 10.34 29.19 -15.65
C PRO E 129 11.65 29.75 -16.20
N GLU E 130 12.58 30.15 -15.31
CA GLU E 130 13.86 30.70 -15.76
C GLU E 130 15.03 29.69 -15.62
N ALA E 131 14.74 28.52 -15.06
CA ALA E 131 15.81 27.54 -14.76
C ALA E 131 16.45 26.94 -16.01
N ARG E 132 15.62 26.55 -16.98
CA ARG E 132 16.16 25.96 -18.22
C ARG E 132 17.09 26.95 -18.96
N LYS E 133 16.67 28.21 -19.03
CA LYS E 133 17.49 29.26 -19.63
CA LYS E 133 17.50 29.26 -19.63
C LYS E 133 18.84 29.37 -18.91
N LEU E 134 18.82 29.32 -17.57
CA LEU E 134 20.05 29.39 -16.79
C LEU E 134 20.93 28.17 -17.07
N LEU E 135 20.34 26.98 -17.08
CA LEU E 135 21.10 25.77 -17.42
C LEU E 135 21.72 25.88 -18.82
N ASP E 136 20.94 26.35 -19.80
CA ASP E 136 21.48 26.45 -21.14
C ASP E 136 22.67 27.41 -21.20
N TYR E 137 22.58 28.53 -20.50
CA TYR E 137 23.69 29.48 -20.46
C TYR E 137 24.90 28.86 -19.76
N THR E 138 24.66 28.21 -18.64
CA THR E 138 25.75 27.60 -17.89
C THR E 138 26.49 26.56 -18.73
N ILE E 139 25.71 25.76 -19.47
CA ILE E 139 26.29 24.78 -20.40
C ILE E 139 27.24 25.47 -21.40
N GLU E 140 26.81 26.60 -21.94
CA GLU E 140 27.65 27.36 -22.88
CA GLU E 140 27.65 27.36 -22.88
C GLU E 140 28.97 27.78 -22.24
N VAL E 141 28.91 28.33 -21.03
CA VAL E 141 30.13 28.71 -20.32
C VAL E 141 31.02 27.50 -20.07
N ILE E 142 30.41 26.41 -19.62
CA ILE E 142 31.20 25.21 -19.32
C ILE E 142 31.90 24.69 -20.57
N GLU E 143 31.19 24.63 -21.69
CA GLU E 143 31.79 24.08 -22.90
C GLU E 143 32.82 25.01 -23.53
N LYS E 144 32.65 26.31 -23.29
CA LYS E 144 33.59 27.31 -23.81
C LYS E 144 34.92 27.26 -23.07
N TYR E 145 34.87 27.24 -21.73
CA TYR E 145 36.05 27.48 -20.92
C TYR E 145 36.51 26.36 -19.98
N PHE E 146 35.62 25.43 -19.65
CA PHE E 146 35.90 24.47 -18.57
C PHE E 146 35.96 23.00 -18.95
N TRP E 147 35.20 22.57 -19.96
CA TRP E 147 35.39 21.25 -20.54
C TRP E 147 36.37 21.36 -21.71
N SER E 148 37.52 20.70 -21.61
CA SER E 148 38.51 20.78 -22.67
C SER E 148 38.29 19.64 -23.66
N GLU E 149 37.93 19.96 -24.90
CA GLU E 149 37.75 18.90 -25.89
C GLU E 149 39.08 18.25 -26.28
N GLU E 150 40.19 18.99 -26.19
CA GLU E 150 41.51 18.46 -26.47
CA GLU E 150 41.50 18.44 -26.48
C GLU E 150 41.96 17.47 -25.40
N GLU E 151 41.73 17.84 -24.13
CA GLU E 151 42.17 17.00 -23.01
C GLU E 151 41.15 15.91 -22.65
N GLN E 152 39.91 16.11 -23.09
CA GLN E 152 38.77 15.33 -22.61
C GLN E 152 38.80 15.23 -21.08
N MET E 153 39.05 16.38 -20.46
CA MET E 153 39.00 16.57 -19.00
C MET E 153 38.59 18.02 -18.72
N CYS E 154 38.35 18.35 -17.44
CA CYS E 154 37.99 19.73 -17.10
C CYS E 154 39.21 20.55 -16.74
N LEU E 155 39.25 21.79 -17.25
CA LEU E 155 40.24 22.77 -16.84
C LEU E 155 39.96 23.25 -15.42
N GLU E 156 40.89 23.99 -14.84
CA GLU E 156 40.77 24.38 -13.44
C GLU E 156 40.24 25.78 -13.22
N SER E 157 40.92 26.79 -13.77
CA SER E 157 40.49 28.16 -13.52
C SER E 157 41.06 29.10 -14.55
N TRP E 158 40.48 30.30 -14.62
CA TRP E 158 40.92 31.37 -15.54
C TRP E 158 40.94 32.67 -14.77
N ASP E 159 41.67 33.66 -15.30
CA ASP E 159 41.49 35.04 -14.88
C ASP E 159 40.09 35.53 -15.28
N GLU E 160 39.69 36.64 -14.69
CA GLU E 160 38.40 37.28 -14.97
C GLU E 160 38.08 37.32 -16.47
N ALA E 161 39.06 37.73 -17.27
CA ALA E 161 38.85 37.98 -18.70
C ALA E 161 38.92 36.73 -19.57
N PHE E 162 39.13 35.56 -18.94
CA PHE E 162 39.30 34.29 -19.68
C PHE E 162 40.43 34.40 -20.73
N SER E 163 41.56 34.98 -20.34
CA SER E 163 42.70 35.11 -21.25
C SER E 163 43.81 34.10 -20.98
N GLN E 164 43.87 33.57 -19.77
CA GLN E 164 44.91 32.62 -19.42
C GLN E 164 44.36 31.61 -18.42
N THR E 165 44.48 30.33 -18.74
CA THR E 165 44.04 29.30 -17.81
C THR E 165 45.15 28.92 -16.83
N GLU E 166 44.75 28.46 -15.65
CA GLU E 166 45.72 28.05 -14.61
C GLU E 166 46.59 26.89 -15.06
N ASP E 167 47.87 26.97 -14.70
CA ASP E 167 48.83 25.91 -15.02
C ASP E 167 48.76 24.82 -13.96
N TYR E 168 47.61 24.15 -13.92
CA TYR E 168 47.25 23.18 -12.87
C TYR E 168 46.00 22.48 -13.36
N ARG E 169 45.86 21.20 -13.02
CA ARG E 169 44.64 20.43 -13.31
C ARG E 169 44.24 19.74 -12.01
N GLY E 170 42.94 19.73 -11.72
CA GLY E 170 42.48 19.37 -10.38
C GLY E 170 41.51 18.22 -10.32
N GLY E 171 41.78 17.25 -9.47
CA GLY E 171 40.85 16.14 -9.29
C GLY E 171 39.56 16.62 -8.64
N ASN E 172 39.66 17.64 -7.78
CA ASN E 172 38.51 18.15 -7.01
C ASN E 172 37.45 18.78 -7.93
N ALA E 173 37.87 19.75 -8.76
CA ALA E 173 36.95 20.34 -9.71
C ALA E 173 36.37 19.29 -10.64
N ASN E 174 37.22 18.35 -11.09
CA ASN E 174 36.75 17.29 -11.97
C ASN E 174 35.73 16.38 -11.29
N MET E 175 35.90 16.15 -9.99
CA MET E 175 34.92 15.36 -9.21
C MET E 175 33.56 16.05 -9.20
N HIS E 176 33.55 17.34 -8.90
CA HIS E 176 32.28 18.06 -8.93
C HIS E 176 31.71 18.27 -10.34
N ALA E 177 32.57 18.20 -11.36
CA ALA E 177 32.09 18.14 -12.75
C ALA E 177 31.25 16.89 -12.94
N VAL E 178 31.77 15.74 -12.50
CA VAL E 178 31.03 14.48 -12.59
C VAL E 178 29.65 14.59 -11.91
N GLU E 179 29.64 15.10 -10.68
CA GLU E 179 28.41 15.27 -9.93
C GLU E 179 27.39 16.11 -10.74
N ALA E 180 27.85 17.22 -11.32
CA ALA E 180 26.95 18.10 -12.07
C ALA E 180 26.50 17.45 -13.35
N PHE E 181 27.45 16.83 -14.05
CA PHE E 181 27.15 16.19 -15.35
C PHE E 181 26.07 15.11 -15.20
N LEU E 182 26.08 14.40 -14.07
CA LEU E 182 25.04 13.39 -13.79
C LEU E 182 23.66 14.02 -13.85
N ILE E 183 23.51 15.14 -13.16
CA ILE E 183 22.21 15.82 -13.14
C ILE E 183 21.86 16.47 -14.46
N VAL E 184 22.85 17.06 -15.13
CA VAL E 184 22.60 17.62 -16.46
C VAL E 184 22.12 16.50 -17.38
N TYR E 185 22.76 15.34 -17.30
CA TYR E 185 22.28 14.19 -18.05
C TYR E 185 20.84 13.86 -17.69
N ASP E 186 20.51 13.84 -16.40
CA ASP E 186 19.16 13.47 -15.96
C ASP E 186 18.09 14.41 -16.53
N VAL E 187 18.46 15.65 -16.82
CA VAL E 187 17.48 16.63 -17.32
C VAL E 187 17.62 16.92 -18.81
N THR E 188 18.45 16.15 -19.51
CA THR E 188 18.62 16.33 -20.96
C THR E 188 18.63 15.02 -21.77
N HIS E 189 19.13 13.94 -21.17
CA HIS E 189 19.56 12.74 -21.90
C HIS E 189 20.37 13.03 -23.18
N ASP E 190 21.19 14.07 -23.10
CA ASP E 190 22.27 14.27 -24.05
C ASP E 190 23.42 13.41 -23.54
N LYS E 191 23.71 12.33 -24.25
CA LYS E 191 24.64 11.31 -23.79
C LYS E 191 26.03 11.80 -23.48
N LYS E 192 26.43 12.89 -24.12
CA LYS E 192 27.77 13.44 -23.91
C LYS E 192 28.01 13.71 -22.43
N TRP E 193 26.97 14.07 -21.67
CA TRP E 193 27.18 14.40 -20.24
C TRP E 193 27.58 13.16 -19.45
N LEU E 194 26.95 12.01 -19.75
CA LEU E 194 27.32 10.78 -19.05
C LEU E 194 28.64 10.25 -19.58
N ASP E 195 28.86 10.36 -20.89
CA ASP E 195 30.15 9.96 -21.48
C ASP E 195 31.31 10.72 -20.86
N ARG E 196 31.12 12.03 -20.68
CA ARG E 196 32.15 12.89 -20.08
C ARG E 196 32.42 12.50 -18.64
N ALA E 197 31.35 12.21 -17.88
CA ALA E 197 31.51 11.82 -16.47
C ALA E 197 32.28 10.52 -16.36
N LEU E 198 31.96 9.56 -17.23
CA LEU E 198 32.67 8.25 -17.27
C LEU E 198 34.14 8.45 -17.61
N ARG E 199 34.40 9.27 -18.61
CA ARG E 199 35.77 9.57 -19.02
C ARG E 199 36.56 10.16 -17.85
N ILE E 200 36.00 11.17 -17.19
CA ILE E 200 36.65 11.79 -16.04
C ILE E 200 36.97 10.75 -14.96
N ALA E 201 35.98 9.95 -14.59
CA ALA E 201 36.18 8.92 -13.57
C ALA E 201 37.25 7.90 -14.02
N SER E 202 37.24 7.54 -15.31
CA SER E 202 38.24 6.58 -15.80
C SER E 202 39.67 7.09 -15.63
N VAL E 203 39.86 8.39 -15.82
CA VAL E 203 41.20 8.98 -15.67
C VAL E 203 41.62 9.13 -14.20
N ILE E 204 40.83 9.85 -13.41
CA ILE E 204 41.19 10.18 -12.02
CA ILE E 204 41.27 10.16 -12.04
C ILE E 204 41.19 8.94 -11.12
N ILE E 205 40.17 8.10 -11.31
CA ILE E 205 40.01 6.94 -10.46
C ILE E 205 40.57 5.66 -11.06
N HIS E 206 40.07 5.26 -12.22
CA HIS E 206 40.44 3.94 -12.70
C HIS E 206 41.90 3.83 -13.09
N ASP E 207 42.50 4.92 -13.57
CA ASP E 207 43.88 4.83 -14.03
CA ASP E 207 43.87 4.94 -14.10
C ASP E 207 44.92 5.46 -13.10
N VAL E 208 44.50 6.35 -12.21
CA VAL E 208 45.48 6.93 -11.26
C VAL E 208 45.24 6.43 -9.84
N ALA E 209 44.03 6.67 -9.30
CA ALA E 209 43.74 6.28 -7.91
C ALA E 209 43.92 4.78 -7.70
N ARG E 210 43.36 3.97 -8.59
CA ARG E 210 43.38 2.51 -8.46
C ARG E 210 44.82 1.97 -8.39
N ASN E 211 45.71 2.61 -9.13
CA ASN E 211 47.11 2.19 -9.19
C ASN E 211 47.94 2.68 -7.99
N GLY E 212 47.31 3.47 -7.11
CA GLY E 212 47.93 3.93 -5.88
C GLY E 212 47.13 3.52 -4.66
N ASP E 213 46.64 2.28 -4.65
CA ASP E 213 45.88 1.72 -3.53
C ASP E 213 44.65 2.56 -3.18
N TYR E 214 44.04 3.09 -4.24
CA TYR E 214 42.83 3.92 -4.16
C TYR E 214 42.97 5.22 -3.36
N ARG E 215 44.21 5.68 -3.18
CA ARG E 215 44.48 7.03 -2.70
C ARG E 215 44.38 7.96 -3.90
N VAL E 216 43.35 8.81 -3.93
CA VAL E 216 43.15 9.70 -5.07
C VAL E 216 44.18 10.82 -5.11
N ASN E 217 44.84 10.95 -6.25
CA ASN E 217 45.72 12.07 -6.52
C ASN E 217 44.87 13.24 -7.01
N GLU E 218 44.92 14.39 -6.35
CA GLU E 218 44.13 15.57 -6.77
C GLU E 218 44.88 16.61 -7.61
N HIS E 219 46.20 16.65 -7.46
CA HIS E 219 46.99 17.73 -8.04
C HIS E 219 47.79 17.24 -9.22
N PHE E 220 47.56 17.88 -10.37
CA PHE E 220 48.20 17.51 -11.62
C PHE E 220 48.79 18.74 -12.31
N ASP E 221 49.81 18.53 -13.12
CA ASP E 221 50.28 19.62 -13.96
C ASP E 221 49.42 19.73 -15.22
N SER E 222 49.77 20.67 -16.09
CA SER E 222 49.00 20.90 -17.33
C SER E 222 49.02 19.74 -18.32
N GLN E 223 49.92 18.78 -18.11
CA GLN E 223 50.02 17.58 -18.94
C GLN E 223 49.38 16.38 -18.24
N TRP E 224 48.64 16.67 -17.16
CA TRP E 224 47.92 15.64 -16.39
C TRP E 224 48.83 14.60 -15.71
N ASN E 225 50.04 15.03 -15.37
CA ASN E 225 50.94 14.26 -14.52
C ASN E 225 50.77 14.69 -13.07
N PRO E 226 50.64 13.74 -12.13
CA PRO E 226 50.54 14.10 -10.70
C PRO E 226 51.67 15.01 -10.21
N ILE E 227 51.30 15.97 -9.37
CA ILE E 227 52.26 16.75 -8.59
C ILE E 227 52.06 16.27 -7.16
N ARG E 228 52.87 15.31 -6.74
CA ARG E 228 52.66 14.65 -5.45
C ARG E 228 52.91 15.54 -4.21
N ASP E 229 53.75 16.57 -4.37
CA ASP E 229 54.09 17.43 -3.25
C ASP E 229 53.37 18.78 -3.27
N TYR E 230 52.34 18.90 -4.11
CA TYR E 230 51.58 20.15 -4.20
C TYR E 230 51.00 20.54 -2.85
N ASN E 231 51.20 21.80 -2.47
CA ASN E 231 50.75 22.37 -1.19
C ASN E 231 51.40 21.77 0.07
N LYS E 232 52.61 21.26 -0.09
CA LYS E 232 53.42 20.77 1.03
C LYS E 232 53.53 21.81 2.15
N ASP E 233 53.74 23.08 1.80
CA ASP E 233 53.77 24.14 2.82
C ASP E 233 52.43 24.86 3.05
N ASN E 234 51.33 24.23 2.63
CA ASN E 234 49.97 24.67 2.98
C ASN E 234 49.03 23.47 3.08
N PRO E 235 49.37 22.48 3.94
CA PRO E 235 48.72 21.16 3.95
C PRO E 235 47.22 21.17 4.27
N ALA E 236 46.79 22.14 5.06
CA ALA E 236 45.39 22.24 5.55
C ALA E 236 44.51 23.13 4.68
N HIS E 237 44.89 23.30 3.42
CA HIS E 237 44.13 24.08 2.46
C HIS E 237 42.71 23.51 2.36
N ARG E 238 41.72 24.39 2.27
CA ARG E 238 40.30 24.00 2.27
C ARG E 238 39.84 23.21 1.05
N PHE E 239 40.55 23.39 -0.08
CA PHE E 239 40.14 22.82 -1.36
C PHE E 239 41.23 22.04 -2.08
N ARG E 240 42.48 22.32 -1.72
CA ARG E 240 43.64 21.64 -2.31
C ARG E 240 44.63 21.16 -1.23
N ALA E 241 44.16 20.29 -0.34
CA ALA E 241 45.03 19.74 0.72
C ALA E 241 46.25 19.02 0.16
N TYR E 242 47.37 19.09 0.89
CA TYR E 242 48.53 18.27 0.56
C TYR E 242 48.19 16.78 0.74
N GLY E 243 48.67 15.95 -0.18
CA GLY E 243 48.46 14.50 -0.10
C GLY E 243 47.06 14.11 -0.54
N GLY E 244 46.51 13.10 0.14
CA GLY E 244 45.18 12.60 -0.19
C GLY E 244 44.16 13.12 0.82
N THR E 245 42.95 13.39 0.33
CA THR E 245 41.82 13.86 1.13
C THR E 245 40.76 12.74 1.11
N PRO E 246 40.80 11.86 2.12
CA PRO E 246 39.92 10.67 2.11
C PRO E 246 38.42 10.93 1.95
N GLY E 247 37.93 12.05 2.49
CA GLY E 247 36.52 12.44 2.28
C GLY E 247 36.18 12.49 0.79
N ALA E 248 37.11 13.05 0.00
CA ALA E 248 36.97 13.08 -1.46
C ALA E 248 36.96 11.66 -2.09
N TRP E 249 37.79 10.75 -1.57
CA TRP E 249 37.83 9.39 -2.11
C TRP E 249 36.45 8.75 -1.99
N ILE E 250 35.85 8.87 -0.82
CA ILE E 250 34.59 8.17 -0.56
C ILE E 250 33.45 8.85 -1.35
N GLU E 251 33.55 10.17 -1.52
CA GLU E 251 32.59 10.93 -2.34
C GLU E 251 32.65 10.48 -3.80
N TRP E 252 33.87 10.35 -4.34
CA TRP E 252 34.05 9.77 -5.68
C TRP E 252 33.35 8.42 -5.78
N GLY E 253 33.52 7.59 -4.76
CA GLY E 253 32.88 6.27 -4.72
C GLY E 253 31.38 6.35 -4.97
N ARG E 254 30.69 7.22 -4.24
CA ARG E 254 29.23 7.33 -4.45
C ARG E 254 28.89 7.81 -5.86
N LEU E 255 29.62 8.81 -6.36
CA LEU E 255 29.35 9.32 -7.70
C LEU E 255 29.46 8.23 -8.76
N MET E 256 30.47 7.36 -8.62
CA MET E 256 30.61 6.23 -9.56
C MET E 256 29.43 5.25 -9.51
N LEU E 257 28.79 5.13 -8.35
CA LEU E 257 27.61 4.28 -8.24
C LEU E 257 26.37 4.97 -8.82
N HIS E 258 26.31 6.31 -8.75
CA HIS E 258 25.26 7.03 -9.53
C HIS E 258 25.45 6.79 -11.03
N LEU E 259 26.71 6.77 -11.48
CA LEU E 259 27.01 6.45 -12.89
C LEU E 259 26.54 5.02 -13.22
N HIS E 260 26.89 4.08 -12.36
CA HIS E 260 26.48 2.68 -12.53
C HIS E 260 24.96 2.60 -12.70
N ALA E 261 24.22 3.26 -11.82
CA ALA E 261 22.76 3.18 -11.81
C ALA E 261 22.15 3.83 -13.04
N ALA E 262 22.77 4.93 -13.49
CA ALA E 262 22.36 5.60 -14.75
C ALA E 262 22.43 4.63 -15.92
N LEU E 263 23.48 3.84 -15.97
CA LEU E 263 23.64 2.87 -17.07
C LEU E 263 22.59 1.75 -16.95
N GLU E 264 22.37 1.27 -15.72
CA GLU E 264 21.33 0.27 -15.49
C GLU E 264 19.95 0.78 -15.93
N ALA E 265 19.69 2.06 -15.64
CA ALA E 265 18.40 2.69 -15.93
C ALA E 265 18.07 2.73 -17.42
N ARG E 266 19.08 2.57 -18.27
CA ARG E 266 18.79 2.51 -19.71
C ARG E 266 18.94 1.07 -20.22
N PHE E 267 18.76 0.09 -19.33
CA PHE E 267 18.86 -1.34 -19.65
C PHE E 267 20.25 -1.77 -20.19
N GLU E 268 21.28 -1.12 -19.69
CA GLU E 268 22.67 -1.41 -20.07
C GLU E 268 23.40 -2.03 -18.89
N THR E 269 24.21 -3.07 -19.15
CA THR E 269 25.06 -3.65 -18.12
C THR E 269 26.22 -2.68 -17.91
N PRO E 270 26.35 -2.11 -16.68
CA PRO E 270 27.46 -1.19 -16.47
C PRO E 270 28.77 -1.96 -16.45
N PRO E 271 29.87 -1.30 -16.84
CA PRO E 271 31.16 -1.97 -16.74
C PRO E 271 31.50 -2.23 -15.27
N ALA E 272 32.14 -3.37 -15.00
CA ALA E 272 32.43 -3.81 -13.64
C ALA E 272 33.26 -2.82 -12.82
N TRP E 273 34.08 -2.00 -13.48
CA TRP E 273 35.03 -1.17 -12.74
C TRP E 273 34.38 -0.11 -11.87
N LEU E 274 33.16 0.31 -12.23
CA LEU E 274 32.49 1.34 -11.44
C LEU E 274 32.27 0.85 -10.01
N LEU E 275 31.65 -0.32 -9.88
CA LEU E 275 31.45 -0.93 -8.56
C LEU E 275 32.78 -1.36 -7.87
N GLU E 276 33.68 -2.01 -8.62
CA GLU E 276 34.99 -2.40 -8.10
C GLU E 276 35.75 -1.20 -7.51
N ASP E 277 35.79 -0.09 -8.26
CA ASP E 277 36.49 1.11 -7.79
C ASP E 277 35.75 1.84 -6.67
N ALA E 278 34.43 1.89 -6.72
CA ALA E 278 33.66 2.44 -5.58
C ALA E 278 34.00 1.69 -4.28
N LYS E 279 34.01 0.35 -4.34
CA LYS E 279 34.43 -0.45 -3.20
C LYS E 279 35.87 -0.10 -2.79
N GLY E 280 36.76 0.00 -3.78
CA GLY E 280 38.17 0.28 -3.49
C GLY E 280 38.35 1.60 -2.74
N LEU E 281 37.64 2.62 -3.21
CA LEU E 281 37.65 3.95 -2.57
C LEU E 281 37.06 3.97 -1.17
N PHE E 282 35.88 3.34 -1.01
CA PHE E 282 35.23 3.24 0.30
C PHE E 282 36.17 2.58 1.31
N HIS E 283 36.72 1.43 0.93
CA HIS E 283 37.55 0.68 1.89
C HIS E 283 38.90 1.31 2.16
N ALA E 284 39.44 2.01 1.16
CA ALA E 284 40.70 2.75 1.34
C ALA E 284 40.49 3.88 2.33
N THR E 285 39.34 4.54 2.23
CA THR E 285 38.99 5.62 3.15
C THR E 285 38.96 5.10 4.59
N ILE E 286 38.32 3.97 4.82
CA ILE E 286 38.29 3.37 6.16
C ILE E 286 39.72 2.98 6.59
N ARG E 287 40.42 2.27 5.70
CA ARG E 287 41.79 1.80 5.96
C ARG E 287 42.71 2.90 6.46
N ASP E 288 42.76 4.02 5.72
CA ASP E 288 43.67 5.10 6.06
C ASP E 288 43.16 6.14 7.04
N ALA E 289 41.85 6.40 7.03
CA ALA E 289 41.35 7.61 7.65
C ALA E 289 40.35 7.46 8.79
N TRP E 290 39.74 6.28 8.92
CA TRP E 290 38.79 6.06 10.02
C TRP E 290 39.51 5.69 11.30
N ALA E 291 39.37 6.53 12.31
CA ALA E 291 39.92 6.28 13.67
C ALA E 291 41.39 5.80 13.60
N PRO E 292 42.25 6.57 12.90
CA PRO E 292 43.61 6.08 12.67
C PRO E 292 44.57 6.45 13.81
N ASP E 293 44.11 7.28 14.74
CA ASP E 293 44.98 7.98 15.69
C ASP E 293 44.50 7.89 17.14
N GLY E 294 43.72 6.87 17.46
CA GLY E 294 43.29 6.59 18.83
C GLY E 294 41.97 7.18 19.26
N ALA E 295 41.25 7.80 18.33
CA ALA E 295 39.91 8.32 18.59
C ALA E 295 39.09 8.10 17.33
N ASP E 296 37.77 8.04 17.49
CA ASP E 296 36.87 7.88 16.34
C ASP E 296 36.92 9.10 15.43
N GLY E 297 36.45 8.91 14.19
CA GLY E 297 36.30 10.00 13.25
C GLY E 297 37.19 9.84 12.03
N PHE E 298 36.88 10.60 10.97
CA PHE E 298 37.70 10.61 9.76
C PHE E 298 38.65 11.80 9.79
N VAL E 299 39.95 11.53 9.72
CA VAL E 299 40.92 12.61 9.54
C VAL E 299 40.72 13.29 8.19
N TYR E 300 41.29 14.49 8.07
CA TYR E 300 41.13 15.32 6.87
C TYR E 300 42.07 14.92 5.72
N SER E 301 43.35 14.70 6.03
CA SER E 301 44.28 14.34 4.98
C SER E 301 45.29 13.30 5.43
N VAL E 302 45.83 12.55 4.46
CA VAL E 302 46.85 11.54 4.71
C VAL E 302 47.96 11.72 3.66
N ASP E 303 49.18 11.26 4.00
CA ASP E 303 50.25 11.25 3.00
C ASP E 303 50.12 10.06 2.05
N TRP E 304 51.10 9.86 1.16
CA TRP E 304 50.99 8.82 0.16
C TRP E 304 51.19 7.39 0.70
N ASP E 305 51.59 7.30 1.97
CA ASP E 305 51.68 6.02 2.67
C ASP E 305 50.45 5.78 3.55
N GLY E 306 49.49 6.72 3.52
CA GLY E 306 48.27 6.61 4.33
C GLY E 306 48.35 7.20 5.73
N LYS E 307 49.49 7.82 6.06
CA LYS E 307 49.70 8.42 7.38
CA LYS E 307 49.69 8.42 7.38
C LYS E 307 48.93 9.74 7.52
N PRO E 308 48.09 9.86 8.58
CA PRO E 308 47.39 11.15 8.74
C PRO E 308 48.33 12.35 8.79
N ILE E 309 47.89 13.45 8.16
CA ILE E 309 48.58 14.72 8.25
C ILE E 309 47.74 15.70 9.03
N VAL E 310 46.63 16.14 8.43
CA VAL E 310 45.70 17.01 9.13
C VAL E 310 44.69 16.09 9.80
N ARG E 311 44.75 16.05 11.13
CA ARG E 311 43.95 15.11 11.91
C ARG E 311 42.60 15.65 12.32
N GLU E 312 42.35 16.93 12.06
CA GLU E 312 41.02 17.52 12.33
C GLU E 312 39.92 16.73 11.65
N ARG E 313 38.80 16.57 12.36
CA ARG E 313 37.61 15.93 11.80
C ARG E 313 36.70 17.02 11.25
N VAL E 314 36.75 17.20 9.93
CA VAL E 314 35.87 18.15 9.25
C VAL E 314 34.53 17.42 9.03
N ARG E 315 33.45 18.18 8.94
CA ARG E 315 32.14 17.57 8.87
C ARG E 315 31.91 16.75 7.60
N TRP E 316 32.21 17.33 6.43
CA TRP E 316 31.77 16.71 5.17
C TRP E 316 32.32 15.31 4.86
N PRO E 317 33.59 15.00 5.26
CA PRO E 317 34.05 13.63 5.01
C PRO E 317 33.18 12.50 5.56
N ILE E 318 32.76 12.60 6.81
CA ILE E 318 31.92 11.53 7.37
C ILE E 318 30.51 11.54 6.77
N VAL E 319 30.03 12.74 6.44
CA VAL E 319 28.72 12.90 5.79
C VAL E 319 28.74 12.16 4.45
N GLU E 320 29.80 12.39 3.68
CA GLU E 320 29.94 11.71 2.39
C GLU E 320 30.12 10.18 2.56
N ALA E 321 30.88 9.79 3.59
CA ALA E 321 31.05 8.37 3.90
C ALA E 321 29.69 7.67 4.10
N MET E 322 28.79 8.35 4.82
CA MET E 322 27.45 7.80 5.12
C MET E 322 26.66 7.63 3.82
N GLY E 323 26.72 8.65 2.94
CA GLY E 323 26.09 8.56 1.61
C GLY E 323 26.61 7.37 0.81
N THR E 324 27.92 7.15 0.84
CA THR E 324 28.52 6.07 0.07
C THR E 324 28.20 4.70 0.67
N ALA E 325 28.17 4.60 2.00
CA ALA E 325 27.71 3.36 2.66
C ALA E 325 26.31 2.98 2.18
N TYR E 326 25.42 3.97 2.09
CA TYR E 326 24.08 3.70 1.55
C TYR E 326 24.13 3.19 0.11
N ALA E 327 24.86 3.89 -0.76
CA ALA E 327 24.97 3.48 -2.16
C ALA E 327 25.57 2.08 -2.31
N LEU E 328 26.62 1.77 -1.54
CA LEU E 328 27.20 0.42 -1.55
C LEU E 328 26.25 -0.66 -1.01
N TYR E 329 25.55 -0.34 0.07
CA TYR E 329 24.52 -1.25 0.57
C TYR E 329 23.46 -1.54 -0.50
N THR E 330 23.05 -0.50 -1.21
CA THR E 330 21.99 -0.61 -2.21
C THR E 330 22.41 -1.56 -3.34
N LEU E 331 23.67 -1.44 -3.76
CA LEU E 331 24.17 -2.29 -4.84
C LEU E 331 24.64 -3.68 -4.44
N THR E 332 25.11 -3.85 -3.19
CA THR E 332 25.72 -5.12 -2.78
C THR E 332 24.84 -5.97 -1.87
N ASP E 333 23.86 -5.32 -1.24
CA ASP E 333 23.02 -5.98 -0.22
C ASP E 333 23.82 -6.50 0.98
N ASP E 334 25.04 -6.01 1.12
CA ASP E 334 25.95 -6.41 2.21
C ASP E 334 25.77 -5.51 3.45
N SER E 335 25.35 -6.13 4.56
CA SER E 335 25.04 -5.40 5.79
CA SER E 335 25.04 -5.42 5.80
C SER E 335 26.21 -4.65 6.41
N GLN E 336 27.46 -4.99 6.04
CA GLN E 336 28.61 -4.23 6.58
C GLN E 336 28.43 -2.75 6.32
N TYR E 337 27.84 -2.42 5.18
CA TYR E 337 27.71 -1.04 4.76
C TYR E 337 26.66 -0.32 5.61
N GLU E 338 25.56 -1.02 5.91
CA GLU E 338 24.57 -0.51 6.85
C GLU E 338 25.16 -0.34 8.25
N GLU E 339 25.98 -1.31 8.69
CA GLU E 339 26.64 -1.21 9.99
C GLU E 339 27.54 0.02 10.08
N TRP E 340 28.35 0.28 9.03
CA TRP E 340 29.16 1.49 9.00
C TRP E 340 28.29 2.77 9.07
N TYR E 341 27.25 2.81 8.26
CA TYR E 341 26.29 3.93 8.26
C TYR E 341 25.72 4.20 9.67
N GLN E 342 25.31 3.14 10.37
CA GLN E 342 24.78 3.29 11.72
C GLN E 342 25.85 3.79 12.69
N LYS E 343 27.04 3.19 12.62
CA LYS E 343 28.15 3.62 13.46
C LYS E 343 28.45 5.12 13.25
N TRP E 344 28.45 5.55 12.00
CA TRP E 344 28.73 6.95 11.71
C TRP E 344 27.60 7.90 12.16
N TRP E 345 26.33 7.46 12.02
CA TRP E 345 25.22 8.25 12.56
C TRP E 345 25.39 8.46 14.07
N ASP E 346 25.77 7.42 14.79
CA ASP E 346 25.98 7.56 16.23
C ASP E 346 27.07 8.57 16.54
N TYR E 347 28.15 8.53 15.78
CA TYR E 347 29.24 9.50 15.98
C TYR E 347 28.75 10.92 15.68
N CYS E 348 27.94 11.06 14.62
CA CYS E 348 27.46 12.38 14.23
C CYS E 348 26.63 13.05 15.32
N ILE E 349 25.71 12.33 15.93
CA ILE E 349 24.85 12.94 16.94
C ILE E 349 25.68 13.20 18.23
N LYS E 350 26.66 12.35 18.48
CA LYS E 350 27.51 12.50 19.68
C LYS E 350 28.40 13.74 19.62
N TYR E 351 28.94 14.03 18.42
CA TYR E 351 29.99 15.04 18.31
C TYR E 351 29.72 16.19 17.36
N LEU E 352 28.94 15.97 16.30
CA LEU E 352 28.79 16.99 15.24
C LEU E 352 27.48 17.76 15.28
N MET E 353 26.39 17.08 15.58
CA MET E 353 25.09 17.76 15.56
C MET E 353 25.01 18.81 16.65
N ASP E 354 24.53 19.98 16.30
CA ASP E 354 24.47 21.10 17.24
C ASP E 354 23.04 21.60 17.38
N TYR E 355 22.31 20.98 18.29
CA TYR E 355 20.91 21.34 18.52
C TYR E 355 20.80 22.69 19.24
N GLU E 356 21.84 23.06 19.98
CA GLU E 356 21.86 24.33 20.72
C GLU E 356 21.91 25.54 19.78
N ASN E 357 22.93 25.58 18.91
CA ASN E 357 23.15 26.73 18.03
C ASN E 357 22.69 26.54 16.60
N GLY E 358 22.30 25.32 16.25
CA GLY E 358 21.79 25.05 14.91
C GLY E 358 22.76 24.29 14.00
N SER E 359 22.19 23.57 13.04
CA SER E 359 22.98 22.81 12.07
C SER E 359 23.93 21.84 12.79
N TRP E 360 25.12 21.65 12.22
CA TRP E 360 26.14 20.80 12.78
C TRP E 360 27.43 21.61 12.86
N TRP E 361 28.31 21.25 13.79
CA TRP E 361 29.66 21.82 13.78
C TRP E 361 30.35 21.51 12.45
N GLN E 362 31.20 22.43 11.99
CA GLN E 362 31.96 22.22 10.76
C GLN E 362 33.24 21.41 10.99
N GLU E 363 33.81 21.53 12.20
CA GLU E 363 35.16 21.02 12.43
C GLU E 363 35.44 20.68 13.89
N LEU E 364 36.01 19.49 14.11
CA LEU E 364 36.47 19.04 15.43
C LEU E 364 37.97 18.78 15.41
N ASP E 365 38.60 18.91 16.57
CA ASP E 365 40.00 18.54 16.70
C ASP E 365 40.18 17.02 16.78
N ALA E 366 41.43 16.57 16.90
CA ALA E 366 41.75 15.15 16.94
C ALA E 366 41.08 14.38 18.09
N ASP E 367 40.59 15.12 19.10
CA ASP E 367 39.89 14.52 20.25
C ASP E 367 38.38 14.73 20.13
N ASN E 368 37.92 15.05 18.92
CA ASN E 368 36.51 15.25 18.62
C ASN E 368 35.84 16.37 19.40
N LYS E 369 36.62 17.37 19.79
CA LYS E 369 36.10 18.57 20.42
C LYS E 369 36.07 19.72 19.40
N VAL E 370 35.05 20.56 19.48
CA VAL E 370 34.86 21.65 18.52
C VAL E 370 36.10 22.55 18.41
N THR E 371 36.51 22.80 17.18
CA THR E 371 37.71 23.59 16.92
C THR E 371 37.52 24.49 15.70
N THR E 372 38.43 25.43 15.53
CA THR E 372 38.48 26.23 14.32
C THR E 372 39.93 26.18 13.83
N LYS E 373 40.12 25.68 12.62
CA LYS E 373 41.47 25.48 12.09
C LYS E 373 41.44 25.49 10.55
N VAL E 374 40.95 24.40 9.97
CA VAL E 374 40.78 24.30 8.51
C VAL E 374 39.68 25.26 8.06
N TRP E 375 38.59 25.33 8.83
CA TRP E 375 37.39 26.09 8.47
C TRP E 375 36.98 27.12 9.51
N ASP E 376 35.87 27.80 9.23
CA ASP E 376 35.43 28.93 10.02
C ASP E 376 33.94 29.15 9.73
N GLY E 377 33.09 28.71 10.67
CA GLY E 377 31.64 28.91 10.56
C GLY E 377 30.88 27.66 10.15
N LYS E 378 29.65 27.85 9.71
CA LYS E 378 28.78 26.75 9.30
C LYS E 378 28.14 27.09 7.95
N GLN E 379 29.00 27.35 6.97
CA GLN E 379 28.55 27.93 5.72
C GLN E 379 27.90 26.93 4.75
N ASP E 380 27.97 25.64 5.07
CA ASP E 380 27.44 24.64 4.14
C ASP E 380 26.29 23.85 4.72
N ILE E 381 25.26 23.64 3.90
CA ILE E 381 24.29 22.60 4.23
C ILE E 381 24.14 21.60 3.07
N TYR E 382 24.73 21.92 1.92
CA TYR E 382 24.64 21.04 0.73
C TYR E 382 25.10 19.58 0.98
N HIS E 383 26.23 19.39 1.66
CA HIS E 383 26.71 18.03 1.86
C HIS E 383 25.74 17.20 2.69
N LEU E 384 25.05 17.84 3.64
CA LEU E 384 24.14 17.13 4.53
C LEU E 384 23.02 16.37 3.79
N LEU E 385 22.61 16.85 2.62
CA LEU E 385 21.59 16.11 1.85
C LEU E 385 22.07 14.69 1.46
N HIS E 386 23.39 14.49 1.42
CA HIS E 386 23.94 13.20 1.02
C HIS E 386 23.84 12.14 2.14
N CYS E 387 23.62 12.57 3.38
CA CYS E 387 23.34 11.60 4.44
C CYS E 387 21.90 11.65 4.96
N LEU E 388 21.13 12.69 4.55
CA LEU E 388 19.76 12.88 5.01
C LEU E 388 18.69 12.54 3.97
N VAL E 389 18.98 12.83 2.71
CA VAL E 389 17.98 12.64 1.65
C VAL E 389 18.39 11.47 0.75
N ILE E 390 19.68 11.40 0.41
CA ILE E 390 20.16 10.31 -0.45
C ILE E 390 19.72 8.90 0.03
N PRO E 391 19.83 8.61 1.35
CA PRO E 391 19.38 7.29 1.83
C PRO E 391 17.87 7.00 1.70
N ARG E 392 17.10 7.98 1.24
CA ARG E 392 15.67 7.81 1.01
C ARG E 392 15.30 7.60 -0.46
N LEU E 393 16.30 7.64 -1.34
CA LEU E 393 16.07 7.61 -2.79
C LEU E 393 16.82 6.50 -3.52
N PRO E 394 16.32 6.09 -4.71
CA PRO E 394 17.14 5.21 -5.56
C PRO E 394 18.39 5.98 -6.00
N LEU E 395 19.31 5.30 -6.65
CA LEU E 395 20.56 5.91 -7.12
C LEU E 395 20.44 6.55 -8.52
N ALA E 396 19.39 6.18 -9.25
CA ALA E 396 19.03 6.83 -10.52
C ALA E 396 17.54 7.14 -10.48
N PRO E 397 17.13 8.32 -10.97
CA PRO E 397 17.99 9.42 -11.38
C PRO E 397 18.58 10.05 -10.13
N GLY E 398 19.35 11.12 -10.29
CA GLY E 398 20.06 11.74 -9.17
C GLY E 398 19.17 12.47 -8.20
N LEU E 399 19.81 13.03 -7.18
CA LEU E 399 19.14 13.60 -6.02
C LEU E 399 17.95 14.51 -6.36
N ALA E 400 18.22 15.67 -6.97
CA ALA E 400 17.10 16.59 -7.21
C ALA E 400 16.02 15.98 -8.15
N PRO E 401 16.45 15.37 -9.28
CA PRO E 401 15.45 14.71 -10.14
C PRO E 401 14.59 13.68 -9.41
N ALA E 402 15.22 12.87 -8.55
CA ALA E 402 14.50 11.81 -7.83
C ALA E 402 13.49 12.37 -6.82
N VAL E 403 13.86 13.43 -6.09
CA VAL E 403 12.89 14.03 -5.16
C VAL E 403 11.73 14.63 -5.97
N ALA E 404 12.07 15.32 -7.06
CA ALA E 404 11.03 15.91 -7.91
C ALA E 404 10.08 14.86 -8.48
N ALA E 405 10.62 13.67 -8.75
CA ALA E 405 9.86 12.55 -9.32
C ALA E 405 8.98 11.82 -8.30
N GLY E 406 9.00 12.27 -7.04
CA GLY E 406 8.20 11.65 -5.97
C GLY E 406 8.75 10.33 -5.43
N LEU E 407 10.07 10.15 -5.52
CA LEU E 407 10.68 8.85 -5.14
C LEU E 407 11.12 8.76 -3.68
N LEU E 408 10.92 9.81 -2.87
CA LEU E 408 11.28 9.72 -1.45
C LEU E 408 10.58 8.50 -0.83
N ASP E 409 11.35 7.64 -0.17
CA ASP E 409 10.84 6.48 0.57
C ASP E 409 10.24 5.37 -0.32
N ILE E 410 10.48 5.47 -1.63
CA ILE E 410 9.96 4.48 -2.58
C ILE E 410 10.36 3.05 -2.24
N ASN E 411 11.54 2.87 -1.64
CA ASN E 411 12.05 1.53 -1.35
C ASN E 411 11.74 1.09 0.08
N ALA E 412 11.05 1.95 0.84
CA ALA E 412 10.83 1.69 2.26
C ALA E 412 9.54 0.90 2.50
N HIS E 418 11.85 -7.81 9.04
CA HIS E 418 13.10 -7.80 8.28
C HIS E 418 14.31 -8.31 9.07
N HIS E 419 14.05 -8.99 10.18
CA HIS E 419 15.09 -9.69 10.91
C HIS E 419 15.37 -11.08 10.33
N HIS E 420 14.57 -11.51 9.36
CA HIS E 420 14.79 -12.83 8.78
C HIS E 420 14.30 -12.94 7.34
N HIS E 421 14.67 -14.02 6.68
CA HIS E 421 14.27 -14.22 5.28
C HIS E 421 13.09 -15.17 5.16
N MET F 1 -15.14 7.80 17.98
CA MET F 1 -13.87 8.44 17.55
C MET F 1 -12.77 7.38 17.47
N LYS F 2 -12.11 7.28 16.31
CA LYS F 2 -11.09 6.24 16.10
CA LYS F 2 -11.10 6.24 16.10
C LYS F 2 -9.67 6.78 16.22
N TRP F 3 -8.90 6.21 17.15
CA TRP F 3 -7.48 6.56 17.28
C TRP F 3 -6.58 5.33 17.05
N PHE F 4 -6.92 4.21 17.69
CA PHE F 4 -6.12 2.98 17.50
C PHE F 4 -5.99 2.69 16.02
N ASN F 5 -4.78 2.29 15.62
CA ASN F 5 -4.54 1.85 14.25
C ASN F 5 -4.83 2.93 13.21
N THR F 6 -4.66 4.18 13.63
CA THR F 6 -4.72 5.31 12.68
C THR F 6 -3.33 5.93 12.58
N LEU F 7 -2.90 6.25 11.37
CA LEU F 7 -1.57 6.87 11.22
C LEU F 7 -1.48 8.24 11.89
N SER F 8 -2.56 9.04 11.87
CA SER F 8 -2.54 10.35 12.53
C SER F 8 -2.25 10.21 14.03
N HIS F 9 -2.92 9.28 14.71
CA HIS F 9 -2.65 9.11 16.14
C HIS F 9 -1.23 8.57 16.35
N ASN F 10 -0.85 7.59 15.53
CA ASN F 10 0.46 6.94 15.69
C ASN F 10 1.64 7.89 15.44
N ARG F 11 1.48 8.85 14.54
CA ARG F 11 2.49 9.90 14.37
C ARG F 11 2.64 10.73 15.62
N TRP F 12 1.51 11.11 16.22
CA TRP F 12 1.55 11.86 17.48
C TRP F 12 2.31 11.04 18.55
N LEU F 13 1.99 9.75 18.67
CA LEU F 13 2.72 8.85 19.59
C LEU F 13 4.23 8.83 19.34
N GLU F 14 4.65 8.66 18.09
CA GLU F 14 6.08 8.62 17.78
C GLU F 14 6.78 9.91 18.18
N GLN F 15 6.16 11.05 17.87
CA GLN F 15 6.74 12.36 18.17
C GLN F 15 6.90 12.54 19.69
N GLU F 16 5.91 12.10 20.47
CA GLU F 16 6.07 12.09 21.92
C GLU F 16 7.15 11.09 22.35
N THR F 17 7.23 9.94 21.68
CA THR F 17 8.26 8.94 21.99
C THR F 17 9.67 9.55 21.89
N ASP F 18 9.90 10.34 20.84
CA ASP F 18 11.19 11.00 20.65
C ASP F 18 11.52 11.96 21.79
N ARG F 19 10.51 12.68 22.27
CA ARG F 19 10.69 13.58 23.42
C ARG F 19 11.14 12.79 24.64
N ILE F 20 10.49 11.63 24.85
CA ILE F 20 10.80 10.76 25.97
C ILE F 20 12.22 10.15 25.84
N PHE F 21 12.56 9.64 24.65
CA PHE F 21 13.93 9.13 24.42
C PHE F 21 14.97 10.22 24.73
N ASN F 22 14.68 11.46 24.34
CA ASN F 22 15.59 12.58 24.63
C ASN F 22 15.85 12.76 26.12
N PHE F 23 14.79 12.63 26.93
CA PHE F 23 14.91 12.84 28.37
C PHE F 23 15.85 11.85 29.02
N GLY F 24 15.75 10.57 28.66
CA GLY F 24 16.56 9.55 29.33
C GLY F 24 18.06 9.61 29.05
N LYS F 25 18.44 10.31 27.97
CA LYS F 25 19.86 10.42 27.61
C LYS F 25 20.70 11.08 28.69
N ASN F 26 20.07 11.93 29.48
CA ASN F 26 20.71 12.64 30.59
C ASN F 26 21.16 11.68 31.69
N ALA F 27 20.63 10.46 31.68
CA ALA F 27 20.86 9.52 32.78
C ALA F 27 22.20 8.78 32.67
N VAL F 28 22.91 8.92 31.56
CA VAL F 28 24.19 8.21 31.39
C VAL F 28 25.19 8.61 32.46
N VAL F 29 25.71 7.60 33.16
CA VAL F 29 26.81 7.75 34.12
C VAL F 29 27.80 6.62 33.88
N PRO F 30 29.05 6.75 34.33
CA PRO F 30 30.05 5.72 34.03
C PRO F 30 29.68 4.27 34.35
N THR F 31 28.87 4.05 35.40
CA THR F 31 28.56 2.69 35.85
C THR F 31 27.21 2.21 35.33
N GLY F 32 26.56 3.03 34.51
CA GLY F 32 25.27 2.61 33.94
C GLY F 32 24.36 3.81 33.71
N PHE F 33 23.18 3.75 34.31
CA PHE F 33 22.23 4.86 34.20
C PHE F 33 21.84 5.33 35.59
N GLY F 34 21.91 6.64 35.78
CA GLY F 34 21.56 7.28 37.04
C GLY F 34 20.07 7.54 37.18
N TRP F 35 19.72 8.24 38.26
CA TRP F 35 18.35 8.49 38.67
C TRP F 35 17.99 9.95 38.37
N LEU F 36 17.18 10.17 37.35
CA LEU F 36 16.82 11.53 36.96
C LEU F 36 15.77 12.20 37.85
N GLY F 37 15.97 13.50 38.07
CA GLY F 37 15.08 14.32 38.85
C GLY F 37 14.06 15.01 37.96
N ASN F 38 13.28 15.91 38.54
CA ASN F 38 12.22 16.57 37.80
C ASN F 38 12.70 17.45 36.65
N LYS F 39 13.96 17.89 36.71
CA LYS F 39 14.50 18.74 35.65
C LYS F 39 15.38 17.95 34.67
N GLY F 40 15.37 16.63 34.81
CA GLY F 40 16.23 15.76 34.00
C GLY F 40 17.69 15.80 34.44
N GLN F 41 17.91 16.27 35.67
CA GLN F 41 19.22 16.28 36.30
C GLN F 41 19.48 14.95 37.02
N ILE F 42 20.73 14.49 37.05
CA ILE F 42 21.06 13.28 37.80
C ILE F 42 21.04 13.57 39.29
N LYS F 43 20.32 12.73 40.04
CA LYS F 43 20.33 12.77 41.49
C LYS F 43 21.41 11.79 41.91
N GLU F 44 22.63 12.33 42.03
CA GLU F 44 23.83 11.53 42.33
CA GLU F 44 23.83 11.53 42.33
C GLU F 44 23.69 10.68 43.59
N GLU F 45 23.00 11.22 44.60
CA GLU F 45 22.86 10.49 45.88
C GLU F 45 22.12 9.14 45.75
N MET F 46 21.42 8.94 44.63
CA MET F 46 20.65 7.71 44.41
C MET F 46 21.51 6.59 43.81
N GLY F 47 22.67 6.96 43.26
CA GLY F 47 23.60 6.01 42.66
C GLY F 47 23.05 5.35 41.39
N THR F 48 23.62 4.21 41.06
CA THR F 48 23.28 3.47 39.85
C THR F 48 22.56 2.17 40.21
N HIS F 49 21.23 2.14 40.00
CA HIS F 49 20.41 0.99 40.35
C HIS F 49 20.41 -0.02 39.21
N LEU F 50 20.40 -1.31 39.57
CA LEU F 50 20.32 -2.35 38.57
C LEU F 50 19.04 -2.24 37.75
N TRP F 51 17.90 -2.05 38.41
CA TRP F 51 16.61 -2.01 37.70
C TRP F 51 16.54 -0.84 36.72
N ILE F 52 17.10 0.30 37.09
CA ILE F 52 17.07 1.48 36.20
C ILE F 52 17.99 1.25 35.00
N THR F 53 19.19 0.75 35.29
CA THR F 53 20.18 0.46 34.25
C THR F 53 19.62 -0.54 33.23
N ALA F 54 19.03 -1.62 33.73
CA ALA F 54 18.46 -2.67 32.86
C ALA F 54 17.27 -2.15 32.06
N ARG F 55 16.42 -1.33 32.68
CA ARG F 55 15.29 -0.72 31.97
C ARG F 55 15.74 0.20 30.85
N MET F 56 16.78 0.98 31.10
CA MET F 56 17.31 1.89 30.07
C MET F 56 17.92 1.12 28.89
N LEU F 57 18.61 0.04 29.21
CA LEU F 57 19.08 -0.88 28.17
C LEU F 57 17.93 -1.35 27.27
N HIS F 58 16.83 -1.75 27.88
CA HIS F 58 15.63 -2.14 27.11
C HIS F 58 15.09 -0.95 26.28
N VAL F 59 14.95 0.20 26.91
CA VAL F 59 14.37 1.37 26.23
C VAL F 59 15.19 1.76 24.99
N TYR F 60 16.51 1.83 25.17
CA TYR F 60 17.35 2.27 24.04
C TYR F 60 17.54 1.21 22.95
N SER F 61 17.28 -0.06 23.30
CA SER F 61 17.18 -1.12 22.29
C SER F 61 16.01 -0.80 21.35
N VAL F 62 14.88 -0.41 21.93
CA VAL F 62 13.71 -0.06 21.14
C VAL F 62 14.03 1.17 20.27
N ALA F 63 14.63 2.19 20.89
CA ALA F 63 15.02 3.42 20.15
C ALA F 63 15.95 3.11 18.98
N ALA F 64 16.91 2.21 19.22
CA ALA F 64 17.88 1.79 18.20
C ALA F 64 17.18 1.13 17.02
N SER F 65 16.25 0.22 17.32
CA SER F 65 15.47 -0.41 16.26
C SER F 65 14.62 0.60 15.48
N MET F 66 14.24 1.69 16.14
CA MET F 66 13.47 2.76 15.50
C MET F 66 14.34 3.68 14.64
N GLY F 67 15.64 3.39 14.57
CA GLY F 67 16.52 4.14 13.68
C GLY F 67 16.93 5.50 14.21
N ARG F 68 17.00 5.63 15.54
CA ARG F 68 17.42 6.87 16.17
C ARG F 68 18.93 6.88 16.41
N PRO F 69 19.66 7.80 15.75
CA PRO F 69 21.09 7.91 16.05
C PRO F 69 21.39 8.12 17.54
N GLY F 70 22.45 7.47 18.02
CA GLY F 70 22.85 7.61 19.42
C GLY F 70 22.27 6.54 20.32
N ALA F 71 21.12 5.97 19.93
CA ALA F 71 20.47 4.95 20.77
C ALA F 71 21.35 3.70 20.94
N TYR F 72 21.96 3.25 19.85
CA TYR F 72 22.83 2.07 19.90
C TYR F 72 24.03 2.27 20.83
N ASP F 73 24.58 3.49 20.87
CA ASP F 73 25.64 3.80 21.84
C ASP F 73 25.16 3.58 23.27
N LEU F 74 23.88 3.92 23.53
CA LEU F 74 23.30 3.70 24.88
C LEU F 74 23.05 2.22 25.16
N VAL F 75 22.70 1.46 24.13
CA VAL F 75 22.62 0.01 24.22
C VAL F 75 24.01 -0.53 24.57
N ASP F 76 25.02 -0.07 23.84
CA ASP F 76 26.40 -0.50 24.11
C ASP F 76 26.82 -0.13 25.54
N HIS F 77 26.51 1.10 25.94
CA HIS F 77 26.74 1.55 27.31
C HIS F 77 26.06 0.63 28.33
N GLY F 78 24.80 0.28 28.07
CA GLY F 78 24.03 -0.60 28.99
C GLY F 78 24.67 -1.97 29.12
N ILE F 79 25.07 -2.54 27.99
CA ILE F 79 25.73 -3.85 27.99
C ILE F 79 27.06 -3.78 28.75
N LYS F 80 27.84 -2.74 28.49
CA LYS F 80 29.09 -2.56 29.23
C LYS F 80 28.84 -2.47 30.75
N ALA F 81 27.81 -1.73 31.12
CA ALA F 81 27.42 -1.57 32.54
C ALA F 81 27.04 -2.92 33.15
N MET F 82 26.33 -3.74 32.37
CA MET F 82 25.91 -5.06 32.86
C MET F 82 27.07 -6.05 32.96
N ASN F 83 28.19 -5.73 32.31
CA ASN F 83 29.41 -6.53 32.41
C ASN F 83 30.46 -5.86 33.30
N GLY F 84 30.07 -4.75 33.92
CA GLY F 84 31.00 -3.88 34.66
C GLY F 84 30.75 -3.87 36.16
N ALA F 85 30.68 -2.68 36.75
CA ALA F 85 30.58 -2.52 38.21
C ALA F 85 29.35 -3.19 38.83
N LEU F 86 28.25 -3.23 38.09
CA LEU F 86 27.02 -3.88 38.58
C LEU F 86 27.16 -5.40 38.70
N ARG F 87 28.07 -6.00 37.92
CA ARG F 87 28.26 -7.45 37.92
C ARG F 87 29.09 -7.93 39.11
N ASP F 88 28.53 -8.88 39.86
CA ASP F 88 29.27 -9.49 40.96
C ASP F 88 30.20 -10.57 40.40
N LYS F 89 31.48 -10.24 40.33
CA LYS F 89 32.47 -11.13 39.71
C LYS F 89 32.88 -12.28 40.62
N LYS F 90 32.43 -12.24 41.88
CA LYS F 90 32.76 -13.30 42.84
C LYS F 90 31.65 -14.33 42.97
N TYR F 91 30.41 -13.85 43.17
CA TYR F 91 29.26 -14.73 43.39
C TYR F 91 28.31 -14.83 42.20
N GLY F 92 28.49 -13.97 41.21
CA GLY F 92 27.61 -13.99 40.05
C GLY F 92 26.39 -13.10 40.24
N GLY F 93 25.62 -12.93 39.18
CA GLY F 93 24.48 -12.02 39.24
C GLY F 93 24.93 -10.57 39.37
N TRP F 94 24.00 -9.71 39.75
CA TRP F 94 24.26 -8.26 39.80
C TRP F 94 23.89 -7.69 41.14
N TYR F 95 24.75 -6.79 41.64
CA TYR F 95 24.43 -5.97 42.80
C TYR F 95 23.22 -5.07 42.52
N ALA F 96 22.43 -4.76 43.56
CA ALA F 96 21.24 -3.92 43.39
C ALA F 96 21.59 -2.45 43.10
N CYS F 97 22.71 -1.97 43.66
CA CYS F 97 23.09 -0.56 43.48
C CYS F 97 24.60 -0.39 43.62
N VAL F 98 25.16 0.37 42.69
CA VAL F 98 26.56 0.75 42.76
C VAL F 98 26.74 2.24 42.51
N ASN F 99 27.94 2.72 42.78
CA ASN F 99 28.33 4.05 42.35
C ASN F 99 29.77 4.02 41.86
N ASP F 100 30.36 5.19 41.58
CA ASP F 100 31.71 5.25 41.05
C ASP F 100 32.79 4.75 41.99
N GLN F 101 32.46 4.61 43.28
CA GLN F 101 33.41 4.17 44.30
C GLN F 101 33.28 2.69 44.67
N GLY F 102 32.14 2.10 44.33
CA GLY F 102 31.93 0.71 44.66
C GLY F 102 30.46 0.36 44.84
N VAL F 103 30.24 -0.71 45.61
CA VAL F 103 28.92 -1.29 45.76
C VAL F 103 28.17 -0.66 46.92
N VAL F 104 26.95 -0.22 46.63
CA VAL F 104 26.09 0.47 47.59
C VAL F 104 25.10 -0.50 48.24
N ASP F 105 24.47 -1.34 47.42
CA ASP F 105 23.57 -2.40 47.91
C ASP F 105 23.95 -3.67 47.17
N ALA F 106 24.53 -4.62 47.91
CA ALA F 106 25.09 -5.85 47.34
C ALA F 106 24.09 -7.00 47.25
N SER F 107 22.87 -6.79 47.73
CA SER F 107 21.86 -7.83 47.72
C SER F 107 21.45 -8.20 46.29
N LYS F 108 20.89 -9.40 46.15
CA LYS F 108 20.55 -9.92 44.84
C LYS F 108 19.03 -10.00 44.76
N GLN F 109 18.46 -8.99 44.10
CA GLN F 109 17.04 -8.75 44.11
C GLN F 109 16.41 -9.35 42.87
N GLY F 110 15.49 -10.30 43.07
CA GLY F 110 14.82 -10.96 41.95
C GLY F 110 14.10 -9.99 41.03
N TYR F 111 13.36 -9.05 41.62
CA TYR F 111 12.65 -8.01 40.84
C TYR F 111 13.63 -7.39 39.81
N GLN F 112 14.82 -7.03 40.29
CA GLN F 112 15.81 -6.35 39.46
C GLN F 112 16.50 -7.31 38.48
N HIS F 113 16.67 -8.56 38.89
CA HIS F 113 17.25 -9.56 37.98
C HIS F 113 16.33 -9.90 36.81
N PHE F 114 15.01 -9.83 37.05
CA PHE F 114 14.06 -10.03 35.94
C PHE F 114 14.13 -8.89 34.93
N PHE F 115 14.38 -7.68 35.42
CA PHE F 115 14.68 -6.57 34.53
C PHE F 115 16.00 -6.72 33.80
N ALA F 116 17.02 -7.25 34.47
CA ALA F 116 18.28 -7.60 33.79
C ALA F 116 17.98 -8.56 32.63
N LEU F 117 17.09 -9.51 32.88
CA LEU F 117 16.70 -10.50 31.86
C LEU F 117 15.98 -9.86 30.66
N LEU F 118 15.01 -9.00 30.95
CA LEU F 118 14.29 -8.23 29.92
C LEU F 118 15.27 -7.38 29.10
N GLY F 119 16.14 -6.65 29.80
CA GLY F 119 17.12 -5.77 29.13
C GLY F 119 18.04 -6.53 28.19
N ALA F 120 18.54 -7.68 28.66
CA ALA F 120 19.38 -8.51 27.79
C ALA F 120 18.61 -9.04 26.58
N ALA F 121 17.39 -9.55 26.81
CA ALA F 121 16.57 -10.08 25.72
C ALA F 121 16.21 -9.00 24.69
N SER F 122 15.80 -7.82 25.16
CA SER F 122 15.58 -6.68 24.25
C SER F 122 16.85 -6.26 23.51
N ALA F 123 17.99 -6.26 24.21
CA ALA F 123 19.26 -5.91 23.56
C ALA F 123 19.60 -6.89 22.44
N VAL F 124 19.23 -8.16 22.62
CA VAL F 124 19.47 -9.19 21.59
C VAL F 124 18.84 -8.77 20.24
N THR F 125 17.66 -8.17 20.30
CA THR F 125 16.96 -7.76 19.07
C THR F 125 17.68 -6.68 18.25
N THR F 126 18.63 -5.99 18.84
CA THR F 126 19.45 -4.97 18.11
C THR F 126 20.61 -5.57 17.33
N GLY F 127 20.94 -6.82 17.63
CA GLY F 127 22.10 -7.51 17.02
C GLY F 127 23.44 -7.10 17.60
N HIS F 128 23.43 -6.32 18.68
CA HIS F 128 24.68 -5.91 19.33
C HIS F 128 25.49 -7.18 19.58
N PRO F 129 26.77 -7.18 19.15
CA PRO F 129 27.59 -8.40 19.21
C PRO F 129 27.74 -9.05 20.59
N GLU F 130 27.49 -8.33 21.68
CA GLU F 130 27.69 -8.90 23.02
C GLU F 130 26.37 -9.25 23.73
N ALA F 131 25.25 -8.95 23.06
CA ALA F 131 23.94 -9.06 23.67
C ALA F 131 23.52 -10.50 23.96
N ARG F 132 23.73 -11.39 22.97
CA ARG F 132 23.39 -12.80 23.18
C ARG F 132 24.18 -13.44 24.33
N LYS F 133 25.47 -13.14 24.42
CA LYS F 133 26.31 -13.65 25.51
C LYS F 133 25.80 -13.14 26.86
N LEU F 134 25.33 -11.89 26.88
CA LEU F 134 24.76 -11.33 28.11
C LEU F 134 23.47 -12.07 28.48
N LEU F 135 22.61 -12.30 27.50
CA LEU F 135 21.35 -13.02 27.76
C LEU F 135 21.64 -14.45 28.23
N ASP F 136 22.60 -15.12 27.59
CA ASP F 136 22.97 -16.48 27.99
C ASP F 136 23.39 -16.51 29.46
N TYR F 137 24.23 -15.55 29.86
CA TYR F 137 24.67 -15.49 31.25
C TYR F 137 23.51 -15.19 32.20
N THR F 138 22.67 -14.24 31.81
CA THR F 138 21.53 -13.86 32.66
C THR F 138 20.60 -15.05 32.88
N ILE F 139 20.37 -15.85 31.84
CA ILE F 139 19.54 -17.05 31.93
C ILE F 139 20.11 -18.03 32.96
N GLU F 140 21.44 -18.21 32.92
CA GLU F 140 22.10 -19.08 33.90
C GLU F 140 21.85 -18.61 35.33
N VAL F 141 21.94 -17.30 35.56
CA VAL F 141 21.71 -16.76 36.90
C VAL F 141 20.25 -16.96 37.32
N ILE F 142 19.33 -16.67 36.39
CA ILE F 142 17.91 -16.82 36.66
C ILE F 142 17.58 -18.26 37.00
N GLU F 143 18.06 -19.21 36.19
CA GLU F 143 17.74 -20.61 36.42
C GLU F 143 18.38 -21.17 37.69
N LYS F 144 19.56 -20.66 38.04
CA LYS F 144 20.24 -21.11 39.25
C LYS F 144 19.53 -20.62 40.52
N TYR F 145 19.13 -19.33 40.54
CA TYR F 145 18.72 -18.67 41.79
C TYR F 145 17.31 -18.08 41.87
N PHE F 146 16.67 -17.85 40.72
CA PHE F 146 15.43 -17.11 40.74
C PHE F 146 14.20 -17.84 40.19
N TRP F 147 14.39 -18.83 39.32
CA TRP F 147 13.30 -19.74 38.99
C TRP F 147 13.45 -21.01 39.86
N SER F 148 12.41 -21.32 40.62
CA SER F 148 12.42 -22.52 41.47
C SER F 148 11.74 -23.69 40.79
N GLU F 149 12.50 -24.73 40.46
CA GLU F 149 11.93 -25.91 39.84
C GLU F 149 10.93 -26.59 40.80
N GLU F 150 11.22 -26.54 42.09
CA GLU F 150 10.37 -27.15 43.13
CA GLU F 150 10.37 -27.17 43.10
C GLU F 150 9.04 -26.44 43.23
N GLU F 151 9.09 -25.11 43.37
CA GLU F 151 7.88 -24.29 43.50
C GLU F 151 7.18 -24.01 42.18
N GLN F 152 7.89 -24.17 41.07
CA GLN F 152 7.40 -23.74 39.76
C GLN F 152 6.89 -22.29 39.84
N MET F 153 7.71 -21.45 40.47
CA MET F 153 7.45 -20.03 40.66
C MET F 153 8.79 -19.36 40.85
N CYS F 154 8.81 -18.03 40.88
CA CYS F 154 10.05 -17.27 41.08
C CYS F 154 10.32 -16.93 42.55
N LEU F 155 11.57 -17.11 42.97
CA LEU F 155 12.01 -16.68 44.29
C LEU F 155 12.11 -15.16 44.30
N GLU F 156 12.26 -14.59 45.50
CA GLU F 156 12.28 -13.13 45.62
C GLU F 156 13.67 -12.49 45.66
N SER F 157 14.51 -12.89 46.60
CA SER F 157 15.81 -12.22 46.76
C SER F 157 16.78 -13.08 47.56
N TRP F 158 18.05 -12.73 47.46
CA TRP F 158 19.10 -13.41 48.19
C TRP F 158 20.09 -12.38 48.76
N ASP F 159 20.87 -12.80 49.75
CA ASP F 159 22.03 -12.03 50.14
C ASP F 159 23.05 -12.02 49.00
N GLU F 160 24.05 -11.14 49.10
CA GLU F 160 25.11 -11.04 48.12
C GLU F 160 25.67 -12.41 47.72
N ALA F 161 25.99 -13.22 48.73
CA ALA F 161 26.68 -14.49 48.54
C ALA F 161 25.78 -15.63 48.05
N PHE F 162 24.50 -15.34 47.82
CA PHE F 162 23.52 -16.38 47.46
C PHE F 162 23.54 -17.54 48.48
N SER F 163 23.60 -17.22 49.77
CA SER F 163 23.63 -18.25 50.80
C SER F 163 22.26 -18.46 51.43
N GLN F 164 21.43 -17.42 51.43
CA GLN F 164 20.09 -17.50 52.01
C GLN F 164 19.07 -16.72 51.19
N THR F 165 17.96 -17.38 50.86
CA THR F 165 16.88 -16.70 50.13
C THR F 165 15.87 -16.04 51.09
N GLU F 166 15.25 -14.95 50.66
CA GLU F 166 14.27 -14.25 51.50
C GLU F 166 13.05 -15.11 51.77
N ASP F 167 12.60 -15.09 53.03
CA ASP F 167 11.40 -15.82 53.49
C ASP F 167 10.14 -15.03 53.11
N TYR F 168 9.93 -14.90 51.81
CA TYR F 168 8.87 -14.06 51.23
C TYR F 168 8.79 -14.47 49.77
N ARG F 169 7.58 -14.44 49.22
CA ARG F 169 7.39 -14.66 47.79
C ARG F 169 6.51 -13.52 47.28
N GLY F 170 6.87 -13.00 46.10
CA GLY F 170 6.26 -11.77 45.61
C GLY F 170 5.55 -11.83 44.28
N GLY F 171 4.32 -11.37 44.26
CA GLY F 171 3.57 -11.28 43.00
C GLY F 171 4.23 -10.29 42.03
N ASN F 172 4.87 -9.26 42.59
CA ASN F 172 5.44 -8.14 41.79
C ASN F 172 6.68 -8.62 40.99
N ALA F 173 7.64 -9.23 41.68
CA ALA F 173 8.79 -9.80 41.01
C ALA F 173 8.33 -10.86 40.01
N ASN F 174 7.33 -11.66 40.40
CA ASN F 174 6.84 -12.70 39.50
C ASN F 174 6.15 -12.11 38.26
N MET F 175 5.46 -10.99 38.43
CA MET F 175 4.84 -10.28 37.30
C MET F 175 5.90 -9.87 36.27
N HIS F 176 6.97 -9.27 36.75
CA HIS F 176 8.03 -8.85 35.85
C HIS F 176 8.88 -10.02 35.31
N ALA F 177 8.81 -11.16 36.00
CA ALA F 177 9.33 -12.40 35.43
C ALA F 177 8.54 -12.78 34.18
N VAL F 178 7.20 -12.71 34.27
CA VAL F 178 6.35 -13.02 33.11
C VAL F 178 6.73 -12.12 31.92
N GLU F 179 6.82 -10.81 32.20
CA GLU F 179 7.22 -9.83 31.19
C GLU F 179 8.55 -10.20 30.52
N ALA F 180 9.56 -10.51 31.33
CA ALA F 180 10.87 -10.85 30.80
C ALA F 180 10.83 -12.16 30.04
N PHE F 181 10.14 -13.15 30.61
CA PHE F 181 10.03 -14.49 30.01
C PHE F 181 9.43 -14.44 28.60
N LEU F 182 8.46 -13.55 28.40
CA LEU F 182 7.82 -13.37 27.09
C LEU F 182 8.87 -13.00 26.03
N ILE F 183 9.74 -12.06 26.39
CA ILE F 183 10.76 -11.60 25.44
C ILE F 183 11.88 -12.61 25.28
N VAL F 184 12.27 -13.28 26.37
CA VAL F 184 13.25 -14.37 26.24
C VAL F 184 12.68 -15.43 25.28
N TYR F 185 11.39 -15.72 25.39
CA TYR F 185 10.71 -16.61 24.45
C TYR F 185 10.86 -16.11 23.01
N ASP F 186 10.63 -14.83 22.80
CA ASP F 186 10.69 -14.26 21.46
C ASP F 186 12.08 -14.34 20.83
N VAL F 187 13.11 -14.41 21.67
CA VAL F 187 14.50 -14.46 21.15
C VAL F 187 15.17 -15.83 21.33
N THR F 188 14.37 -16.84 21.68
CA THR F 188 14.84 -18.21 21.80
C THR F 188 13.90 -19.20 21.08
N HIS F 189 12.66 -18.76 20.81
CA HIS F 189 11.52 -19.63 20.41
C HIS F 189 11.61 -20.98 21.06
N ASP F 190 11.77 -20.92 22.37
CA ASP F 190 11.86 -22.07 23.23
C ASP F 190 10.69 -21.95 24.21
N LYS F 191 9.71 -22.84 24.06
CA LYS F 191 8.46 -22.76 24.81
C LYS F 191 8.60 -22.84 26.34
N LYS F 192 9.72 -23.34 26.85
CA LYS F 192 9.91 -23.41 28.32
C LYS F 192 9.69 -22.04 29.01
N TRP F 193 10.04 -20.96 28.32
CA TRP F 193 9.85 -19.62 28.88
C TRP F 193 8.37 -19.26 28.93
N LEU F 194 7.64 -19.69 27.92
CA LEU F 194 6.21 -19.43 27.88
C LEU F 194 5.46 -20.33 28.86
N ASP F 195 5.93 -21.57 29.02
CA ASP F 195 5.36 -22.51 29.99
C ASP F 195 5.45 -21.92 31.39
N ARG F 196 6.60 -21.35 31.69
CA ARG F 196 6.85 -20.76 33.00
C ARG F 196 5.96 -19.55 33.22
N ALA F 197 5.87 -18.71 32.20
CA ALA F 197 5.01 -17.50 32.26
C ALA F 197 3.55 -17.90 32.52
N LEU F 198 3.05 -18.89 31.77
CA LEU F 198 1.68 -19.35 31.94
C LEU F 198 1.45 -19.87 33.36
N ARG F 199 2.44 -20.63 33.88
CA ARG F 199 2.34 -21.20 35.21
C ARG F 199 2.25 -20.09 36.28
N ILE F 200 3.14 -19.11 36.16
CA ILE F 200 3.14 -18.00 37.11
C ILE F 200 1.78 -17.29 37.10
N ALA F 201 1.27 -16.97 35.91
CA ALA F 201 -0.02 -16.29 35.83
C ALA F 201 -1.16 -17.17 36.35
N SER F 202 -1.07 -18.48 36.14
CA SER F 202 -2.14 -19.37 36.62
C SER F 202 -2.24 -19.32 38.14
N VAL F 203 -1.12 -19.12 38.82
CA VAL F 203 -1.11 -19.12 40.28
C VAL F 203 -1.53 -17.76 40.82
N ILE F 204 -0.84 -16.71 40.39
CA ILE F 204 -1.07 -15.39 40.95
C ILE F 204 -2.42 -14.81 40.53
N ILE F 205 -2.82 -15.06 39.28
CA ILE F 205 -4.04 -14.47 38.77
C ILE F 205 -5.20 -15.46 38.73
N HIS F 206 -5.04 -16.56 38.00
CA HIS F 206 -6.17 -17.47 37.81
C HIS F 206 -6.65 -18.11 39.11
N ASP F 207 -5.71 -18.42 39.99
CA ASP F 207 -6.06 -18.92 41.31
CA ASP F 207 -6.08 -18.92 41.31
C ASP F 207 -6.39 -17.76 42.27
N VAL F 208 -5.34 -17.13 42.80
CA VAL F 208 -5.50 -16.20 43.89
C VAL F 208 -6.33 -14.94 43.54
N ALA F 209 -5.93 -14.20 42.49
CA ALA F 209 -6.61 -12.95 42.18
C ALA F 209 -8.08 -13.15 41.78
N ARG F 210 -8.32 -14.12 40.91
CA ARG F 210 -9.66 -14.43 40.41
C ARG F 210 -10.62 -14.73 41.56
N ASN F 211 -10.12 -15.39 42.60
CA ASN F 211 -10.95 -15.77 43.72
C ASN F 211 -11.15 -14.68 44.77
N GLY F 212 -10.49 -13.54 44.56
CA GLY F 212 -10.68 -12.36 45.41
C GLY F 212 -11.13 -11.13 44.63
N ASP F 213 -12.13 -11.31 43.75
CA ASP F 213 -12.72 -10.20 42.99
C ASP F 213 -11.67 -9.50 42.11
N TYR F 214 -10.67 -10.26 41.68
CA TYR F 214 -9.58 -9.78 40.83
C TYR F 214 -8.66 -8.73 41.47
N ARG F 215 -8.66 -8.70 42.80
CA ARG F 215 -7.70 -7.92 43.55
C ARG F 215 -6.45 -8.78 43.71
N VAL F 216 -5.36 -8.38 43.08
CA VAL F 216 -4.14 -9.20 43.10
C VAL F 216 -3.48 -9.15 44.46
N ASN F 217 -3.27 -10.33 45.05
CA ASN F 217 -2.45 -10.46 46.24
C ASN F 217 -0.98 -10.52 45.84
N GLU F 218 -0.17 -9.66 46.45
CA GLU F 218 1.24 -9.53 46.09
C GLU F 218 2.20 -10.20 47.07
N HIS F 219 1.80 -10.29 48.34
CA HIS F 219 2.71 -10.72 49.41
C HIS F 219 2.32 -12.11 49.89
N PHE F 220 3.30 -13.01 49.84
CA PHE F 220 3.08 -14.41 50.18
C PHE F 220 4.19 -14.89 51.11
N ASP F 221 3.92 -15.93 51.88
CA ASP F 221 4.99 -16.62 52.59
C ASP F 221 5.74 -17.57 51.66
N SER F 222 6.71 -18.31 52.20
CA SER F 222 7.48 -19.26 51.39
C SER F 222 6.68 -20.46 50.89
N GLN F 223 5.46 -20.62 51.40
CA GLN F 223 4.56 -21.69 50.96
C GLN F 223 3.51 -21.16 49.99
N TRP F 224 3.66 -19.90 49.56
CA TRP F 224 2.70 -19.26 48.66
C TRP F 224 1.30 -19.10 49.27
N ASN F 225 1.26 -18.91 50.58
CA ASN F 225 0.04 -18.47 51.25
C ASN F 225 0.07 -16.96 51.39
N PRO F 226 -1.03 -16.27 51.02
CA PRO F 226 -1.05 -14.83 51.17
C PRO F 226 -0.74 -14.33 52.58
N ILE F 227 0.01 -13.24 52.66
CA ILE F 227 0.19 -12.46 53.88
C ILE F 227 -0.58 -11.16 53.67
N ARG F 228 -1.85 -11.19 54.07
CA ARG F 228 -2.76 -10.09 53.76
C ARG F 228 -2.37 -8.75 54.40
N ASP F 229 -1.74 -8.78 55.56
CA ASP F 229 -1.41 -7.55 56.29
C ASP F 229 0.05 -7.09 56.10
N TYR F 230 0.74 -7.65 55.11
CA TYR F 230 2.13 -7.27 54.85
C TYR F 230 2.28 -5.75 54.61
N ASN F 231 3.27 -5.16 55.28
CA ASN F 231 3.57 -3.71 55.17
C ASN F 231 2.42 -2.78 55.57
N LYS F 232 1.56 -3.26 56.48
CA LYS F 232 0.51 -2.43 57.08
C LYS F 232 1.05 -1.11 57.64
N ASP F 233 2.27 -1.17 58.18
CA ASP F 233 2.93 -0.01 58.80
CA ASP F 233 2.89 0.02 58.79
C ASP F 233 3.71 0.82 57.80
N ASN F 234 3.88 0.30 56.59
CA ASN F 234 4.59 1.01 55.53
C ASN F 234 3.75 0.97 54.24
N PRO F 235 2.52 1.52 54.30
CA PRO F 235 1.57 1.29 53.20
C PRO F 235 1.98 1.85 51.84
N ALA F 236 2.74 2.95 51.85
CA ALA F 236 3.09 3.64 50.60
C ALA F 236 4.44 3.15 50.02
N HIS F 237 4.83 1.93 50.34
CA HIS F 237 6.11 1.38 49.86
C HIS F 237 6.10 1.37 48.33
N ARG F 238 7.23 1.70 47.71
CA ARG F 238 7.32 1.83 46.25
C ARG F 238 7.19 0.53 45.47
N PHE F 239 7.51 -0.60 46.12
CA PHE F 239 7.48 -1.90 45.43
C PHE F 239 6.63 -2.94 46.11
N ARG F 240 6.38 -2.75 47.41
CA ARG F 240 5.57 -3.71 48.18
C ARG F 240 4.50 -2.97 49.01
N ALA F 241 3.58 -2.28 48.34
CA ALA F 241 2.58 -1.51 49.05
C ALA F 241 1.63 -2.44 49.81
N TYR F 242 1.11 -1.97 50.94
CA TYR F 242 0.09 -2.71 51.66
C TYR F 242 -1.15 -2.88 50.79
N GLY F 243 -1.79 -4.04 50.89
CA GLY F 243 -3.05 -4.29 50.19
C GLY F 243 -2.84 -4.50 48.71
N GLY F 244 -3.77 -3.97 47.91
CA GLY F 244 -3.74 -4.15 46.47
C GLY F 244 -3.24 -2.90 45.78
N THR F 245 -2.41 -3.10 44.75
CA THR F 245 -1.89 -2.02 43.91
C THR F 245 -2.52 -2.15 42.52
N PRO F 246 -3.67 -1.46 42.29
CA PRO F 246 -4.43 -1.66 41.05
C PRO F 246 -3.66 -1.47 39.74
N GLY F 247 -2.69 -0.55 39.71
CA GLY F 247 -1.83 -0.41 38.55
C GLY F 247 -1.21 -1.74 38.15
N ALA F 248 -0.80 -2.53 39.14
CA ALA F 248 -0.26 -3.88 38.88
C ALA F 248 -1.31 -4.88 38.33
N TRP F 249 -2.57 -4.76 38.78
CA TRP F 249 -3.64 -5.65 38.28
C TRP F 249 -3.78 -5.45 36.78
N ILE F 250 -3.83 -4.20 36.36
CA ILE F 250 -4.09 -3.90 34.96
C ILE F 250 -2.87 -4.25 34.09
N GLU F 251 -1.66 -4.07 34.63
CA GLU F 251 -0.44 -4.51 33.97
C GLU F 251 -0.40 -6.04 33.78
N TRP F 252 -0.76 -6.79 34.81
CA TRP F 252 -0.96 -8.23 34.66
C TRP F 252 -1.88 -8.53 33.47
N GLY F 253 -2.95 -7.76 33.33
CA GLY F 253 -3.92 -8.00 32.24
C GLY F 253 -3.26 -7.98 30.87
N ARG F 254 -2.46 -6.94 30.59
CA ARG F 254 -1.79 -6.84 29.30
C ARG F 254 -0.82 -8.02 29.09
N LEU F 255 -0.04 -8.33 30.12
CA LEU F 255 0.94 -9.41 30.02
C LEU F 255 0.27 -10.74 29.65
N MET F 256 -0.86 -11.03 30.28
CA MET F 256 -1.61 -12.24 29.91
C MET F 256 -2.10 -12.25 28.46
N LEU F 257 -2.35 -11.06 27.90
CA LEU F 257 -2.75 -10.98 26.48
C LEU F 257 -1.58 -11.13 25.50
N HIS F 258 -0.39 -10.67 25.89
CA HIS F 258 0.83 -11.01 25.15
C HIS F 258 1.05 -12.53 25.15
N LEU F 259 0.77 -13.18 26.28
CA LEU F 259 0.88 -14.64 26.41
C LEU F 259 -0.14 -15.30 25.47
N HIS F 260 -1.39 -14.83 25.50
CA HIS F 260 -2.46 -15.29 24.58
C HIS F 260 -1.98 -15.25 23.13
N ALA F 261 -1.43 -14.10 22.75
CA ALA F 261 -1.05 -13.85 21.36
C ALA F 261 0.14 -14.72 20.95
N ALA F 262 1.08 -14.94 21.88
CA ALA F 262 2.22 -15.84 21.65
C ALA F 262 1.78 -17.25 21.32
N LEU F 263 0.79 -17.75 22.06
CA LEU F 263 0.24 -19.08 21.78
C LEU F 263 -0.46 -19.14 20.42
N GLU F 264 -1.29 -18.14 20.12
CA GLU F 264 -1.92 -18.05 18.81
C GLU F 264 -0.89 -18.07 17.67
N ALA F 265 0.26 -17.42 17.89
CA ALA F 265 1.25 -17.20 16.84
C ALA F 265 1.86 -18.52 16.37
N ARG F 266 1.85 -19.52 17.23
CA ARG F 266 2.30 -20.86 16.81
C ARG F 266 1.14 -21.84 16.68
N PHE F 267 -0.06 -21.32 16.37
CA PHE F 267 -1.22 -22.14 16.04
C PHE F 267 -1.68 -23.03 17.17
N GLU F 268 -1.50 -22.53 18.39
CA GLU F 268 -1.99 -23.21 19.57
C GLU F 268 -3.15 -22.41 20.12
N THR F 269 -4.24 -23.07 20.47
CA THR F 269 -5.39 -22.36 21.03
C THR F 269 -5.07 -21.95 22.47
N PRO F 270 -5.08 -20.62 22.77
CA PRO F 270 -4.74 -20.24 24.13
C PRO F 270 -5.86 -20.58 25.10
N PRO F 271 -5.53 -20.90 26.36
CA PRO F 271 -6.60 -21.17 27.33
C PRO F 271 -7.51 -19.95 27.46
N ALA F 272 -8.82 -20.18 27.58
CA ALA F 272 -9.80 -19.11 27.65
C ALA F 272 -9.59 -18.14 28.81
N TRP F 273 -9.00 -18.62 29.91
CA TRP F 273 -8.85 -17.79 31.10
C TRP F 273 -7.90 -16.59 30.96
N LEU F 274 -6.96 -16.65 30.02
CA LEU F 274 -6.07 -15.48 29.82
C LEU F 274 -6.88 -14.23 29.50
N LEU F 275 -7.79 -14.37 28.54
CA LEU F 275 -8.65 -13.24 28.17
C LEU F 275 -9.74 -12.94 29.22
N GLU F 276 -10.39 -13.96 29.77
CA GLU F 276 -11.37 -13.75 30.83
C GLU F 276 -10.72 -12.99 31.99
N ASP F 277 -9.57 -13.45 32.44
CA ASP F 277 -8.91 -12.84 33.58
C ASP F 277 -8.33 -11.45 33.30
N ALA F 278 -7.86 -11.21 32.08
CA ALA F 278 -7.43 -9.88 31.69
C ALA F 278 -8.61 -8.89 31.77
N LYS F 279 -9.77 -9.30 31.26
CA LYS F 279 -10.99 -8.50 31.40
C LYS F 279 -11.32 -8.27 32.87
N GLY F 280 -11.29 -9.35 33.67
CA GLY F 280 -11.59 -9.25 35.11
C GLY F 280 -10.70 -8.22 35.79
N LEU F 281 -9.40 -8.29 35.51
CA LEU F 281 -8.41 -7.38 36.08
C LEU F 281 -8.64 -5.94 35.66
N PHE F 282 -8.89 -5.73 34.38
CA PHE F 282 -9.12 -4.39 33.84
C PHE F 282 -10.32 -3.74 34.55
N HIS F 283 -11.44 -4.46 34.61
CA HIS F 283 -12.66 -3.92 35.20
C HIS F 283 -12.57 -3.74 36.71
N ALA F 284 -11.82 -4.60 37.39
CA ALA F 284 -11.56 -4.47 38.83
C ALA F 284 -10.74 -3.21 39.13
N THR F 285 -9.76 -2.95 38.26
CA THR F 285 -8.93 -1.77 38.40
C THR F 285 -9.77 -0.49 38.33
N ILE F 286 -10.65 -0.40 37.33
CA ILE F 286 -11.56 0.74 37.20
C ILE F 286 -12.53 0.80 38.37
N ARG F 287 -13.08 -0.36 38.73
CA ARG F 287 -14.01 -0.50 39.86
C ARG F 287 -13.46 0.14 41.14
N ASP F 288 -12.26 -0.27 41.54
CA ASP F 288 -11.69 0.15 42.84
C ASP F 288 -10.84 1.42 42.78
N ALA F 289 -10.23 1.67 41.63
CA ALA F 289 -9.13 2.63 41.59
C ALA F 289 -9.34 3.85 40.70
N TRP F 290 -10.27 3.76 39.75
CA TRP F 290 -10.52 4.94 38.90
C TRP F 290 -11.46 5.92 39.59
N ALA F 291 -10.97 7.15 39.78
CA ALA F 291 -11.77 8.24 40.36
C ALA F 291 -12.65 7.78 41.54
N PRO F 292 -12.04 7.16 42.57
CA PRO F 292 -12.89 6.60 43.63
C PRO F 292 -13.26 7.63 44.72
N ASP F 293 -12.65 8.80 44.64
CA ASP F 293 -12.62 9.77 45.74
C ASP F 293 -12.96 11.18 45.30
N GLY F 294 -13.74 11.31 44.22
CA GLY F 294 -14.24 12.61 43.77
C GLY F 294 -13.39 13.42 42.82
N ALA F 295 -12.34 12.80 42.28
CA ALA F 295 -11.50 13.43 41.26
C ALA F 295 -10.95 12.36 40.32
N ASP F 296 -10.63 12.72 39.08
CA ASP F 296 -10.13 11.74 38.12
C ASP F 296 -8.76 11.18 38.53
N GLY F 297 -8.38 10.06 37.92
CA GLY F 297 -7.08 9.44 38.15
C GLY F 297 -7.18 8.10 38.85
N PHE F 298 -6.10 7.34 38.79
CA PHE F 298 -6.02 6.05 39.44
C PHE F 298 -5.26 6.20 40.73
N VAL F 299 -5.87 5.74 41.82
CA VAL F 299 -5.18 5.73 43.12
C VAL F 299 -4.08 4.68 43.10
N TYR F 300 -3.21 4.78 44.10
CA TYR F 300 -2.07 3.87 44.18
C TYR F 300 -2.40 2.52 44.80
N SER F 301 -3.11 2.52 45.94
CA SER F 301 -3.39 1.26 46.62
C SER F 301 -4.79 1.24 47.22
N VAL F 302 -5.31 0.04 47.40
CA VAL F 302 -6.62 -0.15 48.02
C VAL F 302 -6.55 -1.27 49.02
N ASP F 303 -7.47 -1.28 49.98
CA ASP F 303 -7.52 -2.41 50.91
C ASP F 303 -8.29 -3.58 50.31
N TRP F 304 -8.42 -4.66 51.08
CA TRP F 304 -9.02 -5.88 50.55
C TRP F 304 -10.51 -5.80 50.30
N ASP F 305 -11.10 -4.69 50.75
CA ASP F 305 -12.51 -4.39 50.49
CA ASP F 305 -12.52 -4.39 50.48
C ASP F 305 -12.63 -3.38 49.33
N GLY F 306 -11.48 -2.99 48.78
CA GLY F 306 -11.44 -2.06 47.65
C GLY F 306 -11.44 -0.59 48.00
N LYS F 307 -11.37 -0.27 49.28
CA LYS F 307 -11.31 1.12 49.72
C LYS F 307 -9.90 1.69 49.52
N PRO F 308 -9.79 2.93 48.96
CA PRO F 308 -8.45 3.48 48.74
C PRO F 308 -7.64 3.65 50.03
N ILE F 309 -6.32 3.43 49.94
CA ILE F 309 -5.43 3.69 51.06
C ILE F 309 -4.55 4.85 50.62
N VAL F 310 -3.58 4.57 49.74
CA VAL F 310 -2.72 5.61 49.18
C VAL F 310 -3.40 6.18 47.93
N ARG F 311 -3.83 7.44 48.03
CA ARG F 311 -4.69 8.07 47.01
C ARG F 311 -3.91 8.87 45.96
N GLU F 312 -2.61 9.02 46.17
CA GLU F 312 -1.75 9.66 45.16
C GLU F 312 -1.89 8.96 43.80
N ARG F 313 -1.85 9.77 42.75
CA ARG F 313 -1.86 9.25 41.38
C ARG F 313 -0.42 9.21 40.90
N VAL F 314 0.16 8.02 40.97
CA VAL F 314 1.49 7.77 40.42
C VAL F 314 1.38 7.60 38.88
N ARG F 315 2.46 7.89 38.15
CA ARG F 315 2.35 7.90 36.71
C ARG F 315 2.10 6.51 36.10
N TRP F 316 2.86 5.52 36.54
CA TRP F 316 2.82 4.20 35.86
C TRP F 316 1.44 3.47 35.84
N PRO F 317 0.62 3.55 36.93
CA PRO F 317 -0.68 2.88 36.84
C PRO F 317 -1.53 3.29 35.64
N ILE F 318 -1.65 4.60 35.39
CA ILE F 318 -2.51 5.02 34.27
C ILE F 318 -1.86 4.69 32.92
N VAL F 319 -0.54 4.77 32.86
CA VAL F 319 0.20 4.39 31.66
C VAL F 319 -0.03 2.90 31.30
N GLU F 320 0.06 2.06 32.32
CA GLU F 320 -0.24 0.63 32.14
C GLU F 320 -1.70 0.39 31.76
N ALA F 321 -2.61 1.17 32.35
CA ALA F 321 -4.05 1.10 32.03
C ALA F 321 -4.25 1.32 30.52
N MET F 322 -3.56 2.32 29.98
CA MET F 322 -3.66 2.66 28.58
C MET F 322 -3.18 1.51 27.70
N GLY F 323 -2.05 0.90 28.09
CA GLY F 323 -1.50 -0.24 27.33
C GLY F 323 -2.47 -1.41 27.33
N THR F 324 -3.10 -1.66 28.48
CA THR F 324 -4.06 -2.77 28.62
C THR F 324 -5.34 -2.51 27.83
N ALA F 325 -5.77 -1.26 27.83
CA ALA F 325 -6.95 -0.87 27.03
C ALA F 325 -6.67 -1.22 25.56
N TYR F 326 -5.48 -0.89 25.07
CA TYR F 326 -5.11 -1.27 23.71
C TYR F 326 -5.12 -2.80 23.49
N ALA F 327 -4.51 -3.55 24.40
CA ALA F 327 -4.46 -5.01 24.26
C ALA F 327 -5.89 -5.59 24.27
N LEU F 328 -6.72 -5.09 25.18
CA LEU F 328 -8.12 -5.58 25.23
C LEU F 328 -8.95 -5.19 24.01
N TYR F 329 -8.78 -3.96 23.52
CA TYR F 329 -9.43 -3.57 22.29
C TYR F 329 -9.03 -4.51 21.12
N THR F 330 -7.75 -4.82 21.07
CA THR F 330 -7.20 -5.65 20.01
C THR F 330 -7.84 -7.05 20.02
N LEU F 331 -8.03 -7.62 21.21
CA LEU F 331 -8.61 -8.97 21.34
C LEU F 331 -10.11 -9.00 21.20
N THR F 332 -10.79 -7.95 21.66
CA THR F 332 -12.25 -8.00 21.81
C THR F 332 -13.02 -7.20 20.75
N ASP F 333 -12.35 -6.23 20.13
CA ASP F 333 -12.95 -5.25 19.21
CA ASP F 333 -12.96 -5.28 19.20
C ASP F 333 -14.05 -4.42 19.86
N ASP F 334 -14.06 -4.40 21.18
CA ASP F 334 -15.00 -3.64 21.98
C ASP F 334 -14.46 -2.23 22.17
N SER F 335 -15.16 -1.25 21.62
CA SER F 335 -14.63 0.14 21.62
C SER F 335 -14.65 0.79 22.99
N GLN F 336 -15.32 0.20 23.99
CA GLN F 336 -15.27 0.81 25.32
C GLN F 336 -13.82 0.94 25.79
N TYR F 337 -12.97 0.00 25.37
CA TYR F 337 -11.54 0.07 25.70
C TYR F 337 -10.85 1.25 25.02
N GLU F 338 -11.24 1.54 23.78
CA GLU F 338 -10.70 2.70 23.08
C GLU F 338 -11.19 4.00 23.74
N GLU F 339 -12.45 4.03 24.18
CA GLU F 339 -12.95 5.17 24.93
C GLU F 339 -12.14 5.48 26.18
N TRP F 340 -11.81 4.44 26.95
CA TRP F 340 -10.98 4.62 28.14
C TRP F 340 -9.59 5.14 27.77
N TYR F 341 -9.00 4.54 26.75
CA TYR F 341 -7.69 4.94 26.24
C TYR F 341 -7.67 6.44 25.92
N GLN F 342 -8.72 6.92 25.25
CA GLN F 342 -8.82 8.33 24.88
C GLN F 342 -9.02 9.22 26.11
N LYS F 343 -9.93 8.82 27.00
CA LYS F 343 -10.15 9.55 28.24
C LYS F 343 -8.83 9.67 29.02
N TRP F 344 -8.10 8.56 29.11
CA TRP F 344 -6.83 8.54 29.84
C TRP F 344 -5.77 9.42 29.16
N TRP F 345 -5.70 9.37 27.83
CA TRP F 345 -4.80 10.28 27.12
C TRP F 345 -5.08 11.75 27.44
N ASP F 346 -6.36 12.11 27.40
CA ASP F 346 -6.74 13.48 27.75
C ASP F 346 -6.27 13.84 29.17
N TYR F 347 -6.42 12.90 30.09
CA TYR F 347 -6.01 13.13 31.47
C TYR F 347 -4.49 13.31 31.52
N CYS F 348 -3.76 12.46 30.79
CA CYS F 348 -2.31 12.52 30.80
C CYS F 348 -1.77 13.87 30.32
N ILE F 349 -2.32 14.40 29.23
CA ILE F 349 -1.79 15.66 28.71
C ILE F 349 -2.16 16.82 29.63
N LYS F 350 -3.33 16.69 30.27
CA LYS F 350 -3.82 17.72 31.19
C LYS F 350 -2.97 17.79 32.46
N TYR F 351 -2.60 16.63 33.02
CA TYR F 351 -2.02 16.58 34.38
C TYR F 351 -0.60 16.04 34.49
N LEU F 352 -0.23 15.15 33.59
CA LEU F 352 1.06 14.43 33.74
C LEU F 352 2.17 14.87 32.79
N MET F 353 1.82 15.15 31.54
CA MET F 353 2.87 15.49 30.57
C MET F 353 3.51 16.80 30.98
N ASP F 354 4.84 16.83 30.92
CA ASP F 354 5.58 18.00 31.35
C ASP F 354 6.44 18.52 30.20
N TYR F 355 5.85 19.38 29.38
CA TYR F 355 6.58 19.93 28.24
C TYR F 355 7.64 20.94 28.65
N GLU F 356 7.46 21.56 29.81
CA GLU F 356 8.40 22.59 30.26
CA GLU F 356 8.39 22.60 30.30
C GLU F 356 9.72 22.02 30.76
N ASN F 357 9.67 20.98 31.57
CA ASN F 357 10.90 20.42 32.15
C ASN F 357 11.37 19.15 31.47
N GLY F 358 10.45 18.48 30.79
CA GLY F 358 10.76 17.23 30.13
C GLY F 358 9.98 16.07 30.72
N SER F 359 9.81 15.03 29.91
CA SER F 359 9.16 13.79 30.33
C SER F 359 7.75 14.08 30.90
N TRP F 360 7.35 13.31 31.91
CA TRP F 360 6.04 13.46 32.56
C TRP F 360 6.31 13.54 34.06
N TRP F 361 5.41 14.22 34.78
CA TRP F 361 5.42 14.11 36.24
C TRP F 361 5.30 12.66 36.70
N GLN F 362 5.91 12.36 37.84
CA GLN F 362 5.89 10.99 38.38
C GLN F 362 4.71 10.72 39.29
N GLU F 363 4.20 11.77 39.95
CA GLU F 363 3.25 11.58 41.01
C GLU F 363 2.44 12.85 41.25
N LEU F 364 1.14 12.67 41.44
CA LEU F 364 0.22 13.74 41.77
C LEU F 364 -0.52 13.44 43.06
N ASP F 365 -0.95 14.49 43.75
CA ASP F 365 -1.82 14.29 44.92
C ASP F 365 -3.25 13.91 44.48
N ALA F 366 -4.16 13.75 45.45
CA ALA F 366 -5.52 13.27 45.15
C ALA F 366 -6.37 14.29 44.38
N ASP F 367 -5.84 15.51 44.24
CA ASP F 367 -6.46 16.56 43.44
C ASP F 367 -5.72 16.79 42.14
N ASN F 368 -4.87 15.83 41.77
CA ASN F 368 -4.13 15.83 40.49
C ASN F 368 -3.15 17.00 40.36
N LYS F 369 -2.64 17.47 41.49
CA LYS F 369 -1.55 18.46 41.52
C LYS F 369 -0.24 17.77 41.87
N VAL F 370 0.84 18.18 41.21
CA VAL F 370 2.13 17.50 41.38
C VAL F 370 2.50 17.43 42.86
N THR F 371 2.95 16.26 43.32
CA THR F 371 3.35 16.07 44.70
C THR F 371 4.59 15.20 44.78
N THR F 372 5.20 15.16 45.96
CA THR F 372 6.26 14.21 46.26
C THR F 372 5.85 13.45 47.53
N LYS F 373 5.59 12.16 47.38
CA LYS F 373 5.24 11.32 48.53
C LYS F 373 5.77 9.91 48.36
N VAL F 374 5.20 9.17 47.41
CA VAL F 374 5.61 7.79 47.15
C VAL F 374 6.99 7.74 46.50
N TRP F 375 7.22 8.69 45.59
CA TRP F 375 8.43 8.73 44.75
C TRP F 375 9.21 10.04 44.87
N ASP F 376 10.25 10.16 44.07
CA ASP F 376 11.19 11.26 44.18
C ASP F 376 11.88 11.46 42.84
N GLY F 377 11.27 12.23 41.94
CA GLY F 377 11.92 12.53 40.67
C GLY F 377 11.26 11.81 39.50
N LYS F 378 11.97 11.77 38.37
CA LYS F 378 11.43 11.23 37.11
C LYS F 378 12.36 10.12 36.60
N GLN F 379 12.59 9.12 37.44
CA GLN F 379 13.65 8.15 37.20
C GLN F 379 13.32 7.09 36.13
N ASP F 380 12.06 7.05 35.68
CA ASP F 380 11.67 6.02 34.72
C ASP F 380 11.18 6.59 33.41
N ILE F 381 11.59 5.98 32.30
CA ILE F 381 10.87 6.19 31.04
C ILE F 381 10.39 4.87 30.45
N TYR F 382 10.85 3.75 31.01
CA TYR F 382 10.46 2.41 30.50
C TYR F 382 8.92 2.18 30.40
N HIS F 383 8.15 2.56 31.42
CA HIS F 383 6.70 2.28 31.38
C HIS F 383 6.05 3.01 30.22
N LEU F 384 6.61 4.16 29.85
CA LEU F 384 5.97 5.01 28.86
C LEU F 384 5.86 4.36 27.47
N LEU F 385 6.78 3.43 27.17
CA LEU F 385 6.69 2.72 25.89
C LEU F 385 5.40 1.90 25.80
N HIS F 386 4.80 1.61 26.96
CA HIS F 386 3.59 0.80 26.99
C HIS F 386 2.34 1.55 26.57
N CYS F 387 2.38 2.89 26.64
CA CYS F 387 1.30 3.69 26.05
C CYS F 387 1.68 4.42 24.76
N LEU F 388 2.99 4.45 24.45
CA LEU F 388 3.49 5.15 23.27
C LEU F 388 3.86 4.27 22.08
N VAL F 389 4.40 3.07 22.36
CA VAL F 389 4.87 2.17 21.30
C VAL F 389 3.98 0.94 21.18
N ILE F 390 3.62 0.36 22.32
CA ILE F 390 2.73 -0.81 22.32
C ILE F 390 1.46 -0.62 21.43
N PRO F 391 0.78 0.55 21.52
CA PRO F 391 -0.40 0.69 20.65
C PRO F 391 -0.13 0.75 19.13
N ARG F 392 1.16 0.70 18.74
CA ARG F 392 1.54 0.73 17.34
C ARG F 392 1.95 -0.67 16.83
N LEU F 393 1.87 -1.66 17.71
CA LEU F 393 2.35 -3.00 17.41
C LEU F 393 1.32 -4.10 17.64
N PRO F 394 1.49 -5.24 16.95
CA PRO F 394 0.72 -6.44 17.33
C PRO F 394 1.13 -6.85 18.75
N LEU F 395 0.38 -7.76 19.35
CA LEU F 395 0.70 -8.26 20.68
C LEU F 395 1.74 -9.37 20.69
N ALA F 396 1.99 -10.00 19.53
CA ALA F 396 3.09 -10.96 19.34
C ALA F 396 3.83 -10.61 18.04
N PRO F 397 5.18 -10.67 18.05
CA PRO F 397 6.02 -10.90 19.24
C PRO F 397 5.97 -9.64 20.10
N GLY F 398 6.68 -9.66 21.22
CA GLY F 398 6.66 -8.58 22.19
C GLY F 398 7.32 -7.29 21.71
N LEU F 399 7.30 -6.27 22.57
CA LEU F 399 7.71 -4.91 22.22
C LEU F 399 9.01 -4.81 21.41
N ALA F 400 10.14 -5.15 22.02
CA ALA F 400 11.42 -4.91 21.30
C ALA F 400 11.55 -5.81 20.05
N PRO F 401 11.23 -7.11 20.17
CA PRO F 401 11.22 -7.96 18.95
C PRO F 401 10.34 -7.42 17.83
N ALA F 402 9.14 -6.92 18.14
CA ALA F 402 8.25 -6.43 17.10
C ALA F 402 8.79 -5.17 16.42
N VAL F 403 9.36 -4.26 17.21
CA VAL F 403 9.92 -3.05 16.61
C VAL F 403 11.07 -3.46 15.67
N ALA F 404 11.93 -4.35 16.15
CA ALA F 404 13.06 -4.87 15.35
C ALA F 404 12.58 -5.52 14.05
N ALA F 405 11.42 -6.15 14.10
CA ALA F 405 10.86 -6.87 12.97
C ALA F 405 10.27 -5.92 11.92
N GLY F 406 10.13 -4.65 12.28
CA GLY F 406 9.57 -3.66 11.35
C GLY F 406 8.05 -3.60 11.41
N LEU F 407 7.48 -3.99 12.55
CA LEU F 407 6.02 -4.08 12.68
C LEU F 407 5.34 -2.78 13.14
N LEU F 408 6.13 -1.74 13.40
CA LEU F 408 5.49 -0.45 13.76
C LEU F 408 4.45 -0.05 12.71
N ASP F 409 3.24 0.27 13.17
CA ASP F 409 2.11 0.71 12.35
C ASP F 409 1.56 -0.32 11.35
N ILE F 410 1.93 -1.58 11.52
CA ILE F 410 1.51 -2.65 10.59
C ILE F 410 -0.01 -2.73 10.47
N ASN F 411 -0.72 -2.53 11.60
CA ASN F 411 -2.18 -2.60 11.61
C ASN F 411 -2.87 -1.30 11.26
N ALA F 412 -2.10 -0.28 10.89
CA ALA F 412 -2.70 1.02 10.58
C ALA F 412 -2.99 1.20 9.08
N HIS F 418 -13.59 4.33 8.45
CA HIS F 418 -13.71 3.48 9.65
C HIS F 418 -14.78 3.95 10.65
N HIS F 419 -15.64 4.85 10.21
CA HIS F 419 -16.79 5.24 11.01
C HIS F 419 -17.99 4.30 10.83
N HIS F 420 -17.87 3.34 9.91
CA HIS F 420 -18.98 2.42 9.63
C HIS F 420 -18.46 1.09 9.10
N HIS F 421 -19.34 0.10 9.03
CA HIS F 421 -18.97 -1.23 8.54
C HIS F 421 -19.34 -1.43 7.08
C1 BMA G . -35.81 -15.07 -2.25
C2 BMA G . -37.25 -15.08 -1.74
C3 BMA G . -37.95 -16.36 -2.26
C4 BMA G . -37.86 -16.46 -3.78
C5 BMA G . -36.39 -16.27 -4.21
C6 BMA G . -36.24 -16.28 -5.74
O1 BMA G . -35.11 -13.91 -1.82
O2 BMA G . -37.94 -13.94 -2.21
O3 BMA G . -39.30 -16.39 -1.86
O4 BMA G . -38.35 -17.72 -4.18
O5 BMA G . -35.84 -15.08 -3.67
O6 BMA G . -34.88 -16.07 -6.08
C1 BMA H . 11.83 -37.00 -2.89
C2 BMA H . 12.79 -38.10 -2.44
C3 BMA H . 12.71 -39.29 -3.42
C4 BMA H . 11.28 -39.76 -3.63
C5 BMA H . 10.39 -38.56 -3.98
C6 BMA H . 8.93 -38.99 -4.09
O1 BMA H . 11.81 -35.93 -1.96
O2 BMA H . 12.40 -38.54 -1.15
O3 BMA H . 13.50 -40.37 -2.98
O4 BMA H . 11.24 -40.75 -4.63
O5 BMA H . 10.53 -37.57 -2.96
O6 BMA H . 8.14 -37.86 -4.32
C1 BMA I . -1.07 -0.55 -38.58
C2 BMA I . -0.79 0.16 -39.90
C3 BMA I . -1.52 -0.57 -41.03
C4 BMA I . -1.13 -2.06 -41.04
C5 BMA I . -1.35 -2.65 -39.64
C6 BMA I . -0.89 -4.09 -39.65
O1 BMA I . -0.38 0.07 -37.51
O2 BMA I . 0.59 0.13 -40.18
O3 BMA I . -1.17 -0.04 -42.30
O4 BMA I . -1.91 -2.78 -41.99
O5 BMA I . -0.64 -1.89 -38.67
O6 BMA I . -1.16 -4.67 -38.39
C1 BMA J . -14.87 35.02 6.51
C2 BMA J . -15.95 36.07 6.22
C3 BMA J . -15.51 37.43 6.77
C4 BMA J . -15.15 37.33 8.25
C5 BMA J . -14.13 36.19 8.46
C6 BMA J . -13.85 35.99 9.95
O1 BMA J . -15.28 33.74 6.06
O2 BMA J . -17.15 35.71 6.84
O3 BMA J . -16.52 38.41 6.56
O4 BMA J . -14.61 38.57 8.72
O5 BMA J . -14.59 34.97 7.90
O6 BMA J . -12.97 34.92 10.09
C1 BMA K . 34.11 18.61 -0.95
C2 BMA K . 35.50 18.82 -1.56
C3 BMA K . 36.36 19.68 -0.63
C4 BMA K . 35.65 20.97 -0.19
C5 BMA K . 34.25 20.63 0.33
C6 BMA K . 33.48 21.92 0.62
O1 BMA K . 33.28 17.87 -1.85
O2 BMA K . 35.35 19.48 -2.80
O3 BMA K . 37.61 20.01 -1.21
O4 BMA K . 36.41 21.62 0.80
O5 BMA K . 33.53 19.88 -0.63
O6 BMA K . 32.23 21.58 1.15
C1 BMA L . 5.54 -1.47 38.33
C2 BMA L . 5.50 -2.28 39.63
C3 BMA L . 5.64 -1.31 40.82
C4 BMA L . 6.91 -0.46 40.67
C5 BMA L . 6.96 0.20 39.30
C6 BMA L . 8.30 0.88 39.06
O1 BMA L . 5.46 -2.33 37.21
O2 BMA L . 6.53 -3.25 39.65
O3 BMA L . 5.70 -2.01 42.05
O4 BMA L . 6.97 0.53 41.70
O5 BMA L . 6.78 -0.76 38.27
O6 BMA L . 8.25 1.48 37.77
#